data_2BT4
#
_entry.id   2BT4
#
_cell.length_a   196.616
_cell.length_b   196.487
_cell.length_c   240.626
_cell.angle_alpha   65.91
_cell.angle_beta   65.91
_cell.angle_gamma   90.01
#
_symmetry.space_group_name_H-M   'P 1'
#
loop_
_entity.id
_entity.type
_entity.pdbx_description
1 polymer '3-DEHYDROQUINATE DEHYDRATASE'
2 non-polymer '(1S,3R,4R,5S)-1,3,4-TRIHYDROXY-5-(3-PHENOXYPROPYL)CYCLOHEXANECARBOXYLIC ACID'
3 non-polymer 'PHOSPHATE ION'
4 non-polymer 2-AMINO-2-HYDROXYMETHYL-PROPANE-1,3-DIOL
5 non-polymer GLYCEROL
6 water water
#
_entity_poly.entity_id   1
_entity_poly.type   'polypeptide(L)'
_entity_poly.pdbx_seq_one_letter_code
;MPRSLANAPIMILNGPNLNLLGQRQPEIYGSDTLADVEALCVKAAAAHGGTVDFRQSNHEGELVDWIHEARLNHCGIVIN
PAAYSHTSVAILDALNTCDGLPVVEVHISNIHQREPFRHHSYVSQRADGVVAGCGVQGYVFGVERIAALAGAGSARA
;
_entity_poly.pdbx_strand_id   A,B,C,D,E,F,G,H,I,J,K,L
#
loop_
_chem_comp.id
_chem_comp.type
_chem_comp.name
_chem_comp.formula
CA2 non-polymer '(1S,3R,4R,5S)-1,3,4-TRIHYDROXY-5-(3-PHENOXYPROPYL)CYCLOHEXANECARBOXYLIC ACID' 'C16 H22 O6'
GOL non-polymer GLYCEROL 'C3 H8 O3'
PO4 non-polymer 'PHOSPHATE ION' 'O4 P -3'
TRS non-polymer 2-AMINO-2-HYDROXYMETHYL-PROPANE-1,3-DIOL 'C4 H12 N O3 1'
#
# COMPACT_ATOMS: atom_id res chain seq x y z
N ARG A 3 -32.27 9.60 -29.18
CA ARG A 3 -33.42 8.69 -29.33
C ARG A 3 -34.34 8.74 -28.12
N SER A 4 -35.65 8.69 -28.38
CA SER A 4 -36.67 8.61 -27.32
C SER A 4 -37.11 7.17 -27.05
N LEU A 5 -37.81 6.97 -25.93
CA LEU A 5 -38.35 5.63 -25.66
C LEU A 5 -39.35 5.28 -26.73
N ALA A 6 -40.00 6.30 -27.25
CA ALA A 6 -41.03 6.04 -28.25
C ALA A 6 -40.38 5.47 -29.52
N ASN A 7 -39.16 5.87 -29.86
CA ASN A 7 -38.59 5.44 -31.12
C ASN A 7 -37.63 4.25 -31.12
N ALA A 8 -37.14 3.84 -29.98
CA ALA A 8 -36.14 2.75 -29.96
C ALA A 8 -36.18 2.05 -28.63
N PRO A 9 -35.87 0.76 -28.59
CA PRO A 9 -35.85 0.08 -27.32
C PRO A 9 -34.70 0.46 -26.39
N ILE A 10 -34.89 0.20 -25.12
CA ILE A 10 -33.81 0.27 -24.15
C ILE A 10 -33.07 -1.05 -24.26
N MET A 11 -31.75 -1.01 -24.36
CA MET A 11 -30.98 -2.23 -24.28
C MET A 11 -30.74 -2.60 -22.82
N ILE A 12 -31.06 -3.83 -22.48
CA ILE A 12 -30.79 -4.34 -21.12
C ILE A 12 -29.78 -5.44 -21.27
N LEU A 13 -28.55 -5.21 -20.80
CA LEU A 13 -27.45 -6.17 -20.96
C LEU A 13 -27.13 -6.87 -19.64
N ASN A 14 -26.94 -8.20 -19.66
CA ASN A 14 -26.64 -8.92 -18.46
C ASN A 14 -25.36 -9.69 -18.74
N GLY A 15 -24.42 -9.61 -17.81
CA GLY A 15 -23.19 -10.34 -17.95
C GLY A 15 -23.17 -11.74 -17.46
N PRO A 16 -21.97 -12.29 -17.28
CA PRO A 16 -21.77 -13.70 -17.07
C PRO A 16 -22.45 -14.25 -15.84
N ASN A 17 -22.91 -15.48 -15.97
CA ASN A 17 -23.52 -16.28 -14.95
C ASN A 17 -24.96 -15.88 -14.57
N LEU A 18 -25.43 -14.70 -15.02
CA LEU A 18 -26.78 -14.30 -14.66
C LEU A 18 -27.85 -15.19 -15.30
N ASN A 19 -27.50 -15.96 -16.33
CA ASN A 19 -28.46 -16.98 -16.85
C ASN A 19 -28.95 -17.90 -15.76
N LEU A 20 -28.17 -18.04 -14.69
CA LEU A 20 -28.50 -18.97 -13.61
C LEU A 20 -29.24 -18.32 -12.44
N LEU A 21 -29.58 -17.05 -12.57
CA LEU A 21 -30.22 -16.34 -11.51
C LEU A 21 -31.46 -17.09 -11.04
N GLY A 22 -31.59 -17.13 -9.72
CA GLY A 22 -32.72 -17.78 -9.07
C GLY A 22 -32.47 -19.22 -8.73
N GLN A 23 -31.43 -19.84 -9.26
CA GLN A 23 -31.20 -21.25 -8.96
C GLN A 23 -30.37 -21.50 -7.70
N ARG A 24 -29.89 -20.44 -7.09
CA ARG A 24 -29.19 -20.60 -5.85
C ARG A 24 -29.03 -19.24 -5.19
N GLN A 25 -28.53 -19.24 -3.97
CA GLN A 25 -28.32 -18.06 -3.13
C GLN A 25 -29.48 -17.06 -3.18
N PRO A 26 -30.69 -17.52 -2.94
CA PRO A 26 -31.86 -16.63 -2.94
C PRO A 26 -31.81 -15.55 -1.87
N GLU A 27 -31.09 -15.79 -0.78
CA GLU A 27 -31.02 -14.79 0.28
C GLU A 27 -30.27 -13.55 -0.20
N ILE A 28 -29.42 -13.75 -1.20
CA ILE A 28 -28.63 -12.65 -1.74
C ILE A 28 -29.29 -12.10 -3.00
N TYR A 29 -29.73 -12.99 -3.90
CA TYR A 29 -30.16 -12.52 -5.22
C TYR A 29 -31.64 -12.68 -5.52
N GLY A 30 -32.40 -13.30 -4.59
CA GLY A 30 -33.82 -13.54 -4.81
C GLY A 30 -34.08 -14.82 -5.58
N SER A 31 -35.37 -15.13 -5.79
CA SER A 31 -35.81 -16.41 -6.30
C SER A 31 -36.32 -16.26 -7.72
N ASP A 32 -36.32 -15.03 -8.20
CA ASP A 32 -36.69 -14.74 -9.57
C ASP A 32 -35.61 -15.23 -10.51
N THR A 33 -35.99 -15.66 -11.69
CA THR A 33 -35.07 -16.07 -12.71
C THR A 33 -34.74 -14.91 -13.61
N LEU A 34 -33.82 -15.11 -14.53
CA LEU A 34 -33.52 -14.05 -15.42
C LEU A 34 -34.71 -13.77 -16.35
N ALA A 35 -35.55 -14.77 -16.63
CA ALA A 35 -36.75 -14.60 -17.42
C ALA A 35 -37.72 -13.72 -16.67
N ASP A 36 -37.80 -13.90 -15.35
CA ASP A 36 -38.65 -13.03 -14.51
C ASP A 36 -38.14 -11.57 -14.53
N VAL A 37 -36.83 -11.42 -14.48
CA VAL A 37 -36.24 -10.07 -14.59
C VAL A 37 -36.59 -9.46 -15.96
N GLU A 38 -36.51 -10.23 -17.03
CA GLU A 38 -36.90 -9.69 -18.33
C GLU A 38 -38.34 -9.20 -18.29
N ALA A 39 -39.20 -10.00 -17.69
CA ALA A 39 -40.59 -9.64 -17.67
C ALA A 39 -40.80 -8.34 -16.90
N LEU A 40 -40.05 -8.18 -15.83
CA LEU A 40 -40.16 -6.94 -15.06
C LEU A 40 -39.68 -5.73 -15.86
N CYS A 41 -38.65 -5.90 -16.72
CA CYS A 41 -38.24 -4.82 -17.55
C CYS A 41 -39.28 -4.48 -18.65
N VAL A 42 -39.84 -5.50 -19.25
CA VAL A 42 -40.85 -5.30 -20.29
C VAL A 42 -41.95 -4.42 -19.69
N LYS A 43 -42.37 -4.81 -18.49
CA LYS A 43 -43.49 -4.14 -17.79
C LYS A 43 -43.11 -2.72 -17.49
N ALA A 44 -41.93 -2.49 -16.92
CA ALA A 44 -41.53 -1.15 -16.52
C ALA A 44 -41.42 -0.26 -17.72
N ALA A 45 -40.84 -0.76 -18.79
CA ALA A 45 -40.68 0.05 -19.99
C ALA A 45 -42.05 0.41 -20.58
N ALA A 46 -42.94 -0.56 -20.61
CA ALA A 46 -44.27 -0.34 -21.17
C ALA A 46 -45.03 0.74 -20.38
N ALA A 47 -44.85 0.75 -19.05
CA ALA A 47 -45.45 1.77 -18.21
C ALA A 47 -45.05 3.12 -18.56
N HIS A 48 -43.91 3.23 -19.24
CA HIS A 48 -43.32 4.52 -19.67
C HIS A 48 -43.33 4.73 -21.18
N GLY A 49 -44.12 3.94 -21.85
CA GLY A 49 -44.26 4.11 -23.29
C GLY A 49 -43.17 3.51 -24.15
N GLY A 50 -42.35 2.63 -23.59
CA GLY A 50 -41.19 2.10 -24.30
C GLY A 50 -41.17 0.56 -24.40
N THR A 51 -40.06 0.07 -24.93
CA THR A 51 -39.76 -1.35 -25.04
C THR A 51 -38.32 -1.63 -24.62
N VAL A 52 -38.01 -2.92 -24.48
CA VAL A 52 -36.68 -3.37 -24.15
C VAL A 52 -36.12 -4.42 -25.12
N ASP A 53 -34.81 -4.48 -25.18
CA ASP A 53 -34.11 -5.49 -25.94
C ASP A 53 -33.18 -6.13 -24.89
N PHE A 54 -33.59 -7.29 -24.40
CA PHE A 54 -33.02 -7.86 -23.17
C PHE A 54 -32.13 -9.04 -23.56
N ARG A 55 -30.87 -8.99 -23.11
CA ARG A 55 -29.86 -9.93 -23.57
C ARG A 55 -28.91 -10.33 -22.45
N GLN A 56 -28.36 -11.53 -22.53
CA GLN A 56 -27.39 -12.03 -21.57
C GLN A 56 -26.27 -12.75 -22.33
N SER A 57 -25.03 -12.56 -21.85
CA SER A 57 -23.88 -13.22 -22.38
C SER A 57 -22.78 -13.49 -21.33
N ASN A 58 -22.08 -14.62 -21.48
CA ASN A 58 -20.92 -14.88 -20.64
C ASN A 58 -19.62 -14.34 -21.24
N HIS A 59 -19.70 -13.75 -22.44
CA HIS A 59 -18.52 -13.37 -23.20
C HIS A 59 -18.32 -11.87 -23.19
N GLU A 60 -17.18 -11.45 -22.68
CA GLU A 60 -16.89 -10.03 -22.62
C GLU A 60 -16.95 -9.39 -24.03
N GLY A 61 -16.36 -10.01 -25.03
CA GLY A 61 -16.39 -9.44 -26.37
C GLY A 61 -17.78 -9.31 -26.99
N GLU A 62 -18.69 -10.20 -26.63
CA GLU A 62 -20.03 -10.13 -27.16
C GLU A 62 -20.72 -8.95 -26.54
N LEU A 63 -20.52 -8.75 -25.25
CA LEU A 63 -21.08 -7.57 -24.58
C LEU A 63 -20.62 -6.32 -25.20
N VAL A 64 -19.34 -6.24 -25.56
CA VAL A 64 -18.80 -5.06 -26.25
C VAL A 64 -19.52 -4.87 -27.60
N ASP A 65 -19.67 -5.95 -28.34
CA ASP A 65 -20.38 -5.92 -29.63
C ASP A 65 -21.79 -5.33 -29.43
N TRP A 66 -22.49 -5.77 -28.38
CA TRP A 66 -23.84 -5.36 -28.16
C TRP A 66 -23.91 -3.92 -27.74
N ILE A 67 -22.94 -3.46 -26.98
CA ILE A 67 -22.85 -2.00 -26.66
C ILE A 67 -22.71 -1.15 -27.93
N HIS A 68 -21.82 -1.59 -28.82
CA HIS A 68 -21.72 -0.89 -30.13
C HIS A 68 -23.08 -0.86 -30.86
N GLU A 69 -23.82 -1.96 -30.84
CA GLU A 69 -25.17 -1.99 -31.42
C GLU A 69 -26.10 -0.98 -30.77
N ALA A 70 -26.12 -0.95 -29.44
CA ALA A 70 -26.96 -0.03 -28.70
C ALA A 70 -26.61 1.42 -28.98
N ARG A 71 -25.32 1.69 -29.18
CA ARG A 71 -24.85 3.05 -29.39
C ARG A 71 -25.59 3.65 -30.57
N LEU A 72 -25.86 2.79 -31.53
CA LEU A 72 -26.46 3.25 -32.79
C LEU A 72 -27.96 3.07 -32.88
N ASN A 73 -28.50 2.13 -32.12
CA ASN A 73 -29.84 1.67 -32.33
C ASN A 73 -30.82 1.75 -31.18
N HIS A 74 -30.34 2.08 -30.00
CA HIS A 74 -31.17 2.04 -28.81
C HIS A 74 -31.20 3.39 -28.07
N CYS A 75 -32.18 3.57 -27.20
CA CYS A 75 -32.33 4.86 -26.50
C CYS A 75 -31.60 4.96 -25.16
N GLY A 76 -31.01 3.88 -24.70
CA GLY A 76 -30.30 3.85 -23.46
C GLY A 76 -29.84 2.44 -23.15
N ILE A 77 -29.01 2.29 -22.09
CA ILE A 77 -28.49 0.98 -21.71
C ILE A 77 -28.67 0.81 -20.21
N VAL A 78 -29.32 -0.27 -19.79
CA VAL A 78 -29.27 -0.70 -18.43
C VAL A 78 -28.37 -1.92 -18.44
N ILE A 79 -27.31 -1.93 -17.65
CA ILE A 79 -26.40 -3.03 -17.70
C ILE A 79 -26.02 -3.58 -16.31
N ASN A 80 -26.16 -4.88 -16.15
CA ASN A 80 -25.61 -5.57 -15.00
C ASN A 80 -24.44 -6.33 -15.52
N PRO A 81 -23.25 -5.76 -15.39
CA PRO A 81 -22.08 -6.39 -16.00
C PRO A 81 -21.61 -7.63 -15.27
N ALA A 82 -22.21 -7.94 -14.11
CA ALA A 82 -21.79 -9.08 -13.29
C ALA A 82 -20.30 -9.06 -13.02
N ALA A 83 -19.62 -10.22 -13.06
CA ALA A 83 -18.19 -10.18 -12.78
C ALA A 83 -17.35 -9.18 -13.59
N TYR A 84 -17.74 -8.91 -14.86
CA TYR A 84 -16.94 -8.00 -15.72
C TYR A 84 -16.98 -6.58 -15.16
N SER A 85 -17.89 -6.32 -14.24
CA SER A 85 -17.93 -5.00 -13.54
C SER A 85 -16.58 -4.72 -12.93
N HIS A 86 -15.95 -5.77 -12.41
CA HIS A 86 -14.75 -5.66 -11.61
C HIS A 86 -13.47 -5.79 -12.47
N THR A 87 -13.63 -6.30 -13.68
CA THR A 87 -12.43 -6.67 -14.47
C THR A 87 -12.38 -6.01 -15.85
N SER A 88 -13.50 -5.53 -16.41
CA SER A 88 -13.50 -5.22 -17.85
C SER A 88 -13.29 -3.75 -18.11
N VAL A 89 -12.05 -3.35 -18.38
CA VAL A 89 -11.84 -2.02 -18.89
C VAL A 89 -12.44 -1.99 -20.35
N ALA A 90 -12.51 -3.11 -21.04
CA ALA A 90 -13.06 -3.10 -22.41
C ALA A 90 -14.51 -2.68 -22.47
N ILE A 91 -15.33 -3.15 -21.54
CA ILE A 91 -16.72 -2.75 -21.47
C ILE A 91 -16.82 -1.29 -21.07
N LEU A 92 -15.99 -0.83 -20.14
CA LEU A 92 -15.97 0.60 -19.80
C LEU A 92 -15.68 1.40 -21.04
N ASP A 93 -14.62 1.06 -21.76
CA ASP A 93 -14.32 1.73 -23.02
C ASP A 93 -15.49 1.71 -24.05
N ALA A 94 -16.22 0.58 -24.14
CA ALA A 94 -17.36 0.48 -25.07
C ALA A 94 -18.37 1.52 -24.66
N LEU A 95 -18.68 1.56 -23.37
CA LEU A 95 -19.68 2.47 -22.93
C LEU A 95 -19.27 3.90 -23.14
N ASN A 96 -17.99 4.16 -22.95
CA ASN A 96 -17.43 5.52 -23.18
C ASN A 96 -17.67 6.01 -24.63
N THR A 97 -17.79 5.08 -25.57
CA THR A 97 -18.09 5.46 -26.98
C THR A 97 -19.53 5.87 -27.20
N CYS A 98 -20.38 5.67 -26.21
CA CYS A 98 -21.77 5.99 -26.34
C CYS A 98 -22.10 7.42 -25.92
N ASP A 99 -21.42 8.37 -26.56
CA ASP A 99 -21.58 9.78 -26.23
C ASP A 99 -23.03 10.21 -26.15
N GLY A 100 -23.41 10.75 -25.03
CA GLY A 100 -24.75 11.23 -24.90
C GLY A 100 -25.80 10.18 -24.61
N LEU A 101 -25.46 8.90 -24.62
CA LEU A 101 -26.45 7.87 -24.35
C LEU A 101 -26.63 7.66 -22.85
N PRO A 102 -27.85 7.61 -22.35
CA PRO A 102 -27.98 7.29 -20.93
C PRO A 102 -27.68 5.83 -20.63
N VAL A 103 -26.90 5.63 -19.57
CA VAL A 103 -26.42 4.31 -19.15
C VAL A 103 -26.64 4.22 -17.61
N VAL A 104 -27.28 3.14 -17.17
CA VAL A 104 -27.45 2.88 -15.74
C VAL A 104 -26.94 1.48 -15.45
N GLU A 105 -26.06 1.39 -14.47
CA GLU A 105 -25.43 0.11 -14.05
C GLU A 105 -26.26 -0.39 -12.88
N VAL A 106 -26.63 -1.66 -12.89
CA VAL A 106 -27.38 -2.33 -11.85
C VAL A 106 -26.60 -3.54 -11.33
N HIS A 107 -26.58 -3.68 -9.99
CA HIS A 107 -26.16 -4.92 -9.30
C HIS A 107 -27.31 -5.33 -8.40
N ILE A 108 -27.71 -6.59 -8.45
CA ILE A 108 -28.79 -7.13 -7.64
C ILE A 108 -28.39 -7.11 -6.16
N SER A 109 -27.17 -7.58 -5.87
CA SER A 109 -26.59 -7.59 -4.50
C SER A 109 -25.92 -6.26 -4.17
N ASN A 110 -25.77 -5.97 -2.88
CA ASN A 110 -25.05 -4.76 -2.54
C ASN A 110 -23.56 -5.15 -2.55
N ILE A 111 -22.85 -4.90 -3.64
CA ILE A 111 -21.43 -5.32 -3.80
C ILE A 111 -20.53 -4.77 -2.72
N HIS A 112 -20.93 -3.67 -2.10
CA HIS A 112 -20.13 -3.06 -1.03
C HIS A 112 -20.08 -3.87 0.24
N GLN A 113 -21.01 -4.80 0.41
CA GLN A 113 -21.06 -5.66 1.61
C GLN A 113 -20.42 -7.02 1.34
N ARG A 114 -19.82 -7.18 0.17
CA ARG A 114 -19.24 -8.49 -0.24
C ARG A 114 -17.71 -8.46 -0.22
N GLU A 115 -17.06 -9.43 -0.85
CA GLU A 115 -15.61 -9.49 -0.83
C GLU A 115 -14.98 -8.20 -1.39
N PRO A 116 -13.81 -7.81 -0.90
CA PRO A 116 -13.22 -6.59 -1.29
C PRO A 116 -13.04 -6.43 -2.79
N PHE A 117 -12.68 -7.49 -3.52
CA PHE A 117 -12.55 -7.24 -4.94
C PHE A 117 -13.85 -6.84 -5.60
N ARG A 118 -15.01 -7.13 -4.98
CA ARG A 118 -16.27 -6.82 -5.58
C ARG A 118 -16.66 -5.39 -5.36
N HIS A 119 -15.91 -4.68 -4.56
CA HIS A 119 -16.35 -3.35 -4.19
C HIS A 119 -16.22 -2.38 -5.33
N HIS A 120 -15.28 -2.64 -6.22
CA HIS A 120 -14.95 -1.70 -7.30
C HIS A 120 -15.54 -2.11 -8.63
N SER A 121 -15.98 -1.11 -9.37
CA SER A 121 -16.49 -1.35 -10.72
C SER A 121 -15.95 -0.39 -11.74
N TYR A 122 -15.39 -0.89 -12.83
CA TYR A 122 -14.95 0.01 -13.94
C TYR A 122 -16.12 0.68 -14.63
N VAL A 123 -17.24 -0.04 -14.72
CA VAL A 123 -18.43 0.48 -15.38
C VAL A 123 -18.91 1.73 -14.68
N SER A 124 -18.81 1.82 -13.34
CA SER A 124 -19.30 2.98 -12.65
C SER A 124 -18.62 4.28 -13.00
N GLN A 125 -17.45 4.18 -13.61
CA GLN A 125 -16.76 5.34 -14.09
C GLN A 125 -17.47 6.00 -15.26
N ARG A 126 -18.31 5.29 -15.98
CA ARG A 126 -19.07 5.87 -17.05
C ARG A 126 -20.52 5.94 -16.81
N ALA A 127 -21.08 4.89 -16.22
CA ALA A 127 -22.51 4.83 -15.98
C ALA A 127 -22.97 6.10 -15.35
N ASP A 128 -24.08 6.58 -15.84
CA ASP A 128 -24.58 7.85 -15.35
C ASP A 128 -25.06 7.65 -13.89
N GLY A 129 -25.78 6.56 -13.70
CA GLY A 129 -26.33 6.16 -12.40
C GLY A 129 -25.94 4.71 -12.11
N VAL A 130 -25.79 4.39 -10.81
CA VAL A 130 -25.41 3.05 -10.39
C VAL A 130 -26.37 2.65 -9.27
N VAL A 131 -27.00 1.47 -9.41
CA VAL A 131 -27.94 1.03 -8.42
C VAL A 131 -27.45 -0.30 -7.94
N ALA A 132 -27.26 -0.46 -6.62
CA ALA A 132 -26.76 -1.76 -6.09
C ALA A 132 -27.57 -2.17 -4.88
N GLY A 133 -27.83 -3.44 -4.74
CA GLY A 133 -28.51 -3.92 -3.54
C GLY A 133 -29.98 -3.61 -3.43
N CYS A 134 -30.60 -3.26 -4.54
CA CYS A 134 -32.04 -3.09 -4.61
C CYS A 134 -32.77 -4.30 -5.20
N GLY A 135 -32.15 -5.46 -5.18
CA GLY A 135 -32.77 -6.63 -5.77
C GLY A 135 -32.95 -6.48 -7.23
N VAL A 136 -33.77 -7.40 -7.78
CA VAL A 136 -34.21 -7.28 -9.18
C VAL A 136 -34.97 -5.93 -9.45
N GLN A 137 -35.52 -5.33 -8.42
CA GLN A 137 -36.17 -4.02 -8.54
C GLN A 137 -35.19 -2.95 -9.03
N GLY A 138 -33.91 -3.22 -8.87
CA GLY A 138 -32.87 -2.32 -9.39
C GLY A 138 -33.00 -2.14 -10.92
N TYR A 139 -33.43 -3.19 -11.64
CA TYR A 139 -33.57 -3.05 -13.10
C TYR A 139 -34.72 -2.15 -13.46
N VAL A 140 -35.79 -2.14 -12.61
CA VAL A 140 -36.94 -1.24 -12.84
C VAL A 140 -36.49 0.17 -12.59
N PHE A 141 -35.69 0.39 -11.57
CA PHE A 141 -35.12 1.72 -11.40
C PHE A 141 -34.24 2.14 -12.62
N GLY A 142 -33.45 1.26 -13.15
CA GLY A 142 -32.67 1.60 -14.33
C GLY A 142 -33.56 1.97 -15.50
N VAL A 143 -34.65 1.23 -15.73
CA VAL A 143 -35.64 1.63 -16.75
C VAL A 143 -36.29 2.94 -16.45
N GLU A 144 -36.69 3.16 -15.22
CA GLU A 144 -37.26 4.45 -14.87
C GLU A 144 -36.31 5.64 -15.10
N ARG A 145 -35.02 5.49 -14.86
CA ARG A 145 -34.02 6.52 -15.04
C ARG A 145 -33.78 6.76 -16.55
N ILE A 146 -33.68 5.69 -17.31
CA ILE A 146 -33.54 5.88 -18.78
C ILE A 146 -34.76 6.68 -19.26
N ALA A 147 -35.96 6.28 -18.84
CA ALA A 147 -37.18 6.95 -19.25
C ALA A 147 -37.16 8.44 -18.88
N ALA A 148 -36.60 8.77 -17.71
CA ALA A 148 -36.50 10.17 -17.31
C ALA A 148 -35.50 10.92 -18.19
N LEU A 149 -34.40 10.27 -18.50
CA LEU A 149 -33.32 10.95 -19.17
C LEU A 149 -33.57 11.02 -20.66
N ALA A 150 -34.24 10.01 -21.18
CA ALA A 150 -34.45 9.95 -22.62
C ALA A 150 -35.72 10.67 -22.93
N GLY A 151 -36.08 11.60 -22.05
CA GLY A 151 -37.21 12.48 -22.24
C GLY A 151 -37.10 13.75 -21.40
N ARG B 3 -23.57 -36.37 -8.74
CA ARG B 3 -23.21 -37.49 -9.64
C ARG B 3 -21.96 -38.20 -9.19
N SER B 4 -21.87 -39.48 -9.51
CA SER B 4 -20.71 -40.29 -9.20
C SER B 4 -19.81 -40.43 -10.40
N LEU B 5 -18.59 -40.90 -10.17
CA LEU B 5 -17.69 -41.25 -11.21
C LEU B 5 -18.31 -42.25 -12.13
N ALA B 6 -19.17 -43.12 -11.60
CA ALA B 6 -19.67 -44.23 -12.43
C ALA B 6 -20.67 -43.77 -13.43
N ASN B 7 -21.32 -42.67 -13.11
CA ASN B 7 -22.45 -42.23 -13.91
C ASN B 7 -22.22 -40.97 -14.76
N ALA B 8 -21.08 -40.29 -14.57
CA ALA B 8 -20.83 -39.11 -15.35
C ALA B 8 -19.34 -38.84 -15.43
N PRO B 9 -18.91 -38.19 -16.50
CA PRO B 9 -17.50 -37.85 -16.64
C PRO B 9 -17.01 -36.71 -15.75
N ILE B 10 -15.72 -36.70 -15.47
CA ILE B 10 -15.06 -35.56 -14.85
C ILE B 10 -14.76 -34.58 -15.97
N MET B 11 -15.17 -33.31 -15.82
CA MET B 11 -14.81 -32.29 -16.82
C MET B 11 -13.40 -31.81 -16.53
N ILE B 12 -12.55 -31.82 -17.53
CA ILE B 12 -11.21 -31.29 -17.33
C ILE B 12 -11.03 -30.14 -18.24
N LEU B 13 -10.91 -28.92 -17.68
CA LEU B 13 -10.88 -27.73 -18.47
C LEU B 13 -9.49 -27.11 -18.45
N ASN B 14 -9.09 -26.65 -19.60
CA ASN B 14 -7.81 -25.99 -19.78
C ASN B 14 -7.95 -24.64 -20.40
N GLY B 15 -7.36 -23.65 -19.81
CA GLY B 15 -7.48 -22.26 -20.29
C GLY B 15 -6.48 -21.83 -21.36
N PRO B 16 -6.35 -20.53 -21.57
CA PRO B 16 -5.72 -20.04 -22.74
C PRO B 16 -4.25 -20.49 -22.90
N ASN B 17 -3.84 -20.68 -24.14
CA ASN B 17 -2.43 -20.95 -24.54
C ASN B 17 -1.96 -22.39 -24.23
N LEU B 18 -2.75 -23.15 -23.48
CA LEU B 18 -2.28 -24.51 -23.13
C LEU B 18 -2.32 -25.44 -24.33
N ASN B 19 -3.02 -25.02 -25.41
CA ASN B 19 -3.00 -25.76 -26.64
C ASN B 19 -1.55 -25.94 -27.13
N LEU B 20 -0.66 -25.03 -26.72
CA LEU B 20 0.73 -25.05 -27.16
C LEU B 20 1.72 -25.76 -26.20
N LEU B 21 1.18 -26.42 -25.16
CA LEU B 21 1.99 -27.08 -24.18
C LEU B 21 2.88 -28.05 -24.90
N GLY B 22 4.13 -28.11 -24.46
CA GLY B 22 5.08 -29.04 -25.00
C GLY B 22 6.03 -28.39 -25.97
N GLN B 23 5.62 -27.23 -26.50
CA GLN B 23 6.38 -26.59 -27.60
C GLN B 23 7.47 -25.63 -27.14
N ARG B 24 7.51 -25.35 -25.86
CA ARG B 24 8.47 -24.45 -25.36
C ARG B 24 8.58 -24.51 -23.84
N GLN B 25 9.67 -23.97 -23.32
CA GLN B 25 9.91 -23.91 -21.88
C GLN B 25 9.69 -25.24 -21.15
N PRO B 26 10.27 -26.29 -21.69
CA PRO B 26 10.14 -27.60 -21.07
C PRO B 26 10.68 -27.69 -19.64
N GLU B 27 11.62 -26.83 -19.26
CA GLU B 27 12.17 -26.90 -17.91
C GLU B 27 11.12 -26.47 -16.91
N ILE B 28 10.11 -25.76 -17.39
CA ILE B 28 9.07 -25.28 -16.52
C ILE B 28 7.84 -26.16 -16.66
N TYR B 29 7.47 -26.45 -17.92
CA TYR B 29 6.18 -27.06 -18.18
C TYR B 29 6.22 -28.47 -18.69
N GLY B 30 7.42 -28.96 -18.94
CA GLY B 30 7.57 -30.33 -19.42
C GLY B 30 7.51 -30.43 -20.94
N SER B 31 7.70 -31.63 -21.46
CA SER B 31 7.68 -31.86 -22.91
C SER B 31 6.44 -32.57 -23.39
N ASP B 32 5.52 -32.93 -22.48
CA ASP B 32 4.24 -33.46 -22.88
C ASP B 32 3.40 -32.42 -23.58
N THR B 33 2.67 -32.87 -24.61
CA THR B 33 1.67 -32.04 -25.25
C THR B 33 0.36 -32.04 -24.49
N LEU B 34 -0.57 -31.16 -24.90
CA LEU B 34 -1.85 -31.21 -24.28
C LEU B 34 -2.53 -32.52 -24.58
N ALA B 35 -2.32 -33.09 -25.79
CA ALA B 35 -2.85 -34.42 -26.12
C ALA B 35 -2.30 -35.49 -25.22
N ASP B 36 -1.02 -35.39 -24.87
CA ASP B 36 -0.42 -36.28 -23.90
C ASP B 36 -1.06 -36.18 -22.52
N VAL B 37 -1.35 -34.95 -22.08
CA VAL B 37 -2.04 -34.75 -20.82
C VAL B 37 -3.47 -35.32 -20.88
N GLU B 38 -4.19 -35.12 -21.98
CA GLU B 38 -5.52 -35.72 -22.12
C GLU B 38 -5.45 -37.25 -21.93
N ALA B 39 -4.44 -37.87 -22.51
CA ALA B 39 -4.24 -39.34 -22.41
C ALA B 39 -3.93 -39.78 -20.99
N LEU B 40 -3.11 -39.01 -20.28
CA LEU B 40 -2.78 -39.23 -18.89
C LEU B 40 -4.05 -39.20 -18.06
N CYS B 41 -4.93 -38.24 -18.35
CA CYS B 41 -6.18 -38.06 -17.60
C CYS B 41 -7.15 -39.21 -17.87
N VAL B 42 -7.23 -39.67 -19.11
CA VAL B 42 -8.11 -40.77 -19.44
C VAL B 42 -7.75 -41.98 -18.64
N LYS B 43 -6.48 -42.30 -18.60
CA LYS B 43 -6.00 -43.44 -17.83
C LYS B 43 -6.12 -43.22 -16.32
N ALA B 44 -5.86 -42.02 -15.78
CA ALA B 44 -5.99 -41.84 -14.35
C ALA B 44 -7.43 -41.96 -13.93
N ALA B 45 -8.40 -41.46 -14.71
CA ALA B 45 -9.81 -41.64 -14.38
C ALA B 45 -10.20 -43.09 -14.45
N ALA B 46 -9.75 -43.81 -15.50
CA ALA B 46 -10.15 -45.21 -15.67
C ALA B 46 -9.62 -46.05 -14.51
N ALA B 47 -8.48 -45.64 -14.00
CA ALA B 47 -7.88 -46.32 -12.88
C ALA B 47 -8.74 -46.29 -11.65
N HIS B 48 -9.71 -45.36 -11.67
CA HIS B 48 -10.71 -45.25 -10.61
C HIS B 48 -12.13 -45.40 -11.09
N GLY B 49 -12.34 -46.03 -12.22
CA GLY B 49 -13.70 -46.36 -12.66
C GLY B 49 -14.46 -45.17 -13.24
N GLY B 50 -13.69 -44.14 -13.61
CA GLY B 50 -14.29 -42.94 -14.21
C GLY B 50 -13.89 -42.64 -15.64
N THR B 51 -14.43 -41.51 -16.15
CA THR B 51 -14.15 -41.11 -17.50
C THR B 51 -13.95 -39.62 -17.43
N VAL B 52 -13.41 -39.07 -18.51
CA VAL B 52 -13.18 -37.61 -18.55
C VAL B 52 -13.70 -36.98 -19.85
N ASP B 53 -13.92 -35.67 -19.77
CA ASP B 53 -14.39 -34.84 -20.85
C ASP B 53 -13.38 -33.71 -20.82
N PHE B 54 -12.41 -33.80 -21.70
CA PHE B 54 -11.21 -32.92 -21.67
C PHE B 54 -11.30 -31.85 -22.73
N ARG B 55 -11.17 -30.57 -22.33
CA ARG B 55 -11.43 -29.49 -23.25
C ARG B 55 -10.41 -28.37 -23.04
N GLN B 56 -10.12 -27.60 -24.09
CA GLN B 56 -9.27 -26.41 -23.92
C GLN B 56 -9.93 -25.26 -24.67
N SER B 57 -9.80 -24.07 -24.11
CA SER B 57 -10.20 -22.88 -24.87
C SER B 57 -9.41 -21.66 -24.48
N ASN B 58 -9.23 -20.76 -25.45
CA ASN B 58 -8.61 -19.48 -25.19
C ASN B 58 -9.60 -18.39 -24.77
N HIS B 59 -10.89 -18.75 -24.71
CA HIS B 59 -11.97 -17.81 -24.50
C HIS B 59 -12.64 -17.94 -23.10
N GLU B 60 -12.60 -16.88 -22.32
CA GLU B 60 -13.10 -16.83 -20.99
C GLU B 60 -14.57 -17.19 -20.99
N GLY B 61 -15.36 -16.63 -21.93
CA GLY B 61 -16.77 -16.92 -21.87
C GLY B 61 -17.06 -18.38 -22.20
N GLU B 62 -16.27 -18.97 -23.07
CA GLU B 62 -16.49 -20.39 -23.43
C GLU B 62 -16.23 -21.26 -22.25
N LEU B 63 -15.22 -20.89 -21.49
CA LEU B 63 -14.90 -21.60 -20.27
C LEU B 63 -16.04 -21.47 -19.30
N VAL B 64 -16.62 -20.28 -19.18
CA VAL B 64 -17.79 -20.16 -18.27
C VAL B 64 -18.96 -21.03 -18.77
N ASP B 65 -19.23 -21.03 -20.07
CA ASP B 65 -20.27 -21.86 -20.66
C ASP B 65 -20.03 -23.33 -20.29
N TRP B 66 -18.80 -23.81 -20.40
CA TRP B 66 -18.49 -25.19 -20.12
C TRP B 66 -18.63 -25.55 -18.63
N ILE B 67 -18.36 -24.60 -17.75
CA ILE B 67 -18.56 -24.80 -16.34
C ILE B 67 -20.04 -24.96 -16.05
N HIS B 68 -20.91 -24.14 -16.71
CA HIS B 68 -22.36 -24.30 -16.60
C HIS B 68 -22.79 -25.70 -17.03
N GLU B 69 -22.21 -26.19 -18.10
CA GLU B 69 -22.53 -27.53 -18.58
C GLU B 69 -22.11 -28.59 -17.59
N ALA B 70 -20.94 -28.45 -17.00
CA ALA B 70 -20.46 -29.40 -16.00
C ALA B 70 -21.34 -29.40 -14.76
N ARG B 71 -21.79 -28.22 -14.38
CA ARG B 71 -22.61 -28.07 -13.21
C ARG B 71 -23.77 -29.08 -13.30
N LEU B 72 -24.30 -29.32 -14.48
CA LEU B 72 -25.48 -30.13 -14.64
C LEU B 72 -25.15 -31.55 -15.05
N ASN B 73 -24.00 -31.78 -15.70
CA ASN B 73 -23.74 -33.01 -16.43
C ASN B 73 -22.55 -33.88 -15.99
N HIS B 74 -21.73 -33.34 -15.11
CA HIS B 74 -20.46 -33.97 -14.73
C HIS B 74 -20.28 -34.21 -13.21
N CYS B 75 -19.34 -35.05 -12.82
CA CYS B 75 -19.22 -35.37 -11.43
C CYS B 75 -18.19 -34.49 -10.69
N GLY B 76 -17.50 -33.64 -11.43
CA GLY B 76 -16.47 -32.78 -10.86
C GLY B 76 -15.81 -31.98 -11.96
N ILE B 77 -14.94 -31.04 -11.55
CA ILE B 77 -14.14 -30.29 -12.43
C ILE B 77 -12.69 -30.26 -12.03
N VAL B 78 -11.82 -30.60 -12.99
CA VAL B 78 -10.40 -30.34 -12.82
C VAL B 78 -10.13 -29.20 -13.77
N ILE B 79 -9.62 -28.07 -13.24
CA ILE B 79 -9.43 -26.89 -14.09
C ILE B 79 -8.03 -26.30 -14.00
N ASN B 80 -7.36 -26.19 -15.14
CA ASN B 80 -6.20 -25.34 -15.16
C ASN B 80 -6.54 -24.05 -15.88
N PRO B 81 -6.83 -22.98 -15.16
CA PRO B 81 -7.39 -21.81 -15.81
C PRO B 81 -6.39 -20.96 -16.57
N ALA B 82 -5.13 -21.32 -16.44
CA ALA B 82 -4.01 -20.61 -17.06
C ALA B 82 -4.10 -19.14 -16.73
N ALA B 83 -3.89 -18.28 -17.69
CA ALA B 83 -3.83 -16.83 -17.38
C ALA B 83 -5.07 -16.35 -16.66
N TYR B 84 -6.23 -16.95 -16.94
CA TYR B 84 -7.49 -16.52 -16.36
C TYR B 84 -7.54 -16.79 -14.88
N SER B 85 -6.67 -17.66 -14.36
CA SER B 85 -6.56 -17.81 -12.93
C SER B 85 -6.41 -16.47 -12.25
N HIS B 86 -5.63 -15.64 -12.87
CA HIS B 86 -5.17 -14.41 -12.25
C HIS B 86 -6.12 -13.25 -12.54
N THR B 87 -6.91 -13.37 -13.62
CA THR B 87 -7.82 -12.30 -13.97
C THR B 87 -9.32 -12.48 -13.88
N SER B 88 -9.80 -13.73 -13.88
CA SER B 88 -11.19 -13.98 -14.17
C SER B 88 -12.05 -14.20 -12.95
N VAL B 89 -12.67 -13.11 -12.54
CA VAL B 89 -13.72 -13.18 -11.60
C VAL B 89 -14.93 -13.94 -12.21
N ALA B 90 -15.11 -13.88 -13.54
CA ALA B 90 -16.21 -14.53 -14.18
C ALA B 90 -16.14 -16.05 -14.06
N ILE B 91 -14.95 -16.58 -14.15
CA ILE B 91 -14.82 -18.06 -13.97
C ILE B 91 -14.96 -18.43 -12.50
N LEU B 92 -14.45 -17.59 -11.56
CA LEU B 92 -14.73 -17.81 -10.11
C LEU B 92 -16.23 -17.83 -9.84
N ASP B 93 -16.97 -16.84 -10.37
CA ASP B 93 -18.43 -16.84 -10.19
C ASP B 93 -19.13 -18.01 -10.81
N ALA B 94 -18.66 -18.47 -11.98
CA ALA B 94 -19.15 -19.69 -12.59
C ALA B 94 -18.96 -20.93 -11.72
N LEU B 95 -17.76 -21.12 -11.19
CA LEU B 95 -17.53 -22.23 -10.24
C LEU B 95 -18.36 -22.14 -8.97
N ASN B 96 -18.64 -20.91 -8.55
CA ASN B 96 -19.44 -20.69 -7.40
C ASN B 96 -20.88 -21.18 -7.60
N THR B 97 -21.37 -21.24 -8.82
CA THR B 97 -22.68 -21.82 -9.07
C THR B 97 -22.77 -23.29 -8.95
N CYS B 98 -21.62 -23.96 -8.86
CA CYS B 98 -21.55 -25.41 -8.89
C CYS B 98 -21.66 -25.94 -7.48
N ASP B 99 -22.79 -25.67 -6.85
CA ASP B 99 -22.96 -26.10 -5.44
C ASP B 99 -22.77 -27.58 -5.29
N GLY B 100 -21.93 -27.96 -4.33
CA GLY B 100 -21.66 -29.36 -4.01
C GLY B 100 -20.78 -30.13 -4.99
N LEU B 101 -20.36 -29.49 -6.07
CA LEU B 101 -19.52 -30.17 -7.05
C LEU B 101 -18.09 -30.06 -6.61
N PRO B 102 -17.33 -31.15 -6.60
CA PRO B 102 -15.92 -31.02 -6.37
C PRO B 102 -15.15 -30.33 -7.49
N VAL B 103 -14.28 -29.41 -7.10
CA VAL B 103 -13.46 -28.68 -8.07
C VAL B 103 -12.03 -28.63 -7.61
N VAL B 104 -11.14 -29.04 -8.49
CA VAL B 104 -9.72 -28.97 -8.21
C VAL B 104 -9.01 -28.15 -9.25
N GLU B 105 -8.24 -27.14 -8.78
CA GLU B 105 -7.48 -26.24 -9.63
C GLU B 105 -6.07 -26.82 -9.77
N VAL B 106 -5.54 -26.83 -11.00
CA VAL B 106 -4.19 -27.32 -11.25
C VAL B 106 -3.36 -26.30 -12.04
N HIS B 107 -2.15 -26.04 -11.54
CA HIS B 107 -1.09 -25.32 -12.29
C HIS B 107 0.07 -26.21 -12.47
N ILE B 108 0.49 -26.41 -13.72
CA ILE B 108 1.66 -27.24 -14.00
C ILE B 108 2.92 -26.72 -13.34
N SER B 109 3.09 -25.37 -13.42
CA SER B 109 4.24 -24.68 -12.84
C SER B 109 3.92 -24.24 -11.43
N ASN B 110 4.92 -23.97 -10.60
CA ASN B 110 4.65 -23.46 -9.27
C ASN B 110 4.52 -21.96 -9.32
N ILE B 111 3.28 -21.48 -9.47
CA ILE B 111 3.06 -20.10 -9.71
C ILE B 111 3.63 -19.22 -8.60
N HIS B 112 3.89 -19.80 -7.46
CA HIS B 112 4.45 -19.04 -6.34
C HIS B 112 5.96 -18.74 -6.48
N GLN B 113 6.56 -19.32 -7.48
CA GLN B 113 7.98 -19.05 -7.79
C GLN B 113 8.12 -18.17 -9.02
N ARG B 114 7.02 -17.65 -9.53
CA ARG B 114 7.06 -16.85 -10.75
C ARG B 114 6.81 -15.42 -10.47
N GLU B 115 6.44 -14.66 -11.48
CA GLU B 115 6.22 -13.22 -11.32
C GLU B 115 5.13 -12.91 -10.29
N PRO B 116 5.23 -11.84 -9.51
CA PRO B 116 4.21 -11.58 -8.54
C PRO B 116 2.75 -11.58 -8.93
N PHE B 117 2.40 -11.12 -10.11
CA PHE B 117 1.00 -11.14 -10.45
C PHE B 117 0.54 -12.59 -10.60
N ARG B 118 1.46 -13.54 -10.84
CA ARG B 118 1.03 -14.91 -11.00
C ARG B 118 0.74 -15.58 -9.66
N HIS B 119 1.09 -14.93 -8.58
CA HIS B 119 0.97 -15.63 -7.30
C HIS B 119 -0.45 -15.77 -6.85
N HIS B 120 -1.37 -14.94 -7.34
CA HIS B 120 -2.74 -14.94 -6.88
C HIS B 120 -3.64 -15.50 -7.91
N SER B 121 -4.63 -16.23 -7.44
CA SER B 121 -5.65 -16.85 -8.27
C SER B 121 -7.03 -16.66 -7.72
N TYR B 122 -7.94 -16.10 -8.51
CA TYR B 122 -9.34 -15.96 -8.09
C TYR B 122 -9.96 -17.33 -7.97
N VAL B 123 -9.55 -18.24 -8.81
CA VAL B 123 -10.18 -19.54 -8.85
C VAL B 123 -9.95 -20.25 -7.54
N SER B 124 -8.80 -20.01 -6.93
CA SER B 124 -8.51 -20.66 -5.65
C SER B 124 -9.49 -20.33 -4.52
N GLN B 125 -10.25 -19.24 -4.68
CA GLN B 125 -11.24 -18.83 -3.72
C GLN B 125 -12.45 -19.78 -3.70
N ARG B 126 -12.65 -20.63 -4.71
CA ARG B 126 -13.71 -21.59 -4.72
C ARG B 126 -13.20 -23.01 -4.82
N ALA B 127 -12.13 -23.22 -5.57
CA ALA B 127 -11.65 -24.56 -5.81
C ALA B 127 -11.49 -25.23 -4.47
N ASP B 128 -11.89 -26.50 -4.36
CA ASP B 128 -11.81 -27.18 -3.09
C ASP B 128 -10.35 -27.43 -2.81
N GLY B 129 -9.66 -27.93 -3.84
CA GLY B 129 -8.23 -28.14 -3.72
C GLY B 129 -7.45 -27.41 -4.79
N VAL B 130 -6.18 -27.11 -4.51
CA VAL B 130 -5.31 -26.40 -5.48
C VAL B 130 -3.95 -27.08 -5.55
N VAL B 131 -3.56 -27.53 -6.73
CA VAL B 131 -2.31 -28.27 -6.86
C VAL B 131 -1.43 -27.39 -7.78
N ALA B 132 -0.23 -27.04 -7.34
CA ALA B 132 0.67 -26.24 -8.17
C ALA B 132 2.08 -26.86 -8.18
N GLY B 133 2.75 -26.81 -9.32
CA GLY B 133 4.17 -27.25 -9.39
C GLY B 133 4.40 -28.73 -9.35
N CYS B 134 3.37 -29.49 -9.55
CA CYS B 134 3.53 -30.91 -9.69
C CYS B 134 3.57 -31.39 -11.15
N GLY B 135 3.88 -30.47 -12.05
CA GLY B 135 3.95 -30.85 -13.50
C GLY B 135 2.63 -31.32 -14.01
N VAL B 136 2.60 -32.08 -15.10
CA VAL B 136 1.33 -32.58 -15.56
C VAL B 136 0.75 -33.65 -14.62
N GLN B 137 1.59 -34.19 -13.73
CA GLN B 137 1.07 -35.11 -12.69
C GLN B 137 0.03 -34.45 -11.85
N GLY B 138 0.02 -33.14 -11.76
CA GLY B 138 -1.02 -32.49 -11.05
C GLY B 138 -2.39 -32.72 -11.54
N TYR B 139 -2.54 -32.92 -12.85
CA TYR B 139 -3.85 -33.30 -13.37
C TYR B 139 -4.27 -34.64 -12.81
N VAL B 140 -3.30 -35.58 -12.67
CA VAL B 140 -3.61 -36.92 -12.12
C VAL B 140 -4.10 -36.76 -10.70
N PHE B 141 -3.39 -35.94 -9.93
CA PHE B 141 -3.84 -35.70 -8.53
C PHE B 141 -5.27 -35.11 -8.50
N GLY B 142 -5.57 -34.19 -9.40
CA GLY B 142 -6.93 -33.66 -9.51
C GLY B 142 -7.96 -34.72 -9.79
N VAL B 143 -7.70 -35.61 -10.74
CA VAL B 143 -8.58 -36.76 -10.95
C VAL B 143 -8.70 -37.61 -9.72
N GLU B 144 -7.56 -37.90 -9.09
CA GLU B 144 -7.56 -38.72 -7.87
C GLU B 144 -8.40 -38.10 -6.76
N ARG B 145 -8.35 -36.78 -6.63
CA ARG B 145 -9.13 -36.12 -5.60
C ARG B 145 -10.64 -36.16 -5.90
N ILE B 146 -11.01 -35.89 -7.14
CA ILE B 146 -12.38 -35.95 -7.50
C ILE B 146 -12.92 -37.38 -7.32
N ALA B 147 -12.12 -38.35 -7.69
CA ALA B 147 -12.52 -39.75 -7.48
C ALA B 147 -12.77 -40.06 -6.01
N ALA B 148 -11.93 -39.51 -5.14
CA ALA B 148 -12.15 -39.70 -3.70
C ALA B 148 -13.40 -38.97 -3.20
N LEU B 149 -13.68 -37.79 -3.74
CA LEU B 149 -14.83 -37.03 -3.24
C LEU B 149 -16.13 -37.47 -3.85
N ALA B 150 -16.09 -37.88 -5.10
CA ALA B 150 -17.30 -38.17 -5.86
C ALA B 150 -17.56 -39.67 -5.83
N GLY B 151 -16.76 -40.35 -5.03
CA GLY B 151 -16.99 -41.77 -4.73
C GLY B 151 -16.96 -42.03 -3.23
N ARG C 3 10.95 -15.83 -39.89
CA ARG C 3 10.50 -15.34 -41.21
C ARG C 3 11.00 -13.91 -41.45
N SER C 4 11.13 -13.52 -42.71
CA SER C 4 11.54 -12.17 -43.09
C SER C 4 10.35 -11.39 -43.64
N LEU C 5 10.50 -10.06 -43.78
CA LEU C 5 9.46 -9.23 -44.42
C LEU C 5 9.15 -9.70 -45.81
N ALA C 6 10.16 -10.25 -46.49
CA ALA C 6 10.02 -10.68 -47.86
C ALA C 6 9.20 -11.92 -47.98
N ASN C 7 9.20 -12.76 -46.96
CA ASN C 7 8.51 -14.03 -47.07
C ASN C 7 7.21 -14.15 -46.26
N ALA C 8 6.87 -13.18 -45.41
CA ALA C 8 5.62 -13.32 -44.65
C ALA C 8 5.19 -11.98 -44.18
N PRO C 9 3.89 -11.78 -44.00
CA PRO C 9 3.34 -10.47 -43.61
C PRO C 9 3.55 -10.19 -42.12
N ILE C 10 3.52 -8.90 -41.77
CA ILE C 10 3.49 -8.44 -40.40
C ILE C 10 2.04 -8.50 -39.96
N MET C 11 1.80 -9.14 -38.81
CA MET C 11 0.46 -9.17 -38.24
C MET C 11 0.26 -7.90 -37.50
N ILE C 12 -0.80 -7.15 -37.84
CA ILE C 12 -1.13 -5.97 -37.09
C ILE C 12 -2.44 -6.28 -36.41
N LEU C 13 -2.41 -6.33 -35.10
CA LEU C 13 -3.63 -6.67 -34.25
C LEU C 13 -4.18 -5.46 -33.52
N ASN C 14 -5.53 -5.28 -33.52
CA ASN C 14 -6.12 -4.17 -32.82
C ASN C 14 -7.24 -4.69 -31.95
N GLY C 15 -7.20 -4.31 -30.68
CA GLY C 15 -8.14 -4.77 -29.67
C GLY C 15 -9.43 -4.04 -29.61
N PRO C 16 -10.15 -4.25 -28.51
CA PRO C 16 -11.51 -3.82 -28.47
C PRO C 16 -11.75 -2.34 -28.67
N ASN C 17 -12.89 -2.07 -29.32
CA ASN C 17 -13.44 -0.72 -29.53
C ASN C 17 -12.72 0.10 -30.62
N LEU C 18 -11.59 -0.41 -31.13
CA LEU C 18 -10.81 0.34 -32.10
C LEU C 18 -11.51 0.37 -33.44
N ASN C 19 -12.46 -0.54 -33.65
CA ASN C 19 -13.30 -0.43 -34.85
C ASN C 19 -14.01 0.94 -34.93
N LEU C 20 -14.14 1.66 -33.83
CA LEU C 20 -14.81 2.97 -33.84
C LEU C 20 -13.89 4.15 -33.88
N LEU C 21 -12.59 3.89 -34.06
CA LEU C 21 -11.61 4.93 -34.13
C LEU C 21 -12.04 5.96 -35.15
N GLY C 22 -11.86 7.23 -34.80
CA GLY C 22 -12.21 8.31 -35.68
C GLY C 22 -13.57 8.90 -35.43
N GLN C 23 -14.41 8.22 -34.66
CA GLN C 23 -15.79 8.68 -34.50
C GLN C 23 -16.00 9.59 -33.29
N ARG C 24 -14.99 9.68 -32.41
CA ARG C 24 -15.06 10.58 -31.25
C ARG C 24 -13.68 10.87 -30.68
N GLN C 25 -13.62 11.80 -29.74
CA GLN C 25 -12.36 12.20 -29.07
C GLN C 25 -11.16 12.38 -29.99
N PRO C 26 -11.28 13.26 -30.97
CA PRO C 26 -10.26 13.41 -32.00
C PRO C 26 -9.05 14.14 -31.42
N GLU C 27 -9.25 14.90 -30.34
CA GLU C 27 -8.12 15.61 -29.68
C GLU C 27 -7.20 14.61 -29.00
N ILE C 28 -7.70 13.42 -28.77
CA ILE C 28 -6.92 12.40 -28.13
C ILE C 28 -6.41 11.38 -29.15
N TYR C 29 -7.29 10.92 -30.04
CA TYR C 29 -6.98 9.78 -30.90
C TYR C 29 -6.91 10.15 -32.38
N GLY C 30 -7.21 11.42 -32.69
CA GLY C 30 -7.19 11.87 -34.11
C GLY C 30 -8.49 11.55 -34.84
N SER C 31 -8.57 11.93 -36.10
CA SER C 31 -9.79 11.66 -36.85
C SER C 31 -9.65 10.63 -37.95
N ASP C 32 -8.53 9.91 -38.00
CA ASP C 32 -8.40 8.80 -38.92
C ASP C 32 -9.26 7.68 -38.40
N THR C 33 -9.86 6.94 -39.32
CA THR C 33 -10.58 5.73 -38.98
C THR C 33 -9.61 4.55 -38.92
N LEU C 34 -10.12 3.41 -38.50
CA LEU C 34 -9.26 2.22 -38.45
C LEU C 34 -8.83 1.88 -39.88
N ALA C 35 -9.72 2.12 -40.85
CA ALA C 35 -9.44 1.85 -42.26
C ALA C 35 -8.25 2.68 -42.67
N ASP C 36 -8.26 3.93 -42.24
CA ASP C 36 -7.18 4.84 -42.53
C ASP C 36 -5.87 4.33 -41.93
N VAL C 37 -5.94 3.79 -40.72
CA VAL C 37 -4.77 3.20 -40.05
C VAL C 37 -4.28 2.00 -40.83
N GLU C 38 -5.19 1.17 -41.30
CA GLU C 38 -4.74 0.03 -42.11
C GLU C 38 -3.99 0.50 -43.36
N ALA C 39 -4.52 1.51 -44.03
CA ALA C 39 -3.83 2.02 -45.24
C ALA C 39 -2.45 2.54 -44.88
N LEU C 40 -2.31 3.20 -43.74
CA LEU C 40 -1.01 3.69 -43.33
C LEU C 40 -0.01 2.53 -43.16
N CYS C 41 -0.49 1.44 -42.57
CA CYS C 41 0.33 0.22 -42.33
C CYS C 41 0.69 -0.47 -43.67
N VAL C 42 -0.25 -0.51 -44.58
CA VAL C 42 0.06 -1.09 -45.89
C VAL C 42 1.19 -0.34 -46.58
N LYS C 43 1.09 0.96 -46.56
CA LYS C 43 2.06 1.83 -47.17
C LYS C 43 3.41 1.72 -46.49
N ALA C 44 3.43 1.79 -45.15
CA ALA C 44 4.70 1.66 -44.45
C ALA C 44 5.40 0.33 -44.66
N ALA C 45 4.66 -0.75 -44.66
CA ALA C 45 5.25 -2.04 -44.90
C ALA C 45 5.80 -2.13 -46.37
N ALA C 46 5.05 -1.58 -47.34
CA ALA C 46 5.48 -1.62 -48.74
C ALA C 46 6.78 -0.85 -48.94
N ALA C 47 6.93 0.25 -48.21
CA ALA C 47 8.09 1.09 -48.29
C ALA C 47 9.36 0.36 -47.81
N HIS C 48 9.18 -0.72 -47.04
CA HIS C 48 10.25 -1.63 -46.62
C HIS C 48 10.20 -3.02 -47.21
N GLY C 49 9.46 -3.20 -48.29
CA GLY C 49 9.48 -4.49 -49.01
C GLY C 49 8.60 -5.57 -48.38
N GLY C 50 7.65 -5.15 -47.56
CA GLY C 50 6.78 -6.05 -46.86
C GLY C 50 5.31 -5.88 -47.06
N THR C 51 4.53 -6.72 -46.34
CA THR C 51 3.09 -6.65 -46.36
C THR C 51 2.56 -6.82 -44.94
N VAL C 52 1.30 -6.46 -44.77
CA VAL C 52 0.64 -6.62 -43.50
C VAL C 52 -0.61 -7.46 -43.61
N ASP C 53 -1.01 -7.95 -42.44
CA ASP C 53 -2.24 -8.68 -42.18
C ASP C 53 -2.94 -7.97 -41.01
N PHE C 54 -3.89 -7.11 -41.36
CA PHE C 54 -4.45 -6.12 -40.40
C PHE C 54 -5.79 -6.67 -39.92
N ARG C 55 -5.95 -6.80 -38.61
CA ARG C 55 -7.17 -7.35 -38.01
C ARG C 55 -7.56 -6.64 -36.73
N GLN C 56 -8.84 -6.70 -36.38
CA GLN C 56 -9.36 -6.04 -35.17
C GLN C 56 -10.41 -6.93 -34.58
N SER C 57 -10.40 -7.02 -33.26
CA SER C 57 -11.43 -7.84 -32.55
C SER C 57 -11.71 -7.30 -31.21
N ASN C 58 -12.94 -7.47 -30.75
CA ASN C 58 -13.31 -7.11 -29.40
C ASN C 58 -13.19 -8.26 -28.40
N HIS C 59 -12.80 -9.42 -28.93
CA HIS C 59 -12.69 -10.66 -28.16
C HIS C 59 -11.27 -11.00 -27.76
N GLU C 60 -11.00 -11.08 -26.45
CA GLU C 60 -9.68 -11.44 -25.93
C GLU C 60 -9.24 -12.80 -26.47
N GLY C 61 -10.11 -13.78 -26.48
CA GLY C 61 -9.70 -15.10 -26.99
C GLY C 61 -9.43 -15.20 -28.48
N GLU C 62 -10.09 -14.34 -29.25
CA GLU C 62 -9.81 -14.26 -30.68
C GLU C 62 -8.42 -13.68 -30.88
N LEU C 63 -8.09 -12.63 -30.14
CA LEU C 63 -6.76 -12.04 -30.26
C LEU C 63 -5.68 -13.07 -29.91
N VAL C 64 -5.92 -13.89 -28.90
CA VAL C 64 -5.02 -14.98 -28.53
C VAL C 64 -4.88 -15.95 -29.69
N ASP C 65 -5.98 -16.37 -30.28
CA ASP C 65 -5.94 -17.27 -31.44
C ASP C 65 -5.07 -16.72 -32.54
N TRP C 66 -5.23 -15.43 -32.80
CA TRP C 66 -4.54 -14.73 -33.88
C TRP C 66 -3.08 -14.60 -33.60
N ILE C 67 -2.72 -14.42 -32.33
CA ILE C 67 -1.32 -14.42 -31.99
C ILE C 67 -0.69 -15.81 -32.27
N HIS C 68 -1.39 -16.87 -31.90
CA HIS C 68 -0.89 -18.22 -32.22
C HIS C 68 -0.69 -18.35 -33.70
N GLU C 69 -1.57 -17.74 -34.49
CA GLU C 69 -1.38 -17.82 -35.95
C GLU C 69 -0.13 -17.10 -36.39
N ALA C 70 0.02 -15.87 -35.92
CA ALA C 70 1.21 -15.11 -36.23
C ALA C 70 2.49 -15.85 -35.85
N ARG C 71 2.42 -16.54 -34.73
CA ARG C 71 3.59 -17.25 -34.21
C ARG C 71 4.14 -18.16 -35.26
N LEU C 72 3.26 -18.73 -36.09
CA LEU C 72 3.66 -19.70 -37.10
C LEU C 72 3.78 -19.14 -38.51
N ASN C 73 3.12 -18.03 -38.79
CA ASN C 73 2.91 -17.62 -40.16
C ASN C 73 3.38 -16.24 -40.53
N HIS C 74 3.73 -15.45 -39.53
CA HIS C 74 4.06 -14.04 -39.76
C HIS C 74 5.47 -13.65 -39.31
N CYS C 75 6.00 -12.53 -39.80
CA CYS C 75 7.36 -12.12 -39.49
C CYS C 75 7.43 -11.26 -38.25
N GLY C 76 6.28 -10.87 -37.72
CA GLY C 76 6.28 -10.07 -36.56
C GLY C 76 4.89 -9.63 -36.18
N ILE C 77 4.75 -8.98 -35.03
CA ILE C 77 3.45 -8.46 -34.58
C ILE C 77 3.56 -7.01 -34.14
N VAL C 78 2.66 -6.20 -34.68
CA VAL C 78 2.41 -4.86 -34.14
C VAL C 78 1.04 -5.03 -33.50
N ILE C 79 0.92 -4.70 -32.21
CA ILE C 79 -0.34 -4.87 -31.51
C ILE C 79 -0.72 -3.62 -30.74
N ASN C 80 -1.92 -3.13 -30.98
CA ASN C 80 -2.57 -2.18 -30.04
C ASN C 80 -3.68 -2.91 -29.26
N PRO C 81 -3.40 -3.43 -28.08
CA PRO C 81 -4.30 -4.32 -27.42
C PRO C 81 -5.47 -3.59 -26.83
N ALA C 82 -5.44 -2.25 -26.91
CA ALA C 82 -6.49 -1.37 -26.35
C ALA C 82 -6.75 -1.73 -24.89
N ALA C 83 -8.01 -1.89 -24.47
CA ALA C 83 -8.26 -2.15 -23.07
C ALA C 83 -7.54 -3.37 -22.52
N TYR C 84 -7.44 -4.38 -23.35
CA TYR C 84 -6.81 -5.61 -22.90
C TYR C 84 -5.35 -5.41 -22.52
N SER C 85 -4.75 -4.27 -22.88
CA SER C 85 -3.37 -3.98 -22.47
C SER C 85 -3.29 -3.99 -20.95
N HIS C 86 -4.34 -3.46 -20.35
CA HIS C 86 -4.36 -3.26 -18.90
C HIS C 86 -4.87 -4.49 -18.16
N THR C 87 -5.56 -5.40 -18.85
CA THR C 87 -6.22 -6.52 -18.14
C THR C 87 -5.79 -7.92 -18.52
N SER C 88 -5.15 -8.06 -19.66
CA SER C 88 -5.03 -9.41 -20.25
C SER C 88 -3.66 -10.08 -20.04
N VAL C 89 -3.56 -10.92 -19.01
CA VAL C 89 -2.47 -11.84 -18.89
C VAL C 89 -2.53 -12.88 -19.99
N ALA C 90 -3.73 -13.20 -20.46
CA ALA C 90 -3.81 -14.23 -21.50
C ALA C 90 -3.06 -13.78 -22.75
N ILE C 91 -3.19 -12.53 -23.12
CA ILE C 91 -2.53 -12.00 -24.33
C ILE C 91 -1.04 -11.91 -24.11
N LEU C 92 -0.63 -11.47 -22.94
CA LEU C 92 0.75 -11.55 -22.58
C LEU C 92 1.28 -12.98 -22.72
N ASP C 93 0.61 -13.96 -22.14
CA ASP C 93 1.07 -15.36 -22.28
C ASP C 93 1.16 -15.75 -23.73
N ALA C 94 0.20 -15.35 -24.58
CA ALA C 94 0.28 -15.74 -25.96
C ALA C 94 1.52 -15.18 -26.63
N LEU C 95 1.78 -13.90 -26.39
CA LEU C 95 2.99 -13.26 -26.96
C LEU C 95 4.23 -13.96 -26.48
N ASN C 96 4.21 -14.43 -25.23
CA ASN C 96 5.36 -15.08 -24.65
C ASN C 96 5.64 -16.39 -25.40
N THR C 97 4.63 -17.01 -26.02
CA THR C 97 4.86 -18.22 -26.76
C THR C 97 5.59 -17.96 -28.07
N CYS C 98 5.66 -16.69 -28.48
CA CYS C 98 6.22 -16.32 -29.82
C CYS C 98 7.74 -16.16 -29.76
N ASP C 99 8.42 -17.25 -29.47
CA ASP C 99 9.88 -17.15 -29.20
C ASP C 99 10.58 -16.61 -30.41
N GLY C 100 11.37 -15.56 -30.22
CA GLY C 100 12.15 -15.01 -31.32
C GLY C 100 11.42 -14.02 -32.24
N LEU C 101 10.13 -13.84 -32.05
CA LEU C 101 9.35 -13.03 -32.96
C LEU C 101 9.41 -11.61 -32.48
N PRO C 102 9.67 -10.63 -33.36
CA PRO C 102 9.58 -9.26 -32.93
C PRO C 102 8.15 -8.85 -32.66
N VAL C 103 7.96 -8.12 -31.54
CA VAL C 103 6.64 -7.61 -31.10
C VAL C 103 6.78 -6.14 -30.72
N VAL C 104 5.94 -5.26 -31.29
CA VAL C 104 5.87 -3.87 -30.89
C VAL C 104 4.46 -3.57 -30.44
N GLU C 105 4.36 -2.98 -29.26
CA GLU C 105 3.09 -2.58 -28.72
C GLU C 105 2.84 -1.11 -29.02
N VAL C 106 1.67 -0.80 -29.52
CA VAL C 106 1.34 0.62 -29.89
C VAL C 106 0.11 1.10 -29.13
N HIS C 107 0.18 2.31 -28.59
CA HIS C 107 -0.98 3.06 -28.10
C HIS C 107 -1.01 4.33 -28.74
N ILE C 108 -2.17 4.69 -29.26
CA ILE C 108 -2.35 5.96 -29.92
C ILE C 108 -2.23 7.14 -28.99
N SER C 109 -2.95 7.05 -27.90
CA SER C 109 -2.81 8.03 -26.83
C SER C 109 -1.65 7.75 -25.90
N ASN C 110 -1.15 8.78 -25.19
CA ASN C 110 -0.08 8.55 -24.22
C ASN C 110 -0.74 8.12 -22.89
N ILE C 111 -0.82 6.82 -22.67
CA ILE C 111 -1.56 6.28 -21.57
C ILE C 111 -1.05 6.80 -20.24
N HIS C 112 0.18 7.25 -20.20
CA HIS C 112 0.83 7.68 -18.91
C HIS C 112 0.23 8.98 -18.46
N GLN C 113 -0.57 9.62 -19.32
CA GLN C 113 -1.20 10.91 -19.02
C GLN C 113 -2.67 10.78 -18.72
N ARG C 114 -3.13 9.54 -18.70
CA ARG C 114 -4.54 9.24 -18.52
C ARG C 114 -4.83 8.71 -17.13
N GLU C 115 -5.97 8.06 -16.96
CA GLU C 115 -6.31 7.49 -15.66
C GLU C 115 -5.25 6.50 -15.14
N PRO C 116 -5.01 6.42 -13.83
CA PRO C 116 -4.01 5.55 -13.29
C PRO C 116 -4.11 4.09 -13.75
N PHE C 117 -5.31 3.52 -13.89
CA PHE C 117 -5.41 2.12 -14.31
C PHE C 117 -4.90 1.92 -15.75
N ARG C 118 -4.87 3.00 -16.52
CA ARG C 118 -4.35 2.91 -17.89
C ARG C 118 -2.82 2.99 -17.94
N HIS C 119 -2.16 3.32 -16.83
CA HIS C 119 -0.68 3.42 -16.90
C HIS C 119 0.07 2.13 -17.09
N HIS C 120 -0.52 1.03 -16.68
CA HIS C 120 0.20 -0.24 -16.69
C HIS C 120 -0.30 -1.11 -17.79
N SER C 121 0.62 -1.82 -18.42
CA SER C 121 0.28 -2.79 -19.49
C SER C 121 0.95 -4.09 -19.26
N TYR C 122 0.21 -5.19 -19.28
CA TYR C 122 0.81 -6.50 -19.24
C TYR C 122 1.56 -6.80 -20.50
N VAL C 123 1.07 -6.35 -21.65
CA VAL C 123 1.75 -6.58 -22.91
C VAL C 123 3.15 -6.03 -22.95
N SER C 124 3.41 -4.94 -22.26
CA SER C 124 4.74 -4.32 -22.29
C SER C 124 5.79 -5.15 -21.60
N GLN C 125 5.38 -6.16 -20.83
CA GLN C 125 6.31 -7.11 -20.25
C GLN C 125 6.90 -8.10 -21.24
N ARG C 126 6.30 -8.22 -22.44
CA ARG C 126 6.87 -9.07 -23.48
C ARG C 126 7.23 -8.28 -24.72
N ALA C 127 6.44 -7.25 -25.08
CA ALA C 127 6.71 -6.49 -26.30
C ALA C 127 8.16 -6.04 -26.29
N ASP C 128 8.82 -6.18 -27.40
CA ASP C 128 10.19 -5.76 -27.48
C ASP C 128 10.23 -4.24 -27.38
N GLY C 129 9.38 -3.58 -28.16
CA GLY C 129 9.30 -2.13 -28.16
C GLY C 129 7.90 -1.69 -27.81
N VAL C 130 7.79 -0.50 -27.22
CA VAL C 130 6.49 0.03 -26.84
C VAL C 130 6.42 1.46 -27.24
N VAL C 131 5.43 1.80 -28.08
CA VAL C 131 5.28 3.18 -28.51
C VAL C 131 3.97 3.74 -28.04
N ALA C 132 3.93 4.90 -27.36
CA ALA C 132 2.71 5.43 -26.80
C ALA C 132 2.63 6.94 -27.14
N GLY C 133 1.49 7.39 -27.53
CA GLY C 133 1.26 8.78 -27.70
C GLY C 133 1.78 9.43 -28.97
N CYS C 134 2.14 8.62 -29.97
CA CYS C 134 2.59 9.13 -31.24
C CYS C 134 1.48 9.14 -32.23
N GLY C 135 0.25 9.11 -31.75
CA GLY C 135 -0.87 9.11 -32.71
C GLY C 135 -0.91 7.81 -33.50
N VAL C 136 -1.60 7.83 -34.63
CA VAL C 136 -1.60 6.68 -35.48
C VAL C 136 -0.25 6.46 -36.16
N GLN C 137 0.57 7.47 -36.19
CA GLN C 137 1.94 7.31 -36.73
C GLN C 137 2.71 6.29 -35.88
N GLY C 138 2.29 6.02 -34.64
CA GLY C 138 2.97 5.01 -33.85
C GLY C 138 2.87 3.61 -34.52
N TYR C 139 1.82 3.36 -35.30
CA TYR C 139 1.72 2.08 -36.01
C TYR C 139 2.80 2.02 -37.08
N VAL C 140 3.08 3.17 -37.69
CA VAL C 140 4.14 3.28 -38.71
C VAL C 140 5.50 3.01 -38.09
N PHE C 141 5.74 3.51 -36.88
CA PHE C 141 6.97 3.17 -36.13
C PHE C 141 7.02 1.69 -35.84
N GLY C 142 5.89 1.10 -35.43
CA GLY C 142 5.87 -0.33 -35.23
C GLY C 142 6.34 -1.05 -36.42
N VAL C 143 5.76 -0.74 -37.62
CA VAL C 143 6.16 -1.41 -38.82
C VAL C 143 7.67 -1.19 -39.14
N GLU C 144 8.11 0.05 -38.97
CA GLU C 144 9.51 0.38 -39.21
C GLU C 144 10.42 -0.44 -38.28
N ARG C 145 10.00 -0.65 -37.02
CA ARG C 145 10.83 -1.40 -36.12
C ARG C 145 10.85 -2.87 -36.51
N ILE C 146 9.69 -3.44 -36.86
CA ILE C 146 9.72 -4.87 -37.27
C ILE C 146 10.62 -5.05 -38.49
N ALA C 147 10.54 -4.13 -39.41
CA ALA C 147 11.32 -4.25 -40.67
C ALA C 147 12.80 -4.26 -40.32
N ALA C 148 13.17 -3.46 -39.34
CA ALA C 148 14.54 -3.35 -38.84
C ALA C 148 14.99 -4.65 -38.19
N LEU C 149 14.10 -5.27 -37.44
CA LEU C 149 14.44 -6.47 -36.73
C LEU C 149 14.30 -7.73 -37.56
N ALA C 150 13.40 -7.70 -38.52
CA ALA C 150 13.07 -8.93 -39.26
C ALA C 150 13.87 -8.99 -40.52
N GLY C 151 14.62 -7.93 -40.75
CA GLY C 151 15.68 -7.98 -41.78
C GLY C 151 17.07 -8.14 -41.14
N ARG D 3 -42.85 -2.09 11.03
CA ARG D 3 -43.93 -1.14 10.63
C ARG D 3 -44.14 -1.19 9.14
N SER D 4 -45.36 -0.92 8.72
CA SER D 4 -45.76 -0.83 7.34
C SER D 4 -45.75 0.59 6.90
N LEU D 5 -45.82 0.78 5.59
CA LEU D 5 -45.98 2.09 5.01
C LEU D 5 -47.27 2.72 5.49
N ALA D 6 -48.27 1.88 5.71
CA ALA D 6 -49.59 2.36 6.13
C ALA D 6 -49.57 2.95 7.53
N ASN D 7 -48.73 2.40 8.37
CA ASN D 7 -48.68 2.71 9.80
C ASN D 7 -47.71 3.78 10.25
N ALA D 8 -46.69 4.07 9.45
CA ALA D 8 -45.65 4.96 9.92
C ALA D 8 -44.93 5.60 8.73
N PRO D 9 -44.40 6.81 8.92
CA PRO D 9 -43.67 7.51 7.86
C PRO D 9 -42.33 6.87 7.53
N ILE D 10 -41.87 7.08 6.30
CA ILE D 10 -40.46 6.79 5.91
C ILE D 10 -39.65 7.96 6.37
N MET D 11 -38.56 7.71 7.06
CA MET D 11 -37.66 8.78 7.45
C MET D 11 -36.69 9.03 6.32
N ILE D 12 -36.61 10.27 5.89
CA ILE D 12 -35.69 10.63 4.82
C ILE D 12 -34.76 11.62 5.44
N LEU D 13 -33.50 11.17 5.60
CA LEU D 13 -32.47 11.94 6.28
C LEU D 13 -31.42 12.47 5.30
N ASN D 14 -31.04 13.75 5.45
CA ASN D 14 -30.05 14.44 4.59
C ASN D 14 -28.93 15.00 5.44
N GLY D 15 -27.70 14.73 5.03
CA GLY D 15 -26.52 15.19 5.75
C GLY D 15 -26.05 16.59 5.46
N PRO D 16 -24.84 16.90 5.86
CA PRO D 16 -24.39 18.28 5.81
C PRO D 16 -24.33 18.87 4.43
N ASN D 17 -24.60 20.15 4.44
CA ASN D 17 -24.53 21.02 3.30
C ASN D 17 -25.69 20.89 2.34
N LEU D 18 -26.49 19.84 2.45
CA LEU D 18 -27.57 19.64 1.51
C LEU D 18 -28.61 20.70 1.62
N ASN D 19 -28.61 21.43 2.73
CA ASN D 19 -29.48 22.58 2.82
C ASN D 19 -29.25 23.56 1.66
N LEU D 20 -28.06 23.54 1.05
CA LEU D 20 -27.77 24.52 -0.01
C LEU D 20 -27.98 23.92 -1.40
N LEU D 21 -28.60 22.73 -1.46
CA LEU D 21 -28.83 22.13 -2.76
C LEU D 21 -29.54 23.14 -3.66
N GLY D 22 -29.12 23.17 -4.92
CA GLY D 22 -29.74 23.96 -5.94
C GLY D 22 -28.97 25.26 -6.15
N GLN D 23 -28.15 25.63 -5.19
CA GLN D 23 -27.55 26.96 -5.21
C GLN D 23 -26.26 27.03 -6.01
N ARG D 24 -25.69 25.88 -6.39
CA ARG D 24 -24.44 25.83 -7.13
C ARG D 24 -24.27 24.43 -7.78
N GLN D 25 -23.30 24.34 -8.68
CA GLN D 25 -23.00 23.07 -9.37
C GLN D 25 -24.20 22.29 -9.94
N PRO D 26 -25.08 22.99 -10.64
CA PRO D 26 -26.27 22.33 -11.19
C PRO D 26 -25.96 21.20 -12.15
N GLU D 27 -24.78 21.25 -12.78
CA GLU D 27 -24.44 20.23 -13.76
C GLU D 27 -24.17 18.90 -13.06
N ILE D 28 -23.88 18.97 -11.77
CA ILE D 28 -23.61 17.76 -11.01
C ILE D 28 -24.81 17.40 -10.16
N TYR D 29 -25.42 18.41 -9.54
CA TYR D 29 -26.48 18.15 -8.54
C TYR D 29 -27.89 18.59 -8.93
N GLY D 30 -28.01 19.25 -10.06
CA GLY D 30 -29.32 19.72 -10.49
C GLY D 30 -29.68 21.07 -9.92
N SER D 31 -30.85 21.57 -10.31
CA SER D 31 -31.24 22.91 -9.97
C SER D 31 -32.38 22.89 -8.95
N ASP D 32 -32.84 21.70 -8.56
CA ASP D 32 -33.84 21.62 -7.49
C ASP D 32 -33.21 21.98 -6.15
N THR D 33 -34.01 22.59 -5.29
CA THR D 33 -33.61 22.86 -3.91
C THR D 33 -34.03 21.71 -3.00
N LEU D 34 -33.64 21.77 -1.73
CA LEU D 34 -33.92 20.65 -0.87
C LEU D 34 -35.41 20.61 -0.65
N ALA D 35 -36.06 21.78 -0.61
CA ALA D 35 -37.52 21.81 -0.47
C ALA D 35 -38.22 21.17 -1.65
N ASP D 36 -37.67 21.35 -2.82
CA ASP D 36 -38.20 20.69 -4.02
C ASP D 36 -38.02 19.16 -3.92
N VAL D 37 -36.89 18.71 -3.36
CA VAL D 37 -36.69 17.28 -3.12
C VAL D 37 -37.73 16.75 -2.14
N GLU D 38 -37.93 17.46 -1.06
CA GLU D 38 -38.91 17.05 -0.07
C GLU D 38 -40.27 16.86 -0.75
N ALA D 39 -40.64 17.81 -1.60
CA ALA D 39 -41.94 17.72 -2.22
C ALA D 39 -42.05 16.52 -3.14
N LEU D 40 -40.95 16.20 -3.82
CA LEU D 40 -40.88 15.02 -4.66
C LEU D 40 -41.05 13.75 -3.87
N CYS D 41 -40.44 13.69 -2.66
CA CYS D 41 -40.54 12.53 -1.81
C CYS D 41 -41.97 12.39 -1.30
N VAL D 42 -42.59 13.49 -0.93
CA VAL D 42 -43.99 13.47 -0.47
C VAL D 42 -44.90 12.80 -1.53
N LYS D 43 -44.71 13.18 -2.76
CA LYS D 43 -45.55 12.67 -3.85
C LYS D 43 -45.18 11.23 -4.18
N ALA D 44 -43.90 10.90 -4.18
CA ALA D 44 -43.50 9.48 -4.35
C ALA D 44 -44.08 8.57 -3.27
N ALA D 45 -44.00 9.00 -2.04
CA ALA D 45 -44.51 8.13 -1.02
C ALA D 45 -46.04 8.02 -1.17
N ALA D 46 -46.71 9.12 -1.45
CA ALA D 46 -48.16 9.11 -1.57
C ALA D 46 -48.61 8.21 -2.71
N ALA D 47 -47.78 8.15 -3.74
CA ALA D 47 -48.00 7.30 -4.90
C ALA D 47 -47.99 5.85 -4.53
N HIS D 48 -47.46 5.52 -3.34
CA HIS D 48 -47.41 4.14 -2.83
C HIS D 48 -48.09 3.94 -1.45
N GLY D 49 -48.87 4.93 -1.03
CA GLY D 49 -49.77 4.88 0.15
C GLY D 49 -49.02 5.16 1.44
N GLY D 50 -47.91 5.89 1.33
CA GLY D 50 -47.11 6.21 2.52
C GLY D 50 -46.92 7.68 2.67
N THR D 51 -46.17 8.06 3.71
CA THR D 51 -45.86 9.40 4.06
C THR D 51 -44.37 9.45 4.39
N VAL D 52 -43.84 10.66 4.50
CA VAL D 52 -42.41 10.89 4.80
C VAL D 52 -42.23 11.87 5.94
N ASP D 53 -41.10 11.72 6.62
CA ASP D 53 -40.62 12.62 7.65
C ASP D 53 -39.28 13.01 7.15
N PHE D 54 -39.20 14.20 6.55
CA PHE D 54 -37.98 14.64 5.81
C PHE D 54 -37.16 15.66 6.64
N ARG D 55 -35.87 15.36 6.84
CA ARG D 55 -35.04 16.17 7.74
C ARG D 55 -33.64 16.35 7.21
N GLN D 56 -32.99 17.41 7.64
CA GLN D 56 -31.62 17.71 7.23
C GLN D 56 -30.88 18.25 8.39
N SER D 57 -29.63 17.85 8.53
CA SER D 57 -28.73 18.39 9.55
C SER D 57 -27.27 18.37 9.10
N ASN D 58 -26.47 19.33 9.62
CA ASN D 58 -25.02 19.38 9.42
C ASN D 58 -24.26 18.64 10.57
N HIS D 59 -24.99 18.15 11.56
CA HIS D 59 -24.41 17.54 12.74
C HIS D 59 -24.53 16.02 12.73
N GLU D 60 -23.39 15.35 12.78
CA GLU D 60 -23.31 13.88 12.83
C GLU D 60 -24.14 13.32 13.98
N GLY D 61 -23.97 13.85 15.22
CA GLY D 61 -24.71 13.32 16.38
C GLY D 61 -26.21 13.49 16.23
N GLU D 62 -26.63 14.53 15.57
CA GLU D 62 -28.09 14.72 15.38
C GLU D 62 -28.67 13.65 14.44
N LEU D 63 -27.94 13.37 13.41
CA LEU D 63 -28.32 12.29 12.48
C LEU D 63 -28.37 10.93 13.18
N VAL D 64 -27.42 10.67 14.08
CA VAL D 64 -27.46 9.42 14.86
C VAL D 64 -28.72 9.42 15.72
N ASP D 65 -29.03 10.54 16.41
CA ASP D 65 -30.23 10.64 17.26
C ASP D 65 -31.49 10.39 16.40
N TRP D 66 -31.52 10.97 15.22
CA TRP D 66 -32.68 10.75 14.31
C TRP D 66 -32.80 9.36 13.84
N ILE D 67 -31.69 8.71 13.60
CA ILE D 67 -31.72 7.29 13.25
C ILE D 67 -32.28 6.40 14.39
N HIS D 68 -31.93 6.70 15.65
CA HIS D 68 -32.47 5.98 16.76
C HIS D 68 -34.00 6.21 16.82
N GLU D 69 -34.48 7.41 16.51
CA GLU D 69 -35.89 7.69 16.50
C GLU D 69 -36.58 6.86 15.42
N ALA D 70 -36.01 6.83 14.22
CA ALA D 70 -36.55 6.04 13.13
C ALA D 70 -36.65 4.59 13.48
N ARG D 71 -35.65 4.08 14.18
CA ARG D 71 -35.59 2.69 14.55
C ARG D 71 -36.90 2.30 15.27
N LEU D 72 -37.43 3.18 16.06
CA LEU D 72 -38.61 2.87 16.86
C LEU D 72 -39.91 3.29 16.20
N ASN D 73 -39.87 4.33 15.37
CA ASN D 73 -41.08 5.00 14.92
C ASN D 73 -41.37 5.04 13.43
N HIS D 74 -40.47 4.54 12.59
CA HIS D 74 -40.63 4.73 11.16
C HIS D 74 -40.55 3.42 10.41
N CYS D 75 -41.01 3.37 9.16
CA CYS D 75 -41.04 2.13 8.45
C CYS D 75 -39.79 1.86 7.60
N GLY D 76 -38.95 2.87 7.52
CA GLY D 76 -37.74 2.72 6.77
C GLY D 76 -36.95 3.96 6.77
N ILE D 77 -35.75 3.92 6.21
CA ILE D 77 -34.89 5.11 6.12
C ILE D 77 -34.34 5.23 4.72
N VAL D 78 -34.51 6.39 4.12
CA VAL D 78 -33.76 6.80 2.95
C VAL D 78 -32.80 7.84 3.43
N ILE D 79 -31.50 7.63 3.24
CA ILE D 79 -30.51 8.58 3.76
C ILE D 79 -29.45 8.97 2.70
N ASN D 80 -29.29 10.27 2.55
CA ASN D 80 -28.16 10.82 1.83
C ASN D 80 -27.29 11.43 2.90
N PRO D 81 -26.26 10.73 3.28
CA PRO D 81 -25.39 11.11 4.41
C PRO D 81 -24.40 12.25 4.02
N ALA D 82 -24.38 12.60 2.74
CA ALA D 82 -23.47 13.55 2.20
C ALA D 82 -22.04 13.26 2.65
N ALA D 83 -21.30 14.26 3.14
CA ALA D 83 -19.88 14.01 3.53
C ALA D 83 -19.69 12.95 4.56
N TYR D 84 -20.68 12.75 5.44
CA TYR D 84 -20.57 11.75 6.50
C TYR D 84 -20.62 10.35 5.91
N SER D 85 -21.04 10.18 4.66
CA SER D 85 -20.88 8.87 4.00
C SER D 85 -19.44 8.36 4.12
N HIS D 86 -18.51 9.27 3.93
CA HIS D 86 -17.15 8.94 3.74
C HIS D 86 -16.42 8.85 5.07
N THR D 87 -16.97 9.44 6.11
CA THR D 87 -16.22 9.59 7.40
C THR D 87 -16.92 8.97 8.61
N SER D 88 -18.22 8.71 8.52
CA SER D 88 -18.94 8.41 9.80
C SER D 88 -19.21 6.98 10.08
N VAL D 89 -18.32 6.38 10.85
CA VAL D 89 -18.59 5.08 11.39
C VAL D 89 -19.75 5.16 12.38
N ALA D 90 -19.95 6.33 13.00
CA ALA D 90 -21.00 6.53 14.01
C ALA D 90 -22.39 6.31 13.34
N ILE D 91 -22.56 6.83 12.12
CA ILE D 91 -23.84 6.71 11.40
C ILE D 91 -24.01 5.27 10.91
N LEU D 92 -22.93 4.64 10.46
CA LEU D 92 -23.00 3.23 10.19
C LEU D 92 -23.50 2.44 11.41
N ASP D 93 -22.85 2.62 12.57
CA ASP D 93 -23.18 1.89 13.76
C ASP D 93 -24.64 2.16 14.15
N ALA D 94 -25.13 3.41 13.97
CA ALA D 94 -26.55 3.65 14.26
C ALA D 94 -27.47 2.86 13.35
N LEU D 95 -27.15 2.86 12.06
CA LEU D 95 -27.98 2.12 11.12
C LEU D 95 -27.92 0.64 11.44
N ASN D 96 -26.77 0.19 11.88
CA ASN D 96 -26.62 -1.23 12.31
C ASN D 96 -27.57 -1.63 13.47
N THR D 97 -27.97 -0.69 14.30
CA THR D 97 -28.94 -0.96 15.38
C THR D 97 -30.35 -1.14 14.91
N CYS D 98 -30.59 -0.84 13.64
CA CYS D 98 -31.94 -0.85 13.07
C CYS D 98 -32.28 -2.20 12.51
N ASP D 99 -32.24 -3.21 13.36
CA ASP D 99 -32.44 -4.61 12.96
C ASP D 99 -33.75 -4.80 12.23
N GLY D 100 -33.68 -5.34 11.02
CA GLY D 100 -34.88 -5.53 10.20
C GLY D 100 -35.43 -4.37 9.40
N LEU D 101 -34.94 -3.15 9.66
CA LEU D 101 -35.50 -1.96 9.07
C LEU D 101 -34.93 -1.74 7.65
N PRO D 102 -35.75 -1.48 6.64
CA PRO D 102 -35.12 -1.24 5.36
C PRO D 102 -34.42 0.13 5.29
N VAL D 103 -33.25 0.14 4.67
CA VAL D 103 -32.42 1.35 4.55
C VAL D 103 -31.89 1.44 3.14
N VAL D 104 -32.09 2.60 2.54
CA VAL D 104 -31.52 2.87 1.23
C VAL D 104 -30.72 4.13 1.27
N GLU D 105 -29.49 4.04 0.78
CA GLU D 105 -28.52 5.16 0.69
C GLU D 105 -28.66 5.77 -0.68
N VAL D 106 -28.71 7.09 -0.69
CA VAL D 106 -28.78 7.86 -1.92
C VAL D 106 -27.73 8.95 -2.02
N HIS D 107 -27.10 9.01 -3.18
CA HIS D 107 -26.22 10.11 -3.55
C HIS D 107 -26.71 10.67 -4.84
N ILE D 108 -26.87 11.97 -4.87
CA ILE D 108 -27.39 12.62 -6.06
C ILE D 108 -26.37 12.49 -7.21
N SER D 109 -25.09 12.69 -6.89
CA SER D 109 -23.99 12.62 -7.84
C SER D 109 -23.43 11.22 -7.87
N ASN D 110 -22.78 10.86 -8.96
CA ASN D 110 -22.16 9.54 -9.01
C ASN D 110 -20.81 9.66 -8.38
N ILE D 111 -20.75 9.27 -7.10
CA ILE D 111 -19.50 9.41 -6.30
C ILE D 111 -18.31 8.68 -6.90
N HIS D 112 -18.54 7.67 -7.73
CA HIS D 112 -17.46 6.89 -8.33
C HIS D 112 -16.73 7.63 -9.42
N GLN D 113 -17.27 8.76 -9.84
CA GLN D 113 -16.65 9.52 -10.92
C GLN D 113 -15.98 10.73 -10.31
N ARG D 114 -16.00 10.85 -8.98
CA ARG D 114 -15.46 12.04 -8.33
C ARG D 114 -14.09 11.75 -7.66
N GLU D 115 -13.69 12.57 -6.70
CA GLU D 115 -12.38 12.38 -6.03
C GLU D 115 -12.30 11.03 -5.35
N PRO D 116 -11.14 10.40 -5.37
CA PRO D 116 -11.00 9.05 -4.82
C PRO D 116 -11.54 8.90 -3.41
N PHE D 117 -11.40 9.89 -2.53
CA PHE D 117 -11.90 9.68 -1.17
C PHE D 117 -13.43 9.57 -1.13
N ARG D 118 -14.06 10.09 -2.17
CA ARG D 118 -15.49 10.07 -2.24
C ARG D 118 -16.00 8.72 -2.74
N HIS D 119 -15.09 7.85 -3.16
CA HIS D 119 -15.53 6.56 -3.69
C HIS D 119 -16.10 5.63 -2.63
N HIS D 120 -15.70 5.83 -1.39
CA HIS D 120 -16.04 4.88 -0.34
C HIS D 120 -17.05 5.46 0.57
N SER D 121 -17.98 4.60 0.99
CA SER D 121 -19.03 4.94 1.94
C SER D 121 -19.17 3.92 3.04
N TYR D 122 -19.00 4.33 4.30
CA TYR D 122 -19.28 3.45 5.41
C TYR D 122 -20.77 3.04 5.43
N VAL D 123 -21.63 3.96 5.03
CA VAL D 123 -23.05 3.70 5.12
C VAL D 123 -23.45 2.53 4.25
N SER D 124 -22.73 2.34 3.13
CA SER D 124 -23.08 1.29 2.20
C SER D 124 -22.81 -0.10 2.76
N GLN D 125 -22.02 -0.19 3.83
CA GLN D 125 -21.79 -1.42 4.52
C GLN D 125 -23.02 -1.99 5.25
N ARG D 126 -24.02 -1.15 5.51
CA ARG D 126 -25.30 -1.55 6.13
C ARG D 126 -26.51 -1.30 5.19
N ALA D 127 -26.46 -0.22 4.41
CA ALA D 127 -27.61 0.07 3.59
C ALA D 127 -27.94 -1.08 2.77
N ASP D 128 -29.21 -1.42 2.73
CA ASP D 128 -29.61 -2.56 1.98
C ASP D 128 -29.36 -2.30 0.48
N GLY D 129 -29.82 -1.10 0.06
CA GLY D 129 -29.65 -0.54 -1.28
C GLY D 129 -28.87 0.75 -1.33
N VAL D 130 -28.09 0.94 -2.40
CA VAL D 130 -27.36 2.17 -2.60
C VAL D 130 -27.57 2.67 -4.02
N VAL D 131 -28.01 3.90 -4.14
CA VAL D 131 -28.36 4.48 -5.45
C VAL D 131 -27.48 5.70 -5.57
N ALA D 132 -26.69 5.78 -6.65
CA ALA D 132 -25.78 6.92 -6.85
C ALA D 132 -25.91 7.42 -8.28
N GLY D 133 -25.87 8.74 -8.45
CA GLY D 133 -25.77 9.36 -9.84
C GLY D 133 -27.12 9.38 -10.57
N CYS D 134 -28.20 9.11 -9.86
CA CYS D 134 -29.50 9.18 -10.50
C CYS D 134 -30.14 10.50 -10.27
N GLY D 135 -29.37 11.48 -9.86
CA GLY D 135 -29.96 12.77 -9.50
C GLY D 135 -30.91 12.72 -8.32
N VAL D 136 -31.77 13.71 -8.18
CA VAL D 136 -32.78 13.72 -7.12
C VAL D 136 -33.77 12.60 -7.31
N GLN D 137 -33.96 12.11 -8.54
CA GLN D 137 -34.79 10.90 -8.76
C GLN D 137 -34.32 9.72 -7.92
N GLY D 138 -33.06 9.70 -7.47
CA GLY D 138 -32.58 8.66 -6.55
C GLY D 138 -33.35 8.60 -5.27
N TYR D 139 -33.80 9.75 -4.80
CA TYR D 139 -34.71 9.76 -3.63
C TYR D 139 -35.97 8.99 -3.90
N VAL D 140 -36.54 9.16 -5.11
CA VAL D 140 -37.77 8.46 -5.47
C VAL D 140 -37.55 6.93 -5.56
N PHE D 141 -36.43 6.52 -6.08
CA PHE D 141 -36.02 5.12 -6.05
C PHE D 141 -35.93 4.65 -4.63
N GLY D 142 -35.34 5.44 -3.75
CA GLY D 142 -35.32 5.03 -2.34
C GLY D 142 -36.69 4.77 -1.76
N VAL D 143 -37.58 5.70 -1.98
CA VAL D 143 -38.91 5.58 -1.48
C VAL D 143 -39.60 4.41 -2.12
N GLU D 144 -39.39 4.22 -3.41
CA GLU D 144 -40.01 3.09 -4.08
C GLU D 144 -39.51 1.78 -3.50
N ARG D 145 -38.22 1.73 -3.13
CA ARG D 145 -37.65 0.46 -2.59
C ARG D 145 -38.20 0.17 -1.20
N ILE D 146 -38.30 1.21 -0.39
CA ILE D 146 -38.84 1.06 0.93
C ILE D 146 -40.28 0.56 0.84
N ALA D 147 -41.05 1.16 -0.05
CA ALA D 147 -42.45 0.76 -0.23
C ALA D 147 -42.54 -0.69 -0.64
N ALA D 148 -41.59 -1.15 -1.44
CA ALA D 148 -41.58 -2.59 -1.79
C ALA D 148 -41.19 -3.47 -0.62
N LEU D 149 -40.32 -3.01 0.26
CA LEU D 149 -39.78 -3.90 1.28
C LEU D 149 -40.65 -3.90 2.51
N ALA D 150 -41.25 -2.77 2.78
CA ALA D 150 -42.12 -2.65 3.92
C ALA D 150 -43.38 -3.41 3.55
N GLY D 151 -43.81 -3.31 2.30
CA GLY D 151 -44.80 -4.25 1.77
C GLY D 151 -44.50 -5.71 2.11
N ARG E 3 -17.92 40.27 -1.03
CA ARG E 3 -17.87 41.51 -0.21
C ARG E 3 -16.43 41.98 -0.07
N SER E 4 -16.25 43.26 0.25
CA SER E 4 -14.93 43.81 0.52
C SER E 4 -14.68 43.86 2.03
N LEU E 5 -13.45 44.15 2.43
CA LEU E 5 -13.13 44.31 3.87
C LEU E 5 -13.90 45.45 4.47
N ALA E 6 -14.19 46.45 3.65
CA ALA E 6 -14.82 47.66 4.18
C ALA E 6 -16.27 47.39 4.55
N ASN E 7 -16.90 46.44 3.85
CA ASN E 7 -18.32 46.21 3.97
C ASN E 7 -18.70 45.05 4.87
N ALA E 8 -17.74 44.12 5.15
CA ALA E 8 -18.09 42.89 5.84
C ALA E 8 -16.89 42.40 6.64
N PRO E 9 -17.10 41.73 7.78
CA PRO E 9 -15.98 41.21 8.54
C PRO E 9 -15.40 39.95 7.95
N ILE E 10 -14.15 39.69 8.32
CA ILE E 10 -13.52 38.45 8.02
C ILE E 10 -13.95 37.49 9.05
N MET E 11 -14.45 36.31 8.65
CA MET E 11 -14.78 35.30 9.65
C MET E 11 -13.51 34.54 9.99
N ILE E 12 -13.16 34.44 11.27
CA ILE E 12 -12.05 33.65 11.72
C ILE E 12 -12.59 32.50 12.59
N LEU E 13 -12.43 31.28 12.09
CA LEU E 13 -12.96 30.10 12.70
C LEU E 13 -11.90 29.21 13.29
N ASN E 14 -12.13 28.77 14.51
CA ASN E 14 -11.24 27.85 15.19
C ASN E 14 -11.94 26.58 15.62
N GLY E 15 -11.32 25.44 15.33
CA GLY E 15 -11.93 24.13 15.62
C GLY E 15 -11.61 23.62 17.01
N PRO E 16 -11.79 22.33 17.22
CA PRO E 16 -11.80 21.77 18.56
C PRO E 16 -10.54 21.96 19.36
N ASN E 17 -10.72 22.15 20.64
CA ASN E 17 -9.65 22.16 21.64
C ASN E 17 -8.81 23.47 21.68
N LEU E 18 -8.97 24.35 20.71
CA LEU E 18 -8.21 25.59 20.62
C LEU E 18 -8.66 26.59 21.68
N ASN E 19 -9.81 26.35 22.28
CA ASN E 19 -10.17 27.09 23.51
C ASN E 19 -9.10 26.99 24.64
N LEU E 20 -8.33 25.91 24.68
CA LEU E 20 -7.30 25.76 25.71
C LEU E 20 -5.91 26.23 25.26
N LEU E 21 -5.81 26.90 24.11
CA LEU E 21 -4.53 27.38 23.61
C LEU E 21 -3.86 28.18 24.68
N GLY E 22 -2.56 27.96 24.85
CA GLY E 22 -1.81 28.71 25.86
C GLY E 22 -1.56 27.94 27.14
N GLN E 23 -2.37 26.93 27.39
CA GLN E 23 -2.32 26.20 28.67
C GLN E 23 -1.35 25.03 28.73
N ARG E 24 -0.79 24.62 27.60
CA ARG E 24 0.18 23.52 27.54
C ARG E 24 0.97 23.52 26.21
N GLN E 25 2.03 22.74 26.14
CA GLN E 25 2.89 22.67 24.96
C GLN E 25 3.28 24.02 24.34
N PRO E 26 3.73 24.95 25.17
CA PRO E 26 4.14 26.22 24.63
C PRO E 26 5.26 26.11 23.60
N GLU E 27 6.09 25.06 23.66
CA GLU E 27 7.21 24.92 22.70
C GLU E 27 6.71 24.71 21.29
N ILE E 28 5.49 24.22 21.20
CA ILE E 28 4.89 23.92 19.92
C ILE E 28 3.90 25.01 19.55
N TYR E 29 3.08 25.43 20.52
CA TYR E 29 1.96 26.28 20.20
C TYR E 29 2.05 27.68 20.72
N GLY E 30 3.08 27.97 21.50
CA GLY E 30 3.20 29.32 22.04
C GLY E 30 2.42 29.45 23.34
N SER E 31 2.53 30.61 24.00
CA SER E 31 1.91 30.78 25.31
C SER E 31 0.83 31.85 25.25
N ASP E 32 0.51 32.30 24.04
CA ASP E 32 -0.67 33.11 23.81
C ASP E 32 -1.94 32.27 24.04
N THR E 33 -2.97 32.88 24.60
CA THR E 33 -4.28 32.25 24.71
C THR E 33 -5.13 32.54 23.45
N LEU E 34 -6.31 31.90 23.33
CA LEU E 34 -7.10 32.13 22.14
C LEU E 34 -7.62 33.58 22.14
N ALA E 35 -7.86 34.11 23.31
CA ALA E 35 -8.24 35.50 23.43
C ALA E 35 -7.14 36.43 22.93
N ASP E 36 -5.87 36.08 23.19
CA ASP E 36 -4.74 36.83 22.68
C ASP E 36 -4.72 36.77 21.15
N VAL E 37 -4.95 35.60 20.60
CA VAL E 37 -5.00 35.47 19.14
C VAL E 37 -6.14 36.35 18.55
N GLU E 38 -7.29 36.39 19.19
CA GLU E 38 -8.38 37.18 18.73
C GLU E 38 -7.94 38.61 18.66
N ALA E 39 -7.24 39.02 19.69
CA ALA E 39 -6.75 40.40 19.77
C ALA E 39 -5.76 40.72 18.65
N LEU E 40 -4.89 39.79 18.32
CA LEU E 40 -3.98 39.96 17.21
C LEU E 40 -4.70 40.06 15.89
N CYS E 41 -5.79 39.32 15.74
CA CYS E 41 -6.49 39.28 14.47
C CYS E 41 -7.21 40.62 14.30
N VAL E 42 -7.77 41.09 15.38
CA VAL E 42 -8.53 42.37 15.35
C VAL E 42 -7.60 43.51 14.95
N LYS E 43 -6.42 43.50 15.54
CA LYS E 43 -5.35 44.46 15.15
C LYS E 43 -4.95 44.27 13.70
N ALA E 44 -4.75 43.02 13.23
CA ALA E 44 -4.28 42.82 11.87
C ALA E 44 -5.30 43.27 10.90
N ALA E 45 -6.56 42.94 11.16
CA ALA E 45 -7.60 43.38 10.26
C ALA E 45 -7.69 44.88 10.17
N ALA E 46 -7.65 45.53 11.31
CA ALA E 46 -7.76 46.98 11.40
C ALA E 46 -6.65 47.63 10.60
N ALA E 47 -5.48 47.04 10.64
CA ALA E 47 -4.29 47.59 9.94
C ALA E 47 -4.47 47.51 8.43
N HIS E 48 -5.54 46.83 7.97
CA HIS E 48 -5.92 46.80 6.56
C HIS E 48 -7.36 47.26 6.30
N GLY E 49 -7.97 47.93 7.26
CA GLY E 49 -9.22 48.55 7.08
C GLY E 49 -10.40 47.61 7.20
N GLY E 50 -10.19 46.52 7.90
CA GLY E 50 -11.25 45.51 8.06
C GLY E 50 -11.51 45.17 9.51
N THR E 51 -12.49 44.30 9.73
CA THR E 51 -12.86 43.83 11.04
C THR E 51 -13.00 42.30 11.01
N VAL E 52 -13.05 41.69 12.18
CA VAL E 52 -13.14 40.26 12.26
C VAL E 52 -14.35 39.81 13.08
N ASP E 53 -14.76 38.55 12.84
CA ASP E 53 -15.82 37.88 13.59
C ASP E 53 -15.17 36.57 13.98
N PHE E 54 -14.67 36.50 15.20
CA PHE E 54 -13.80 35.42 15.64
C PHE E 54 -14.58 34.41 16.49
N ARG E 55 -14.50 33.12 16.14
CA ARG E 55 -15.31 32.15 16.82
C ARG E 55 -14.54 30.85 17.01
N GLN E 56 -14.94 30.10 18.03
CA GLN E 56 -14.32 28.75 18.29
C GLN E 56 -15.42 27.76 18.63
N SER E 57 -15.30 26.54 18.12
CA SER E 57 -16.25 25.52 18.52
C SER E 57 -15.58 24.13 18.47
N ASN E 58 -16.06 23.25 19.30
CA ASN E 58 -15.64 21.87 19.30
C ASN E 58 -16.47 20.96 18.41
N HIS E 59 -17.47 21.53 17.80
CA HIS E 59 -18.49 20.78 17.09
C HIS E 59 -18.39 20.95 15.59
N GLU E 60 -18.23 19.86 14.88
CA GLU E 60 -18.08 19.86 13.48
C GLU E 60 -19.27 20.48 12.76
N GLY E 61 -20.50 20.17 13.16
CA GLY E 61 -21.62 20.72 12.45
C GLY E 61 -21.85 22.16 12.80
N GLU E 62 -21.42 22.64 13.97
CA GLU E 62 -21.47 24.10 14.22
C GLU E 62 -20.50 24.92 13.30
N LEU E 63 -19.32 24.37 13.06
CA LEU E 63 -18.38 24.96 12.15
C LEU E 63 -18.98 25.00 10.75
N VAL E 64 -19.66 23.93 10.34
CA VAL E 64 -20.33 23.94 9.04
C VAL E 64 -21.41 25.02 8.98
N ASP E 65 -22.23 25.13 10.04
CA ASP E 65 -23.21 26.16 10.08
C ASP E 65 -22.56 27.56 9.92
N TRP E 66 -21.48 27.78 10.64
CA TRP E 66 -20.80 29.10 10.62
C TRP E 66 -20.14 29.41 9.26
N ILE E 67 -19.67 28.39 8.55
CA ILE E 67 -19.20 28.60 7.18
C ILE E 67 -20.40 28.98 6.25
N HIS E 68 -21.57 28.38 6.45
CA HIS E 68 -22.71 28.81 5.65
C HIS E 68 -23.03 30.24 5.92
N GLU E 69 -22.88 30.66 7.16
CA GLU E 69 -23.17 32.08 7.49
C GLU E 69 -22.15 32.99 6.84
N ALA E 70 -20.87 32.64 6.93
CA ALA E 70 -19.80 33.41 6.26
C ALA E 70 -20.08 33.53 4.77
N ARG E 71 -20.49 32.44 4.14
CA ARG E 71 -20.72 32.42 2.72
C ARG E 71 -21.58 33.60 2.31
N LEU E 72 -22.54 33.98 3.14
CA LEU E 72 -23.50 35.02 2.78
C LEU E 72 -23.14 36.36 3.37
N ASN E 73 -22.40 36.40 4.47
CA ASN E 73 -22.28 37.63 5.24
C ASN E 73 -20.87 38.16 5.44
N HIS E 74 -19.85 37.40 5.06
CA HIS E 74 -18.50 37.81 5.39
C HIS E 74 -17.62 37.96 4.16
N CYS E 75 -16.49 38.66 4.28
CA CYS E 75 -15.64 38.89 3.13
C CYS E 75 -14.63 37.81 2.87
N GLY E 76 -14.51 36.86 3.79
CA GLY E 76 -13.48 35.81 3.65
C GLY E 76 -13.48 34.95 4.89
N ILE E 77 -12.82 33.79 4.85
CA ILE E 77 -12.70 32.94 6.03
C ILE E 77 -11.21 32.65 6.29
N VAL E 78 -10.78 32.88 7.54
CA VAL E 78 -9.51 32.34 8.03
C VAL E 78 -9.92 31.25 8.99
N ILE E 79 -9.41 30.05 8.74
CA ILE E 79 -9.84 28.91 9.52
C ILE E 79 -8.70 28.01 10.01
N ASN E 80 -8.65 27.82 11.29
CA ASN E 80 -7.78 26.78 11.85
C ASN E 80 -8.71 25.64 12.26
N PRO E 81 -8.83 24.57 11.45
CA PRO E 81 -9.86 23.56 11.68
C PRO E 81 -9.44 22.55 12.78
N ALA E 82 -8.20 22.68 13.27
CA ALA E 82 -7.69 21.82 14.31
C ALA E 82 -7.84 20.40 13.91
N ALA E 83 -8.28 19.54 14.83
CA ALA E 83 -8.33 18.11 14.50
C ALA E 83 -9.20 17.85 13.30
N TYR E 84 -10.22 18.67 13.03
CA TYR E 84 -11.13 18.43 11.88
C TYR E 84 -10.48 18.67 10.54
N SER E 85 -9.27 19.25 10.52
CA SER E 85 -8.49 19.37 9.30
C SER E 85 -8.27 17.99 8.71
N HIS E 86 -8.05 17.02 9.57
CA HIS E 86 -7.57 15.69 9.16
C HIS E 86 -8.74 14.77 8.92
N THR E 87 -9.91 15.11 9.47
CA THR E 87 -11.05 14.17 9.48
C THR E 87 -12.29 14.60 8.71
N SER E 88 -12.47 15.91 8.53
CA SER E 88 -13.80 16.47 8.14
C SER E 88 -13.99 16.73 6.69
N VAL E 89 -14.56 15.78 6.00
CA VAL E 89 -15.00 16.04 4.64
C VAL E 89 -16.15 17.04 4.68
N ALA E 90 -16.91 17.08 5.77
CA ALA E 90 -18.06 17.96 5.88
C ALA E 90 -17.60 19.40 5.83
N ILE E 91 -16.53 19.74 6.50
CA ILE E 91 -16.05 21.16 6.45
C ILE E 91 -15.46 21.48 5.06
N LEU E 92 -14.80 20.50 4.47
CA LEU E 92 -14.31 20.72 3.07
C LEU E 92 -15.48 21.03 2.18
N ASP E 93 -16.57 20.24 2.29
CA ASP E 93 -17.76 20.45 1.44
C ASP E 93 -18.41 21.80 1.72
N ALA E 94 -18.40 22.21 2.98
CA ALA E 94 -18.97 23.47 3.36
C ALA E 94 -18.20 24.65 2.66
N LEU E 95 -16.90 24.56 2.72
CA LEU E 95 -16.04 25.58 2.12
C LEU E 95 -16.20 25.51 0.62
N ASN E 96 -16.39 24.31 0.06
CA ASN E 96 -16.63 24.26 -1.40
C ASN E 96 -17.84 25.07 -1.83
N THR E 97 -18.85 25.24 -0.98
CA THR E 97 -20.05 26.04 -1.38
C THR E 97 -19.79 27.51 -1.40
N CYS E 98 -18.63 27.91 -0.89
CA CYS E 98 -18.29 29.32 -0.79
C CYS E 98 -17.67 29.84 -2.08
N ASP E 99 -18.43 29.76 -3.16
CA ASP E 99 -17.90 30.12 -4.48
C ASP E 99 -17.35 31.49 -4.49
N GLY E 100 -16.10 31.63 -4.92
CA GLY E 100 -15.47 32.92 -5.00
C GLY E 100 -14.93 33.51 -3.72
N LEU E 101 -15.26 32.93 -2.56
CA LEU E 101 -14.83 33.55 -1.29
C LEU E 101 -13.39 33.18 -1.01
N PRO E 102 -12.55 34.11 -0.60
CA PRO E 102 -11.21 33.75 -0.21
C PRO E 102 -11.20 33.00 1.11
N VAL E 103 -10.40 31.92 1.14
CA VAL E 103 -10.24 31.06 2.33
C VAL E 103 -8.80 30.76 2.53
N VAL E 104 -8.34 30.99 3.75
CA VAL E 104 -6.98 30.65 4.17
C VAL E 104 -7.05 29.72 5.40
N GLU E 105 -6.43 28.58 5.29
CA GLU E 105 -6.27 27.67 6.41
C GLU E 105 -4.95 27.96 7.16
N VAL E 106 -5.02 27.97 8.46
CA VAL E 106 -3.90 28.19 9.31
C VAL E 106 -3.70 27.10 10.35
N HIS E 107 -2.45 26.61 10.49
CA HIS E 107 -2.05 25.75 11.60
C HIS E 107 -0.91 26.38 12.34
N ILE E 108 -1.05 26.48 13.66
CA ILE E 108 -0.02 27.10 14.48
C ILE E 108 1.23 26.29 14.42
N SER E 109 1.06 24.99 14.53
CA SER E 109 2.20 24.04 14.46
C SER E 109 2.48 23.66 13.01
N ASN E 110 3.71 23.20 12.73
CA ASN E 110 4.03 22.64 11.44
C ASN E 110 3.61 21.21 11.40
N ILE E 111 2.43 20.98 10.87
CA ILE E 111 1.83 19.65 10.91
C ILE E 111 2.64 18.62 10.17
N HIS E 112 3.50 19.05 9.29
CA HIS E 112 4.35 18.13 8.51
C HIS E 112 5.48 17.52 9.32
N GLN E 113 5.74 18.07 10.49
CA GLN E 113 6.77 17.55 11.39
C GLN E 113 6.17 16.70 12.49
N ARG E 114 4.86 16.44 12.45
CA ARG E 114 4.22 15.73 13.55
C ARG E 114 3.85 14.35 13.12
N GLU E 115 2.91 13.73 13.81
CA GLU E 115 2.51 12.38 13.49
C GLU E 115 1.95 12.30 12.10
N PRO E 116 2.16 11.18 11.43
CA PRO E 116 1.78 10.98 10.02
C PRO E 116 0.32 11.27 9.73
N PHE E 117 -0.59 10.98 10.65
CA PHE E 117 -1.99 11.28 10.36
C PHE E 117 -2.22 12.78 10.28
N ARG E 118 -1.36 13.56 10.93
CA ARG E 118 -1.52 15.00 10.94
C ARG E 118 -1.01 15.70 9.64
N HIS E 119 -0.35 14.99 8.78
CA HIS E 119 0.22 15.60 7.62
C HIS E 119 -0.78 15.95 6.58
N HIS E 120 -1.96 15.33 6.62
CA HIS E 120 -2.96 15.52 5.55
C HIS E 120 -4.12 16.30 6.05
N SER E 121 -4.58 17.20 5.22
CA SER E 121 -5.77 18.04 5.57
C SER E 121 -6.79 18.09 4.41
N TYR E 122 -8.05 17.72 4.68
CA TYR E 122 -9.10 17.86 3.68
C TYR E 122 -9.33 19.34 3.38
N VAL E 123 -9.17 20.20 4.35
CA VAL E 123 -9.46 21.60 4.14
C VAL E 123 -8.53 22.18 3.09
N SER E 124 -7.30 21.71 3.02
CA SER E 124 -6.33 22.27 2.08
C SER E 124 -6.75 21.99 0.60
N GLN E 125 -7.70 21.13 0.40
CA GLN E 125 -8.16 20.81 -0.95
C GLN E 125 -9.09 21.93 -1.46
N ARG E 126 -9.53 22.83 -0.59
CA ARG E 126 -10.29 24.00 -1.03
C ARG E 126 -9.61 25.31 -0.65
N ALA E 127 -8.97 25.35 0.51
CA ALA E 127 -8.42 26.65 0.94
C ALA E 127 -7.54 27.18 -0.15
N ASP E 128 -7.62 28.47 -0.40
CA ASP E 128 -6.83 29.11 -1.40
C ASP E 128 -5.35 29.00 -1.00
N GLY E 129 -5.07 29.34 0.25
CA GLY E 129 -3.72 29.28 0.80
C GLY E 129 -3.76 28.52 2.12
N VAL E 130 -2.63 27.94 2.44
CA VAL E 130 -2.44 27.18 3.66
C VAL E 130 -1.18 27.67 4.35
N VAL E 131 -1.27 28.06 5.62
CA VAL E 131 -0.11 28.51 6.37
C VAL E 131 0.07 27.56 7.56
N ALA E 132 1.26 27.04 7.76
CA ALA E 132 1.53 26.11 8.82
C ALA E 132 2.83 26.44 9.50
N GLY E 133 2.87 26.34 10.82
CA GLY E 133 4.11 26.43 11.52
C GLY E 133 4.65 27.84 11.70
N CYS E 134 3.83 28.84 11.41
CA CYS E 134 4.25 30.19 11.66
C CYS E 134 3.70 30.72 12.99
N GLY E 135 3.34 29.83 13.87
CA GLY E 135 2.81 30.23 15.14
C GLY E 135 1.49 30.95 15.05
N VAL E 136 1.17 31.72 16.07
CA VAL E 136 -0.03 32.54 15.97
C VAL E 136 0.06 33.62 14.92
N GLN E 137 1.27 33.99 14.51
CA GLN E 137 1.45 34.90 13.41
C GLN E 137 0.84 34.44 12.14
N GLY E 138 0.70 33.14 11.96
CA GLY E 138 -0.03 32.61 10.80
C GLY E 138 -1.44 33.13 10.68
N TYR E 139 -2.11 33.45 11.79
CA TYR E 139 -3.43 34.04 11.68
C TYR E 139 -3.33 35.42 11.04
N VAL E 140 -2.29 36.18 11.40
CA VAL E 140 -2.04 37.50 10.82
C VAL E 140 -1.77 37.38 9.32
N PHE E 141 -1.05 36.35 8.93
CA PHE E 141 -0.86 36.14 7.51
C PHE E 141 -2.16 35.82 6.79
N GLY E 142 -3.02 35.04 7.43
CA GLY E 142 -4.30 34.76 6.83
C GLY E 142 -5.10 36.01 6.63
N VAL E 143 -5.12 36.87 7.65
CA VAL E 143 -5.84 38.15 7.55
C VAL E 143 -5.22 38.98 6.44
N GLU E 144 -3.92 39.05 6.42
CA GLU E 144 -3.23 39.78 5.31
C GLU E 144 -3.60 39.23 3.91
N ARG E 145 -3.66 37.93 3.78
CA ARG E 145 -4.02 37.37 2.47
C ARG E 145 -5.45 37.71 2.08
N ILE E 146 -6.39 37.54 2.98
CA ILE E 146 -7.76 37.88 2.70
C ILE E 146 -7.89 39.35 2.31
N ALA E 147 -7.21 40.22 3.01
CA ALA E 147 -7.22 41.65 2.65
C ALA E 147 -6.71 41.86 1.25
N ALA E 148 -5.68 41.11 0.87
CA ALA E 148 -5.15 41.25 -0.50
C ALA E 148 -6.15 40.75 -1.52
N LEU E 149 -6.90 39.71 -1.19
CA LEU E 149 -7.77 39.08 -2.17
C LEU E 149 -9.11 39.80 -2.24
N ALA E 150 -9.57 40.28 -1.10
CA ALA E 150 -10.89 40.87 -1.03
C ALA E 150 -10.71 42.30 -1.48
N GLY E 151 -9.97 43.06 -0.69
CA GLY E 151 -9.59 44.40 -1.12
C GLY E 151 -8.85 44.31 -2.44
N ARG F 3 -5.84 15.03 41.21
CA ARG F 3 -6.93 14.75 42.16
C ARG F 3 -6.94 13.27 42.58
N SER F 4 -7.46 13.00 43.77
CA SER F 4 -7.60 11.63 44.27
C SER F 4 -9.02 11.15 44.09
N LEU F 5 -9.23 9.84 44.24
CA LEU F 5 -10.59 9.28 44.22
C LEU F 5 -11.43 9.85 45.35
N ALA F 6 -10.79 10.23 46.46
CA ALA F 6 -11.56 10.67 47.59
C ALA F 6 -12.12 12.04 47.30
N ASN F 7 -11.39 12.85 46.53
CA ASN F 7 -11.76 14.27 46.37
C ASN F 7 -12.54 14.58 45.08
N ALA F 8 -12.63 13.65 44.13
CA ALA F 8 -13.31 13.96 42.85
C ALA F 8 -13.79 12.70 42.15
N PRO F 9 -14.89 12.75 41.38
CA PRO F 9 -15.37 11.59 40.69
C PRO F 9 -14.52 11.22 39.47
N ILE F 10 -14.57 9.93 39.12
CA ILE F 10 -14.02 9.42 37.87
C ILE F 10 -15.05 9.70 36.80
N MET F 11 -14.65 10.32 35.70
CA MET F 11 -15.55 10.54 34.59
C MET F 11 -15.60 9.27 33.75
N ILE F 12 -16.79 8.76 33.51
CA ILE F 12 -16.92 7.62 32.60
C ILE F 12 -17.71 8.08 31.38
N LEU F 13 -17.05 8.12 30.23
CA LEU F 13 -17.65 8.65 29.02
C LEU F 13 -17.97 7.54 28.07
N ASN F 14 -19.14 7.62 27.45
CA ASN F 14 -19.58 6.65 26.48
C ASN F 14 -20.00 7.31 25.22
N GLY F 15 -19.44 6.86 24.11
CA GLY F 15 -19.73 7.43 22.78
C GLY F 15 -20.98 6.93 22.09
N PRO F 16 -21.09 7.21 20.79
CA PRO F 16 -22.36 7.02 20.07
C PRO F 16 -22.92 5.66 20.10
N ASN F 17 -24.24 5.63 20.17
CA ASN F 17 -25.01 4.39 20.04
C ASN F 17 -25.02 3.47 21.28
N LEU F 18 -24.18 3.74 22.29
CA LEU F 18 -24.11 2.89 23.44
C LEU F 18 -25.34 3.02 24.30
N ASN F 19 -26.12 4.03 24.11
CA ASN F 19 -27.42 4.15 24.74
C ASN F 19 -28.34 2.98 24.46
N LEU F 20 -28.08 2.25 23.36
CA LEU F 20 -28.86 1.10 22.99
C LEU F 20 -28.22 -0.20 23.39
N LEU F 21 -27.17 -0.15 24.21
CA LEU F 21 -26.55 -1.38 24.67
C LEU F 21 -27.61 -2.29 25.26
N GLY F 22 -27.45 -3.56 25.00
CA GLY F 22 -28.30 -4.55 25.56
C GLY F 22 -29.46 -4.92 24.68
N GLN F 23 -29.77 -4.06 23.72
CA GLN F 23 -30.99 -4.27 22.93
C GLN F 23 -30.80 -5.15 21.71
N ARG F 24 -29.55 -5.49 21.43
CA ARG F 24 -29.24 -6.38 20.32
C ARG F 24 -27.80 -6.90 20.40
N GLN F 25 -27.51 -7.90 19.58
CA GLN F 25 -26.20 -8.59 19.58
C GLN F 25 -25.60 -8.98 20.92
N PRO F 26 -26.36 -9.70 21.73
CA PRO F 26 -25.90 -10.04 23.07
C PRO F 26 -24.67 -10.98 23.05
N GLU F 27 -24.47 -11.71 21.96
CA GLU F 27 -23.33 -12.61 21.89
C GLU F 27 -22.04 -11.84 21.72
N ILE F 28 -22.16 -10.57 21.35
CA ILE F 28 -20.98 -9.73 21.20
C ILE F 28 -20.84 -8.70 22.31
N TYR F 29 -21.96 -8.17 22.79
CA TYR F 29 -21.90 -7.07 23.74
C TYR F 29 -22.54 -7.36 25.10
N GLY F 30 -23.23 -8.50 25.20
CA GLY F 30 -23.89 -8.88 26.47
C GLY F 30 -25.28 -8.35 26.50
N SER F 31 -26.02 -8.65 27.56
CA SER F 31 -27.41 -8.28 27.68
C SER F 31 -27.60 -7.18 28.71
N ASP F 32 -26.52 -6.67 29.28
CA ASP F 32 -26.62 -5.56 30.19
C ASP F 32 -26.91 -4.30 29.40
N THR F 33 -27.71 -3.44 29.97
CA THR F 33 -28.00 -2.16 29.38
C THR F 33 -26.91 -1.17 29.80
N LEU F 34 -26.98 0.04 29.26
CA LEU F 34 -26.02 1.04 29.69
C LEU F 34 -26.27 1.42 31.13
N ALA F 35 -27.51 1.38 31.61
CA ALA F 35 -27.77 1.63 33.05
C ALA F 35 -27.11 0.58 33.90
N ASP F 36 -27.13 -0.66 33.42
CA ASP F 36 -26.45 -1.74 34.13
C ASP F 36 -24.96 -1.47 34.21
N VAL F 37 -24.39 -0.99 33.12
CA VAL F 37 -22.99 -0.60 33.12
C VAL F 37 -22.68 0.51 34.09
N GLU F 38 -23.54 1.52 34.12
CA GLU F 38 -23.40 2.59 35.11
C GLU F 38 -23.42 2.05 36.51
N ALA F 39 -24.33 1.09 36.80
CA ALA F 39 -24.37 0.49 38.14
C ALA F 39 -23.07 -0.26 38.47
N LEU F 40 -22.50 -0.95 37.50
CA LEU F 40 -21.22 -1.67 37.66
C LEU F 40 -20.08 -0.69 37.97
N CYS F 41 -20.11 0.45 37.31
CA CYS F 41 -19.09 1.49 37.56
C CYS F 41 -19.25 2.15 38.94
N VAL F 42 -20.48 2.41 39.33
CA VAL F 42 -20.76 2.93 40.71
C VAL F 42 -20.26 1.99 41.79
N LYS F 43 -20.54 0.72 41.62
CA LYS F 43 -20.07 -0.28 42.56
C LYS F 43 -18.60 -0.36 42.61
N ALA F 44 -17.97 -0.46 41.45
CA ALA F 44 -16.52 -0.62 41.46
C ALA F 44 -15.82 0.60 42.05
N ALA F 45 -16.31 1.78 41.80
CA ALA F 45 -15.66 2.98 42.36
C ALA F 45 -15.83 3.00 43.89
N ALA F 46 -17.04 2.71 44.32
CA ALA F 46 -17.34 2.64 45.74
C ALA F 46 -16.45 1.66 46.49
N ALA F 47 -16.16 0.54 45.86
CA ALA F 47 -15.31 -0.43 46.52
C ALA F 47 -13.92 0.11 46.73
N HIS F 48 -13.54 1.19 46.01
CA HIS F 48 -12.21 1.83 46.14
C HIS F 48 -12.30 3.20 46.70
N GLY F 49 -13.44 3.55 47.27
CA GLY F 49 -13.50 4.80 48.00
C GLY F 49 -13.79 6.01 47.15
N GLY F 50 -14.34 5.75 45.97
CA GLY F 50 -14.62 6.79 45.00
C GLY F 50 -16.04 6.80 44.42
N THR F 51 -16.23 7.71 43.49
CA THR F 51 -17.49 7.89 42.82
C THR F 51 -17.25 8.11 41.35
N VAL F 52 -18.34 8.03 40.60
CA VAL F 52 -18.26 8.21 39.13
C VAL F 52 -19.23 9.24 38.66
N ASP F 53 -18.94 9.76 37.47
CA ASP F 53 -19.79 10.70 36.76
C ASP F 53 -20.00 10.07 35.40
N PHE F 54 -21.12 9.35 35.22
CA PHE F 54 -21.32 8.50 34.05
C PHE F 54 -22.12 9.24 32.98
N ARG F 55 -21.62 9.27 31.75
CA ARG F 55 -22.28 10.03 30.71
C ARG F 55 -22.21 9.33 29.36
N GLN F 56 -23.17 9.64 28.51
CA GLN F 56 -23.17 9.07 27.15
C GLN F 56 -23.67 10.12 26.17
N SER F 57 -23.03 10.19 24.98
CA SER F 57 -23.44 11.14 23.97
C SER F 57 -23.16 10.58 22.60
N ASN F 58 -24.05 10.89 21.66
CA ASN F 58 -23.82 10.64 20.24
C ASN F 58 -23.04 11.70 19.49
N HIS F 59 -22.75 12.82 20.17
CA HIS F 59 -22.07 13.95 19.57
C HIS F 59 -20.59 14.08 19.92
N GLU F 60 -19.71 14.06 18.91
CA GLU F 60 -18.29 14.17 19.08
C GLU F 60 -17.90 15.43 19.86
N GLY F 61 -18.47 16.58 19.51
CA GLY F 61 -18.12 17.84 20.18
C GLY F 61 -18.53 17.88 21.64
N GLU F 62 -19.60 17.20 21.97
CA GLU F 62 -20.07 17.15 23.35
C GLU F 62 -19.13 16.28 24.16
N LEU F 63 -18.64 15.20 23.59
CA LEU F 63 -17.61 14.41 24.26
C LEU F 63 -16.35 15.22 24.52
N VAL F 64 -15.94 16.02 23.55
CA VAL F 64 -14.78 16.95 23.71
C VAL F 64 -15.04 17.93 24.88
N ASP F 65 -16.19 18.57 24.89
CA ASP F 65 -16.58 19.45 25.98
C ASP F 65 -16.44 18.76 27.32
N TRP F 66 -16.95 17.52 27.38
CA TRP F 66 -16.93 16.79 28.64
C TRP F 66 -15.53 16.36 29.06
N ILE F 67 -14.67 16.04 28.10
CA ILE F 67 -13.27 15.80 28.45
C ILE F 67 -12.59 17.04 29.03
N HIS F 68 -12.88 18.23 28.46
CA HIS F 68 -12.38 19.47 29.03
C HIS F 68 -12.86 19.63 30.46
N GLU F 69 -14.11 19.27 30.74
CA GLU F 69 -14.63 19.35 32.11
C GLU F 69 -13.89 18.46 33.05
N ALA F 70 -13.68 17.22 32.61
CA ALA F 70 -12.93 16.25 33.37
C ALA F 70 -11.55 16.71 33.67
N ARG F 71 -10.86 17.28 32.69
CA ARG F 71 -9.56 17.79 32.86
C ARG F 71 -9.45 18.66 34.09
N LEU F 72 -10.47 19.44 34.38
CA LEU F 72 -10.40 20.35 35.53
C LEU F 72 -11.03 19.82 36.80
N ASN F 73 -11.92 18.84 36.68
CA ASN F 73 -12.79 18.52 37.82
C ASN F 73 -12.83 17.08 38.31
N HIS F 74 -12.14 16.19 37.61
CA HIS F 74 -12.29 14.81 37.82
C HIS F 74 -10.92 14.17 38.09
N CYS F 75 -10.85 12.97 38.67
CA CYS F 75 -9.58 12.33 38.97
C CYS F 75 -9.10 11.41 37.86
N GLY F 76 -9.91 11.20 36.83
CA GLY F 76 -9.53 10.35 35.76
C GLY F 76 -10.67 10.15 34.79
N ILE F 77 -10.38 9.47 33.67
CA ILE F 77 -11.37 9.21 32.63
C ILE F 77 -11.36 7.75 32.23
N VAL F 78 -12.51 7.11 32.28
CA VAL F 78 -12.64 5.80 31.60
C VAL F 78 -13.56 6.08 30.40
N ILE F 79 -13.08 5.82 29.19
CA ILE F 79 -13.81 6.21 27.98
C ILE F 79 -13.98 5.05 26.99
N ASN F 80 -15.24 4.77 26.64
CA ASN F 80 -15.56 3.94 25.50
C ASN F 80 -16.02 4.83 24.35
N PRO F 81 -15.12 5.18 23.47
CA PRO F 81 -15.44 6.19 22.49
C PRO F 81 -16.35 5.70 21.40
N ALA F 82 -16.57 4.39 21.35
CA ALA F 82 -17.41 3.72 20.41
C ALA F 82 -16.90 4.02 19.04
N ALA F 83 -17.78 4.37 18.12
CA ALA F 83 -17.32 4.60 16.74
C ALA F 83 -16.26 5.69 16.59
N TYR F 84 -16.30 6.71 17.46
CA TYR F 84 -15.33 7.75 17.42
C TYR F 84 -13.96 7.27 17.78
N SER F 85 -13.84 6.07 18.35
CA SER F 85 -12.49 5.53 18.53
C SER F 85 -11.77 5.59 17.21
N HIS F 86 -12.49 5.19 16.15
CA HIS F 86 -11.88 4.96 14.86
C HIS F 86 -11.72 6.24 13.98
N THR F 87 -12.45 7.28 14.33
CA THR F 87 -12.48 8.45 13.46
C THR F 87 -12.04 9.73 14.12
N SER F 88 -12.04 9.81 15.44
CA SER F 88 -11.96 11.16 16.05
C SER F 88 -10.60 11.58 16.53
N VAL F 89 -9.90 12.32 15.71
CA VAL F 89 -8.70 12.96 16.16
C VAL F 89 -9.06 14.06 17.17
N ALA F 90 -10.22 14.68 17.04
CA ALA F 90 -10.63 15.69 18.00
C ALA F 90 -10.69 15.16 19.41
N ILE F 91 -11.17 13.92 19.63
CA ILE F 91 -11.23 13.37 21.03
C ILE F 91 -9.82 13.02 21.51
N LEU F 92 -8.99 12.50 20.60
CA LEU F 92 -7.61 12.26 20.96
C LEU F 92 -6.97 13.55 21.43
N ASP F 93 -7.16 14.64 20.70
CA ASP F 93 -6.56 15.92 21.05
C ASP F 93 -7.10 16.41 22.33
N ALA F 94 -8.38 16.17 22.62
CA ALA F 94 -8.94 16.56 23.91
C ALA F 94 -8.28 15.85 25.02
N LEU F 95 -8.14 14.55 24.87
CA LEU F 95 -7.47 13.76 25.87
C LEU F 95 -6.02 14.20 26.07
N ASN F 96 -5.34 14.54 24.97
CA ASN F 96 -3.95 15.01 25.07
C ASN F 96 -3.82 16.27 25.94
N THR F 97 -4.87 17.07 26.05
CA THR F 97 -4.77 18.27 26.94
C THR F 97 -4.85 17.92 28.43
N CYS F 98 -5.22 16.69 28.70
CA CYS F 98 -5.40 16.27 30.09
C CYS F 98 -4.07 15.82 30.71
N ASP F 99 -3.14 16.74 30.78
CA ASP F 99 -1.81 16.38 31.26
C ASP F 99 -1.82 15.80 32.64
N GLY F 100 -1.23 14.63 32.81
CA GLY F 100 -1.13 14.01 34.11
C GLY F 100 -2.38 13.23 34.53
N LEU F 101 -3.44 13.25 33.75
CA LEU F 101 -4.69 12.61 34.18
C LEU F 101 -4.69 11.15 33.72
N PRO F 102 -5.05 10.19 34.57
CA PRO F 102 -5.14 8.83 34.11
C PRO F 102 -6.33 8.66 33.17
N VAL F 103 -6.07 8.00 32.03
CA VAL F 103 -7.09 7.70 31.01
C VAL F 103 -7.06 6.21 30.68
N VAL F 104 -8.20 5.54 30.73
CA VAL F 104 -8.29 4.19 30.30
C VAL F 104 -9.40 4.11 29.21
N GLU F 105 -9.07 3.47 28.10
CA GLU F 105 -9.99 3.25 27.00
C GLU F 105 -10.52 1.88 27.12
N VAL F 106 -11.85 1.76 26.95
CA VAL F 106 -12.57 0.47 27.00
C VAL F 106 -13.38 0.23 25.75
N HIS F 107 -13.33 -1.00 25.27
CA HIS F 107 -14.22 -1.53 24.27
C HIS F 107 -14.75 -2.84 24.75
N ILE F 108 -16.05 -2.93 24.72
CA ILE F 108 -16.76 -4.11 25.21
C ILE F 108 -16.42 -5.30 24.36
N SER F 109 -16.47 -5.13 23.06
CA SER F 109 -16.12 -6.18 22.12
C SER F 109 -14.60 -6.18 21.83
N ASN F 110 -14.08 -7.30 21.38
CA ASN F 110 -12.70 -7.34 20.95
C ASN F 110 -12.61 -6.79 19.51
N ILE F 111 -12.26 -5.52 19.42
CA ILE F 111 -12.25 -4.85 18.12
C ILE F 111 -11.31 -5.51 17.13
N HIS F 112 -10.35 -6.26 17.64
CA HIS F 112 -9.35 -6.88 16.80
C HIS F 112 -9.89 -8.11 16.06
N GLN F 113 -11.06 -8.57 16.47
CA GLN F 113 -11.69 -9.72 15.84
C GLN F 113 -12.76 -9.30 14.84
N ARG F 114 -12.94 -7.99 14.71
CA ARG F 114 -14.00 -7.45 13.92
C ARG F 114 -13.49 -6.93 12.58
N GLU F 115 -14.27 -6.06 11.95
CA GLU F 115 -13.88 -5.49 10.66
C GLU F 115 -12.56 -4.72 10.77
N PRO F 116 -11.76 -4.76 9.73
CA PRO F 116 -10.48 -4.11 9.73
C PRO F 116 -10.48 -2.64 10.10
N PHE F 117 -11.48 -1.89 9.67
CA PHE F 117 -11.51 -0.49 10.07
C PHE F 117 -11.58 -0.36 11.59
N ARG F 118 -12.16 -1.36 12.25
CA ARG F 118 -12.38 -1.27 13.68
C ARG F 118 -11.13 -1.56 14.45
N HIS F 119 -10.09 -1.99 13.77
CA HIS F 119 -8.92 -2.41 14.53
C HIS F 119 -8.12 -1.29 15.04
N HIS F 120 -8.30 -0.09 14.49
CA HIS F 120 -7.46 1.04 14.88
C HIS F 120 -8.23 2.05 15.68
N SER F 121 -7.61 2.57 16.70
CA SER F 121 -8.16 3.63 17.57
C SER F 121 -7.20 4.76 17.72
N TYR F 122 -7.65 6.00 17.44
CA TYR F 122 -6.90 7.16 17.73
C TYR F 122 -6.71 7.34 19.22
N VAL F 123 -7.75 6.97 19.97
CA VAL F 123 -7.78 7.17 21.41
C VAL F 123 -6.65 6.42 22.09
N SER F 124 -6.34 5.26 21.54
CA SER F 124 -5.32 4.49 22.19
C SER F 124 -3.94 5.13 22.15
N GLN F 125 -3.76 6.17 21.33
CA GLN F 125 -2.49 6.85 21.21
C GLN F 125 -2.23 7.67 22.44
N ARG F 126 -3.28 7.99 23.19
CA ARG F 126 -3.14 8.71 24.45
C ARG F 126 -3.57 7.96 25.71
N ALA F 127 -4.55 7.07 25.60
CA ALA F 127 -5.04 6.39 26.77
C ALA F 127 -3.85 5.69 27.40
N ASP F 128 -3.78 5.72 28.71
CA ASP F 128 -2.71 5.02 29.41
C ASP F 128 -2.84 3.48 29.20
N GLY F 129 -4.05 3.01 29.40
CA GLY F 129 -4.39 1.61 29.35
C GLY F 129 -5.52 1.44 28.34
N VAL F 130 -5.58 0.27 27.70
CA VAL F 130 -6.68 0.05 26.78
C VAL F 130 -7.15 -1.38 27.02
N VAL F 131 -8.42 -1.50 27.30
CA VAL F 131 -9.01 -2.80 27.64
C VAL F 131 -9.98 -3.13 26.51
N ALA F 132 -9.87 -4.29 25.88
CA ALA F 132 -10.78 -4.61 24.79
C ALA F 132 -11.25 -6.06 24.90
N GLY F 133 -12.52 -6.30 24.62
CA GLY F 133 -12.99 -7.70 24.56
C GLY F 133 -13.30 -8.31 25.92
N CYS F 134 -13.27 -7.56 27.02
CA CYS F 134 -13.57 -8.12 28.33
C CYS F 134 -14.99 -7.85 28.75
N GLY F 135 -15.83 -7.62 27.75
CA GLY F 135 -17.26 -7.37 28.00
C GLY F 135 -17.43 -6.08 28.80
N VAL F 136 -18.55 -5.96 29.51
CA VAL F 136 -18.74 -4.80 30.36
C VAL F 136 -17.85 -4.81 31.59
N GLN F 137 -17.26 -5.96 31.92
CA GLN F 137 -16.30 -6.02 33.03
C GLN F 137 -15.13 -5.14 32.69
N GLY F 138 -14.90 -4.87 31.43
CA GLY F 138 -13.75 -3.96 31.11
C GLY F 138 -13.90 -2.57 31.75
N TYR F 139 -15.11 -2.12 32.01
CA TYR F 139 -15.31 -0.84 32.68
C TYR F 139 -14.81 -0.96 34.09
N VAL F 140 -15.02 -2.13 34.69
CA VAL F 140 -14.59 -2.35 36.07
C VAL F 140 -13.06 -2.29 36.11
N PHE F 141 -12.39 -2.88 35.14
CA PHE F 141 -10.94 -2.81 35.04
C PHE F 141 -10.54 -1.34 34.92
N GLY F 142 -11.28 -0.60 34.10
CA GLY F 142 -10.99 0.85 33.97
C GLY F 142 -11.05 1.57 35.25
N VAL F 143 -12.07 1.35 36.03
CA VAL F 143 -12.17 1.96 37.32
C VAL F 143 -11.04 1.50 38.26
N GLU F 144 -10.74 0.20 38.24
CA GLU F 144 -9.70 -0.34 39.08
C GLU F 144 -8.35 0.26 38.72
N ARG F 145 -8.10 0.45 37.44
CA ARG F 145 -6.85 1.10 37.00
C ARG F 145 -6.75 2.55 37.42
N ILE F 146 -7.82 3.31 37.28
CA ILE F 146 -7.77 4.70 37.72
C ILE F 146 -7.52 4.75 39.27
N ALA F 147 -8.16 3.87 40.01
CA ALA F 147 -7.98 3.85 41.47
C ALA F 147 -6.52 3.59 41.82
N ALA F 148 -5.90 2.73 41.06
CA ALA F 148 -4.51 2.41 41.31
C ALA F 148 -3.60 3.57 40.97
N LEU F 149 -3.94 4.34 39.94
CA LEU F 149 -3.05 5.39 39.48
C LEU F 149 -3.32 6.67 40.20
N ALA F 150 -4.56 6.85 40.62
CA ALA F 150 -4.90 8.11 41.28
C ALA F 150 -4.37 8.04 42.66
N GLY F 151 -3.96 6.82 43.06
CA GLY F 151 -3.29 6.53 44.37
C GLY F 151 -1.78 6.25 44.31
N ARG G 3 19.33 -39.75 -3.81
CA ARG G 3 18.81 -41.04 -3.31
C ARG G 3 17.45 -41.38 -3.93
N SER G 4 17.20 -42.67 -4.07
CA SER G 4 15.96 -43.21 -4.59
C SER G 4 15.03 -43.73 -3.47
N LEU G 5 13.78 -43.99 -3.83
CA LEU G 5 12.83 -44.50 -2.87
C LEU G 5 13.33 -45.80 -2.35
N ALA G 6 14.06 -46.54 -3.19
CA ALA G 6 14.48 -47.89 -2.82
C ALA G 6 15.48 -47.85 -1.68
N ASN G 7 16.29 -46.80 -1.66
CA ASN G 7 17.45 -46.77 -0.78
C ASN G 7 17.26 -45.88 0.44
N ALA G 8 16.27 -45.00 0.46
CA ALA G 8 16.16 -44.08 1.58
C ALA G 8 14.70 -43.72 1.85
N PRO G 9 14.34 -43.48 3.08
CA PRO G 9 12.98 -43.03 3.33
C PRO G 9 12.66 -41.63 2.90
N ILE G 10 11.36 -41.36 2.70
CA ILE G 10 10.86 -40.03 2.48
C ILE G 10 10.66 -39.43 3.80
N MET G 11 11.17 -38.23 4.03
CA MET G 11 10.90 -37.61 5.30
C MET G 11 9.58 -36.85 5.21
N ILE G 12 8.70 -37.04 6.17
CA ILE G 12 7.43 -36.34 6.20
C ILE G 12 7.38 -35.52 7.45
N LEU G 13 7.36 -34.19 7.30
CA LEU G 13 7.50 -33.30 8.45
C LEU G 13 6.28 -32.52 8.67
N ASN G 14 5.85 -32.41 9.93
CA ASN G 14 4.62 -31.73 10.30
C ASN G 14 4.95 -30.74 11.34
N GLY G 15 4.47 -29.54 11.11
CA GLY G 15 4.72 -28.41 12.01
C GLY G 15 3.76 -28.26 13.15
N PRO G 16 3.74 -27.08 13.78
CA PRO G 16 3.10 -26.94 15.07
C PRO G 16 1.59 -27.19 15.02
N ASN G 17 1.14 -27.76 16.13
CA ASN G 17 -0.23 -27.97 16.45
C ASN G 17 -0.84 -29.18 15.73
N LEU G 18 -0.16 -29.72 14.73
CA LEU G 18 -0.71 -30.89 13.98
C LEU G 18 -0.77 -32.16 14.79
N ASN G 19 -0.09 -32.20 15.93
CA ASN G 19 -0.26 -33.29 16.90
C ASN G 19 -1.75 -33.42 17.35
N LEU G 20 -2.51 -32.35 17.33
CA LEU G 20 -3.92 -32.38 17.74
C LEU G 20 -4.90 -32.58 16.59
N LEU G 21 -4.41 -32.91 15.41
CA LEU G 21 -5.27 -33.09 14.27
C LEU G 21 -6.39 -34.07 14.61
N GLY G 22 -7.59 -33.75 14.14
CA GLY G 22 -8.73 -34.63 14.33
C GLY G 22 -9.52 -34.38 15.58
N GLN G 23 -8.98 -33.54 16.45
CA GLN G 23 -9.64 -33.28 17.74
C GLN G 23 -10.60 -32.11 17.65
N ARG G 24 -10.64 -31.43 16.51
CA ARG G 24 -11.47 -30.23 16.36
C ARG G 24 -11.54 -29.76 14.89
N GLN G 25 -12.53 -28.93 14.57
CA GLN G 25 -12.72 -28.45 13.20
C GLN G 25 -12.69 -29.46 12.08
N PRO G 26 -13.50 -30.50 12.19
CA PRO G 26 -13.43 -31.61 11.23
C PRO G 26 -13.96 -31.17 9.83
N GLU G 27 -14.82 -30.15 9.82
CA GLU G 27 -15.38 -29.65 8.57
C GLU G 27 -14.26 -29.06 7.72
N ILE G 28 -13.19 -28.67 8.39
CA ILE G 28 -12.07 -28.07 7.71
C ILE G 28 -10.95 -29.08 7.52
N TYR G 29 -10.60 -29.80 8.57
CA TYR G 29 -9.37 -30.60 8.56
C TYR G 29 -9.63 -32.10 8.55
N GLY G 30 -10.89 -32.49 8.74
CA GLY G 30 -11.22 -33.90 8.74
C GLY G 30 -11.13 -34.49 10.15
N SER G 31 -11.40 -35.80 10.25
CA SER G 31 -11.53 -36.44 11.54
C SER G 31 -10.41 -37.41 11.81
N ASP G 32 -9.52 -37.53 10.84
CA ASP G 32 -8.38 -38.38 10.97
C ASP G 32 -7.41 -37.75 11.95
N THR G 33 -6.69 -38.56 12.72
CA THR G 33 -5.65 -38.07 13.62
C THR G 33 -4.32 -38.01 12.89
N LEU G 34 -3.30 -37.43 13.51
CA LEU G 34 -2.01 -37.39 12.84
C LEU G 34 -1.48 -38.81 12.68
N ALA G 35 -1.79 -39.72 13.59
CA ALA G 35 -1.37 -41.13 13.41
C ALA G 35 -2.08 -41.80 12.25
N ASP G 36 -3.33 -41.43 12.01
CA ASP G 36 -4.02 -41.93 10.82
C ASP G 36 -3.34 -41.38 9.58
N VAL G 37 -2.92 -40.13 9.61
CA VAL G 37 -2.17 -39.55 8.49
C VAL G 37 -0.86 -40.32 8.26
N GLU G 38 -0.12 -40.60 9.32
CA GLU G 38 1.10 -41.36 9.19
C GLU G 38 0.83 -42.71 8.51
N ALA G 39 -0.22 -43.40 8.94
CA ALA G 39 -0.59 -44.67 8.33
C ALA G 39 -0.88 -44.54 6.82
N LEU G 40 -1.51 -43.45 6.42
CA LEU G 40 -1.79 -43.20 5.00
C LEU G 40 -0.53 -43.02 4.21
N CYS G 41 0.45 -42.35 4.84
CA CYS G 41 1.76 -42.15 4.22
C CYS G 41 2.59 -43.43 4.07
N VAL G 42 2.55 -44.24 5.13
CA VAL G 42 3.24 -45.54 5.11
C VAL G 42 2.69 -46.39 3.95
N LYS G 43 1.39 -46.41 3.85
CA LYS G 43 0.70 -47.11 2.76
C LYS G 43 1.05 -46.59 1.41
N ALA G 44 1.00 -45.25 1.22
CA ALA G 44 1.31 -44.68 -0.07
C ALA G 44 2.75 -44.98 -0.52
N ALA G 45 3.68 -44.85 0.41
CA ALA G 45 5.06 -45.02 0.05
C ALA G 45 5.25 -46.49 -0.33
N ALA G 46 4.62 -47.37 0.40
CA ALA G 46 4.83 -48.83 0.12
C ALA G 46 4.31 -49.21 -1.23
N ALA G 47 3.22 -48.55 -1.63
CA ALA G 47 2.60 -48.79 -2.94
C ALA G 47 3.59 -48.47 -4.05
N HIS G 48 4.56 -47.61 -3.72
CA HIS G 48 5.62 -47.17 -4.66
C HIS G 48 7.01 -47.69 -4.35
N GLY G 49 7.09 -48.64 -3.43
CA GLY G 49 8.35 -49.32 -3.16
C GLY G 49 9.22 -48.57 -2.20
N GLY G 50 8.61 -47.69 -1.39
CA GLY G 50 9.37 -46.85 -0.49
C GLY G 50 8.94 -46.94 0.93
N THR G 51 9.53 -46.11 1.79
CA THR G 51 9.17 -46.03 3.16
C THR G 51 9.17 -44.53 3.55
N VAL G 52 8.67 -44.30 4.71
CA VAL G 52 8.59 -42.90 5.24
C VAL G 52 9.15 -42.79 6.64
N ASP G 53 9.53 -41.56 7.00
CA ASP G 53 10.04 -41.21 8.33
C ASP G 53 9.26 -40.01 8.73
N PHE G 54 8.27 -40.23 9.58
CA PHE G 54 7.17 -39.28 9.80
C PHE G 54 7.38 -38.63 11.15
N ARG G 55 7.35 -37.27 11.19
CA ARG G 55 7.78 -36.55 12.38
C ARG G 55 6.86 -35.36 12.55
N GLN G 56 6.72 -34.89 13.78
CA GLN G 56 5.97 -33.69 14.05
C GLN G 56 6.65 -32.90 15.12
N SER G 57 6.65 -31.58 14.99
CA SER G 57 7.21 -30.75 16.05
C SER G 57 6.58 -29.39 16.12
N ASN G 58 6.55 -28.82 17.32
CA ASN G 58 6.08 -27.45 17.53
C ASN G 58 7.20 -26.41 17.51
N HIS G 59 8.43 -26.87 17.33
CA HIS G 59 9.62 -26.05 17.40
C HIS G 59 10.25 -25.83 16.05
N GLU G 60 10.33 -24.58 15.62
CA GLU G 60 10.90 -24.17 14.33
C GLU G 60 12.30 -24.66 14.17
N GLY G 61 13.13 -24.53 15.19
CA GLY G 61 14.50 -24.98 15.12
C GLY G 61 14.70 -26.48 15.01
N GLU G 62 13.80 -27.21 15.61
CA GLU G 62 13.78 -28.62 15.44
C GLU G 62 13.43 -29.02 14.05
N LEU G 63 12.43 -28.40 13.44
CA LEU G 63 12.13 -28.66 12.03
C LEU G 63 13.34 -28.35 11.16
N VAL G 64 14.05 -27.27 11.45
CA VAL G 64 15.31 -26.96 10.67
C VAL G 64 16.31 -28.08 10.78
N ASP G 65 16.52 -28.56 12.02
CA ASP G 65 17.47 -29.62 12.26
C ASP G 65 17.05 -30.88 11.49
N TRP G 66 15.75 -31.20 11.48
CA TRP G 66 15.30 -32.39 10.77
C TRP G 66 15.44 -32.25 9.26
N ILE G 67 15.25 -31.05 8.73
CA ILE G 67 15.53 -30.82 7.33
C ILE G 67 16.99 -31.06 6.99
N HIS G 68 17.91 -30.59 7.83
CA HIS G 68 19.34 -30.91 7.62
C HIS G 68 19.61 -32.43 7.63
N GLU G 69 18.89 -33.18 8.44
CA GLU G 69 19.01 -34.64 8.44
C GLU G 69 18.53 -35.20 7.11
N ALA G 70 17.39 -34.74 6.63
CA ALA G 70 16.80 -35.25 5.41
C ALA G 70 17.75 -34.96 4.25
N ARG G 71 18.34 -33.77 4.24
CA ARG G 71 19.28 -33.41 3.20
C ARG G 71 20.30 -34.51 2.98
N LEU G 72 20.73 -35.09 4.06
CA LEU G 72 21.82 -36.07 3.97
C LEU G 72 21.33 -37.50 3.89
N ASN G 73 20.11 -37.76 4.36
CA ASN G 73 19.69 -39.13 4.63
C ASN G 73 18.39 -39.61 3.94
N HIS G 74 17.63 -38.70 3.32
CA HIS G 74 16.32 -39.08 2.81
C HIS G 74 16.18 -38.81 1.33
N CYS G 75 15.20 -39.41 0.67
CA CYS G 75 15.08 -39.24 -0.76
C CYS G 75 14.16 -38.10 -1.15
N GLY G 76 13.61 -37.40 -0.17
CA GLY G 76 12.69 -36.31 -0.43
C GLY G 76 11.99 -35.88 0.82
N ILE G 77 11.31 -34.73 0.75
CA ILE G 77 10.60 -34.19 1.87
C ILE G 77 9.17 -33.82 1.51
N VAL G 78 8.20 -34.34 2.30
CA VAL G 78 6.84 -33.84 2.23
C VAL G 78 6.66 -33.06 3.46
N ILE G 79 6.32 -31.80 3.34
CA ILE G 79 6.24 -30.99 4.54
C ILE G 79 4.91 -30.27 4.68
N ASN G 80 4.25 -30.44 5.82
CA ASN G 80 3.14 -29.52 6.18
C ASN G 80 3.71 -28.60 7.26
N PRO G 81 4.15 -27.38 6.92
CA PRO G 81 4.80 -26.54 7.91
C PRO G 81 3.81 -25.87 8.88
N ALA G 82 2.50 -26.00 8.67
CA ALA G 82 1.48 -25.43 9.55
C ALA G 82 1.77 -23.96 9.65
N ALA G 83 1.69 -23.39 10.84
CA ALA G 83 1.78 -21.97 10.98
C ALA G 83 3.07 -21.41 10.42
N TYR G 84 4.13 -22.19 10.53
CA TYR G 84 5.47 -21.78 10.12
C TYR G 84 5.55 -21.60 8.62
N SER G 85 4.58 -22.06 7.86
CA SER G 85 4.48 -21.74 6.44
C SER G 85 4.46 -20.24 6.23
N HIS G 86 3.70 -19.57 7.07
CA HIS G 86 3.45 -18.17 6.94
C HIS G 86 4.49 -17.30 7.59
N THR G 87 5.30 -17.85 8.48
CA THR G 87 6.27 -17.02 9.23
C THR G 87 7.74 -17.38 9.08
N SER G 88 8.06 -18.62 8.67
CA SER G 88 9.42 -19.14 8.82
C SER G 88 10.31 -19.03 7.58
N VAL G 89 11.05 -17.95 7.50
CA VAL G 89 12.11 -17.84 6.50
C VAL G 89 13.20 -18.86 6.87
N ALA G 90 13.36 -19.17 8.14
CA ALA G 90 14.35 -20.18 8.54
C ALA G 90 14.13 -21.55 7.95
N ILE G 91 12.89 -21.98 7.88
CA ILE G 91 12.58 -23.29 7.24
C ILE G 91 12.76 -23.20 5.76
N LEU G 92 12.42 -22.05 5.17
CA LEU G 92 12.66 -21.88 3.75
C LEU G 92 14.13 -22.01 3.45
N ASP G 93 14.94 -21.28 4.18
CA ASP G 93 16.39 -21.33 4.02
C ASP G 93 16.94 -22.74 4.20
N ALA G 94 16.35 -23.51 5.12
CA ALA G 94 16.77 -24.91 5.31
C ALA G 94 16.44 -25.79 4.13
N LEU G 95 15.24 -25.63 3.57
CA LEU G 95 14.87 -26.36 2.33
C LEU G 95 15.78 -25.95 1.22
N ASN G 96 16.10 -24.65 1.16
CA ASN G 96 17.04 -24.17 0.10
C ASN G 96 18.40 -24.86 0.08
N THR G 97 18.83 -25.39 1.22
CA THR G 97 20.11 -26.12 1.31
C THR G 97 20.02 -27.47 0.75
N CYS G 98 18.80 -27.89 0.43
CA CYS G 98 18.59 -29.25 -0.02
C CYS G 98 18.67 -29.34 -1.54
N ASP G 99 19.83 -28.98 -2.11
CA ASP G 99 20.00 -28.95 -3.56
C ASP G 99 19.64 -30.28 -4.16
N GLY G 100 18.80 -30.25 -5.20
CA GLY G 100 18.45 -31.46 -5.90
C GLY G 100 17.39 -32.32 -5.23
N LEU G 101 17.03 -31.98 -3.99
CA LEU G 101 16.08 -32.85 -3.29
C LEU G 101 14.63 -32.49 -3.55
N PRO G 102 13.80 -33.46 -3.93
CA PRO G 102 12.38 -33.16 -4.18
C PRO G 102 11.69 -32.78 -2.90
N VAL G 103 10.94 -31.66 -2.91
CA VAL G 103 10.18 -31.20 -1.77
C VAL G 103 8.77 -30.89 -2.20
N VAL G 104 7.80 -31.39 -1.47
CA VAL G 104 6.40 -31.05 -1.73
C VAL G 104 5.83 -30.49 -0.47
N GLU G 105 5.18 -29.31 -0.56
CA GLU G 105 4.46 -28.69 0.55
C GLU G 105 3.01 -29.08 0.49
N VAL G 106 2.48 -29.43 1.66
CA VAL G 106 1.09 -29.87 1.83
C VAL G 106 0.37 -29.08 2.86
N HIS G 107 -0.83 -28.60 2.52
CA HIS G 107 -1.75 -27.99 3.47
C HIS G 107 -3.07 -28.72 3.38
N ILE G 108 -3.55 -29.22 4.50
CA ILE G 108 -4.89 -29.92 4.58
C ILE G 108 -6.04 -29.01 4.14
N SER G 109 -6.09 -27.83 4.71
CA SER G 109 -7.07 -26.83 4.30
C SER G 109 -6.61 -26.04 3.08
N ASN G 110 -7.57 -25.40 2.36
CA ASN G 110 -7.23 -24.52 1.30
C ASN G 110 -6.97 -23.13 1.92
N ILE G 111 -5.69 -22.84 2.07
CA ILE G 111 -5.30 -21.64 2.77
C ILE G 111 -5.76 -20.40 2.06
N HIS G 112 -6.04 -20.54 0.78
CA HIS G 112 -6.45 -19.36 -0.02
C HIS G 112 -7.87 -18.90 0.28
N GLN G 113 -8.61 -19.75 0.98
CA GLN G 113 -9.99 -19.49 1.41
C GLN G 113 -10.08 -19.01 2.83
N ARG G 114 -8.94 -18.79 3.48
CA ARG G 114 -8.96 -18.47 4.91
C ARG G 114 -8.48 -17.03 5.10
N GLU G 115 -8.02 -16.72 6.32
CA GLU G 115 -7.64 -15.35 6.68
C GLU G 115 -6.49 -14.93 5.80
N PRO G 116 -6.46 -13.66 5.43
CA PRO G 116 -5.45 -13.20 4.50
C PRO G 116 -4.03 -13.50 4.88
N PHE G 117 -3.68 -13.51 6.15
CA PHE G 117 -2.28 -13.84 6.49
C PHE G 117 -1.96 -15.28 6.19
N ARG G 118 -2.96 -16.14 6.07
CA ARG G 118 -2.68 -17.54 5.74
C ARG G 118 -2.47 -17.72 4.29
N HIS G 119 -2.71 -16.69 3.47
CA HIS G 119 -2.65 -16.95 2.00
C HIS G 119 -1.20 -17.15 1.49
N HIS G 120 -0.24 -16.64 2.24
CA HIS G 120 1.13 -16.65 1.76
C HIS G 120 1.93 -17.68 2.51
N SER G 121 2.86 -18.26 1.81
CA SER G 121 3.77 -19.23 2.34
C SER G 121 5.18 -19.01 1.89
N TYR G 122 6.14 -18.84 2.83
CA TYR G 122 7.57 -18.80 2.47
C TYR G 122 8.07 -20.15 1.92
N VAL G 123 7.50 -21.24 2.40
CA VAL G 123 7.97 -22.54 2.00
C VAL G 123 7.64 -22.77 0.50
N SER G 124 6.58 -22.16 -0.02
CA SER G 124 6.25 -22.37 -1.44
C SER G 124 7.26 -21.77 -2.40
N GLN G 125 8.15 -20.89 -1.92
CA GLN G 125 9.20 -20.30 -2.75
C GLN G 125 10.27 -21.30 -3.10
N ARG G 126 10.38 -22.39 -2.32
CA ARG G 126 11.34 -23.50 -2.61
C ARG G 126 10.68 -24.81 -2.96
N ALA G 127 9.57 -25.14 -2.32
CA ALA G 127 8.92 -26.42 -2.63
C ALA G 127 8.70 -26.57 -4.08
N ASP G 128 8.98 -27.74 -4.60
CA ASP G 128 8.80 -28.00 -6.00
C ASP G 128 7.31 -27.92 -6.33
N GLY G 129 6.52 -28.65 -5.57
CA GLY G 129 5.07 -28.65 -5.69
C GLY G 129 4.40 -28.23 -4.39
N VAL G 130 3.19 -27.65 -4.49
CA VAL G 130 2.44 -27.26 -3.34
C VAL G 130 1.02 -27.80 -3.56
N VAL G 131 0.53 -28.54 -2.57
CA VAL G 131 -0.82 -29.10 -2.57
C VAL G 131 -1.62 -28.52 -1.43
N ALA G 132 -2.74 -27.82 -1.72
CA ALA G 132 -3.55 -27.23 -0.63
C ALA G 132 -4.99 -27.65 -0.79
N GLY G 133 -5.68 -27.93 0.30
CA GLY G 133 -7.15 -28.13 0.23
C GLY G 133 -7.59 -29.47 -0.30
N CYS G 134 -6.66 -30.42 -0.32
CA CYS G 134 -6.99 -31.76 -0.71
C CYS G 134 -7.17 -32.67 0.48
N GLY G 135 -7.46 -32.10 1.64
CA GLY G 135 -7.56 -32.92 2.85
C GLY G 135 -6.26 -33.68 3.16
N VAL G 136 -6.36 -34.73 3.96
CA VAL G 136 -5.16 -35.53 4.28
C VAL G 136 -4.72 -36.33 3.06
N GLN G 137 -5.57 -36.48 2.05
CA GLN G 137 -5.12 -37.06 0.78
C GLN G 137 -3.99 -36.25 0.14
N GLY G 138 -3.88 -34.95 0.44
CA GLY G 138 -2.70 -34.20 -0.02
C GLY G 138 -1.35 -34.82 0.33
N TYR G 139 -1.23 -35.48 1.49
CA TYR G 139 0.05 -36.08 1.88
C TYR G 139 0.30 -37.24 0.93
N VAL G 140 -0.76 -37.90 0.51
CA VAL G 140 -0.65 -39.02 -0.42
C VAL G 140 -0.16 -38.56 -1.74
N PHE G 141 -0.73 -37.44 -2.21
CA PHE G 141 -0.23 -36.82 -3.41
C PHE G 141 1.27 -36.42 -3.24
N GLY G 142 1.62 -35.91 -2.07
CA GLY G 142 3.04 -35.70 -1.75
C GLY G 142 3.93 -36.85 -2.02
N VAL G 143 3.57 -37.96 -1.42
CA VAL G 143 4.31 -39.19 -1.54
C VAL G 143 4.37 -39.62 -3.00
N GLU G 144 3.28 -39.53 -3.72
CA GLU G 144 3.24 -39.87 -5.12
C GLU G 144 4.16 -38.99 -5.98
N ARG G 145 4.16 -37.69 -5.70
CA ARG G 145 5.07 -36.79 -6.38
C ARG G 145 6.54 -37.12 -6.15
N ILE G 146 6.93 -37.35 -4.91
CA ILE G 146 8.29 -37.71 -4.60
C ILE G 146 8.64 -39.00 -5.30
N ALA G 147 7.73 -39.94 -5.28
CA ALA G 147 8.04 -41.20 -5.94
C ALA G 147 8.26 -41.01 -7.44
N ALA G 148 7.51 -40.10 -8.07
CA ALA G 148 7.73 -39.79 -9.46
C ALA G 148 9.05 -39.11 -9.70
N LEU G 149 9.45 -38.24 -8.82
CA LEU G 149 10.64 -37.44 -9.06
C LEU G 149 11.88 -38.21 -8.66
N ALA G 150 11.78 -39.03 -7.62
CA ALA G 150 12.96 -39.72 -7.09
C ALA G 150 13.08 -41.02 -7.81
N GLY G 151 12.69 -41.01 -9.09
CA GLY G 151 12.90 -42.13 -9.99
C GLY G 151 12.66 -41.72 -11.45
N ARG H 3 -13.12 -26.44 32.80
CA ARG H 3 -12.83 -26.49 34.27
C ARG H 3 -13.17 -25.19 35.02
N SER H 4 -13.33 -25.30 36.35
CA SER H 4 -13.51 -24.17 37.22
C SER H 4 -12.24 -23.76 37.96
N LEU H 5 -12.24 -22.56 38.56
CA LEU H 5 -11.11 -22.08 39.33
C LEU H 5 -10.82 -22.96 40.48
N ALA H 6 -11.87 -23.60 41.01
CA ALA H 6 -11.76 -24.43 42.16
C ALA H 6 -11.01 -25.70 41.86
N ASN H 7 -11.15 -26.19 40.64
CA ASN H 7 -10.66 -27.54 40.30
C ASN H 7 -9.31 -27.55 39.57
N ALA H 8 -8.90 -26.40 39.06
CA ALA H 8 -7.70 -26.35 38.22
C ALA H 8 -7.02 -24.98 38.27
N PRO H 9 -5.71 -24.95 38.12
CA PRO H 9 -5.01 -23.66 38.07
C PRO H 9 -5.22 -22.90 36.77
N ILE H 10 -5.13 -21.54 36.85
CA ILE H 10 -4.98 -20.70 35.70
C ILE H 10 -3.56 -20.76 35.19
N MET H 11 -3.36 -21.05 33.90
CA MET H 11 -2.02 -21.00 33.34
C MET H 11 -1.65 -19.54 32.98
N ILE H 12 -0.52 -19.07 33.46
CA ILE H 12 -0.11 -17.65 33.18
C ILE H 12 1.22 -17.81 32.45
N LEU H 13 1.18 -17.53 31.17
CA LEU H 13 2.35 -17.73 30.30
C LEU H 13 2.96 -16.43 29.94
N ASN H 14 4.30 -16.39 29.94
CA ASN H 14 5.05 -15.19 29.67
C ASN H 14 6.09 -15.51 28.58
N GLY H 15 6.10 -14.69 27.55
CA GLY H 15 6.98 -14.78 26.38
C GLY H 15 8.41 -14.31 26.58
N PRO H 16 9.13 -14.25 25.49
CA PRO H 16 10.57 -13.99 25.52
C PRO H 16 10.95 -12.64 26.16
N ASN H 17 12.08 -12.69 26.82
CA ASN H 17 12.70 -11.55 27.50
C ASN H 17 12.07 -11.08 28.77
N LEU H 18 10.90 -11.57 29.11
CA LEU H 18 10.18 -11.12 30.32
C LEU H 18 10.86 -11.56 31.60
N ASN H 19 11.72 -12.57 31.50
CA ASN H 19 12.57 -12.88 32.62
C ASN H 19 13.35 -11.73 33.19
N LEU H 20 13.59 -10.70 32.38
CA LEU H 20 14.41 -9.60 32.76
C LEU H 20 13.61 -8.43 33.20
N LEU H 21 12.29 -8.60 33.34
CA LEU H 21 11.42 -7.47 33.76
C LEU H 21 11.96 -6.88 35.05
N GLY H 22 11.90 -5.57 35.14
CA GLY H 22 12.38 -4.91 36.33
C GLY H 22 13.77 -4.36 36.14
N GLN H 23 14.53 -4.91 35.22
CA GLN H 23 15.95 -4.61 35.16
C GLN H 23 16.29 -3.42 34.21
N ARG H 24 15.31 -2.91 33.48
CA ARG H 24 15.49 -1.72 32.67
C ARG H 24 14.16 -1.09 32.27
N GLN H 25 14.22 0.12 31.73
CA GLN H 25 13.04 0.84 31.26
C GLN H 25 11.87 0.80 32.23
N PRO H 26 12.10 1.19 33.48
CA PRO H 26 11.02 1.17 34.46
C PRO H 26 9.92 2.19 34.12
N GLU H 27 10.24 3.22 33.33
CA GLU H 27 9.22 4.22 32.94
C GLU H 27 8.16 3.57 32.09
N ILE H 28 8.53 2.49 31.41
CA ILE H 28 7.59 1.85 30.49
C ILE H 28 7.00 0.61 31.13
N TYR H 29 7.85 -0.16 31.82
CA TYR H 29 7.43 -1.48 32.30
C TYR H 29 7.34 -1.64 33.80
N GLY H 30 7.80 -0.64 34.53
CA GLY H 30 7.79 -0.68 36.01
C GLY H 30 9.03 -1.37 36.57
N SER H 31 9.17 -1.37 37.90
CA SER H 31 10.37 -1.96 38.50
C SER H 31 10.10 -3.25 39.22
N ASP H 32 8.91 -3.80 39.06
CA ASP H 32 8.62 -5.13 39.56
C ASP H 32 9.35 -6.15 38.68
N THR H 33 9.82 -7.21 39.30
CA THR H 33 10.42 -8.32 38.59
C THR H 33 9.37 -9.28 38.15
N LEU H 34 9.75 -10.26 37.36
CA LEU H 34 8.80 -11.29 37.03
C LEU H 34 8.36 -12.07 38.24
N ALA H 35 9.27 -12.34 39.19
CA ALA H 35 8.88 -13.03 40.44
C ALA H 35 7.84 -12.22 41.20
N ASP H 36 7.97 -10.90 41.18
CA ASP H 36 6.98 -10.03 41.81
C ASP H 36 5.62 -10.14 41.10
N VAL H 37 5.64 -10.18 39.78
CA VAL H 37 4.38 -10.42 39.06
C VAL H 37 3.77 -11.77 39.39
N GLU H 38 4.60 -12.81 39.45
CA GLU H 38 4.08 -14.10 39.86
C GLU H 38 3.37 -13.99 41.20
N ALA H 39 4.00 -13.30 42.14
CA ALA H 39 3.41 -13.18 43.47
C ALA H 39 2.12 -12.44 43.46
N LEU H 40 2.05 -11.39 42.64
CA LEU H 40 0.79 -10.66 42.41
C LEU H 40 -0.32 -11.56 41.87
N CYS H 41 0.02 -12.39 40.89
CA CYS H 41 -0.90 -13.32 40.33
C CYS H 41 -1.46 -14.35 41.30
N VAL H 42 -0.58 -14.86 42.15
CA VAL H 42 -0.97 -15.84 43.12
C VAL H 42 -2.01 -15.20 44.02
N LYS H 43 -1.76 -13.98 44.45
CA LYS H 43 -2.72 -13.35 45.38
C LYS H 43 -4.00 -12.98 44.65
N ALA H 44 -3.89 -12.56 43.40
CA ALA H 44 -5.12 -12.19 42.66
C ALA H 44 -5.97 -13.40 42.46
N ALA H 45 -5.37 -14.55 42.17
CA ALA H 45 -6.14 -15.75 41.99
C ALA H 45 -6.77 -16.26 43.28
N ALA H 46 -6.00 -16.23 44.37
CA ALA H 46 -6.54 -16.61 45.67
C ALA H 46 -7.70 -15.74 46.08
N ALA H 47 -7.67 -14.48 45.71
CA ALA H 47 -8.76 -13.55 46.08
C ALA H 47 -10.04 -13.90 45.39
N HIS H 48 -9.99 -14.88 44.45
CA HIS H 48 -11.16 -15.41 43.71
C HIS H 48 -11.26 -16.87 43.82
N GLY H 49 -10.51 -17.46 44.72
CA GLY H 49 -10.66 -18.89 45.00
C GLY H 49 -9.89 -19.79 44.13
N GLY H 50 -8.91 -19.25 43.41
CA GLY H 50 -8.13 -20.05 42.46
C GLY H 50 -6.63 -20.09 42.75
N THR H 51 -5.90 -20.72 41.82
CA THR H 51 -4.46 -20.80 41.87
C THR H 51 -3.93 -20.60 40.42
N VAL H 52 -2.63 -20.41 40.35
CA VAL H 52 -1.91 -20.20 39.11
C VAL H 52 -0.76 -21.16 38.88
N ASP H 53 -0.47 -21.34 37.61
CA ASP H 53 0.68 -22.04 37.14
C ASP H 53 1.44 -21.05 36.25
N PHE H 54 2.45 -20.46 36.81
CA PHE H 54 3.10 -19.29 36.19
C PHE H 54 4.40 -19.70 35.53
N ARG H 55 4.57 -19.39 34.23
CA ARG H 55 5.71 -19.89 33.48
C ARG H 55 6.24 -18.84 32.54
N GLN H 56 7.50 -18.96 32.16
CA GLN H 56 8.10 -17.99 31.24
C GLN H 56 9.04 -18.78 30.35
N SER H 57 9.05 -18.45 29.05
CA SER H 57 9.97 -19.06 28.13
C SER H 57 10.32 -18.13 27.02
N ASN H 58 11.55 -18.26 26.53
CA ASN H 58 12.01 -17.57 25.36
C ASN H 58 11.75 -18.32 24.06
N HIS H 59 11.19 -19.54 24.15
CA HIS H 59 11.05 -20.43 23.02
C HIS H 59 9.62 -20.53 22.56
N GLU H 60 9.38 -20.21 21.31
CA GLU H 60 8.06 -20.23 20.72
C GLU H 60 7.45 -21.58 20.83
N GLY H 61 8.22 -22.61 20.52
CA GLY H 61 7.68 -23.98 20.57
C GLY H 61 7.29 -24.44 21.98
N GLU H 62 8.03 -23.97 22.95
CA GLU H 62 7.75 -24.35 24.29
C GLU H 62 6.45 -23.76 24.73
N LEU H 63 6.21 -22.51 24.36
CA LEU H 63 4.98 -21.89 24.64
C LEU H 63 3.84 -22.63 24.02
N VAL H 64 4.01 -23.05 22.75
CA VAL H 64 2.99 -23.89 22.10
C VAL H 64 2.72 -25.14 22.94
N ASP H 65 3.79 -25.84 23.37
CA ASP H 65 3.65 -27.07 24.11
C ASP H 65 2.86 -26.80 25.41
N TRP H 66 3.16 -25.65 26.05
CA TRP H 66 2.53 -25.30 27.33
C TRP H 66 1.06 -24.95 27.12
N ILE H 67 0.73 -24.39 25.95
CA ILE H 67 -0.65 -24.11 25.62
C ILE H 67 -1.39 -25.42 25.49
N HIS H 68 -0.76 -26.39 24.84
CA HIS H 68 -1.44 -27.70 24.73
C HIS H 68 -1.70 -28.35 26.09
N GLU H 69 -0.81 -28.11 27.04
CA GLU H 69 -0.98 -28.59 28.42
C GLU H 69 -2.15 -27.92 29.09
N ALA H 70 -2.20 -26.60 28.96
CA ALA H 70 -3.29 -25.87 29.57
C ALA H 70 -4.62 -26.27 28.99
N ARG H 71 -4.68 -26.55 27.69
CA ARG H 71 -5.88 -26.96 27.05
C ARG H 71 -6.56 -28.15 27.76
N LEU H 72 -5.74 -29.05 28.30
CA LEU H 72 -6.28 -30.23 28.98
C LEU H 72 -6.33 -30.08 30.50
N ASN H 73 -5.49 -29.23 31.06
CA ASN H 73 -5.24 -29.29 32.50
C ASN H 73 -5.57 -28.05 33.36
N HIS H 74 -5.92 -26.94 32.71
CA HIS H 74 -6.06 -25.66 33.41
C HIS H 74 -7.39 -24.99 33.13
N CYS H 75 -7.78 -23.97 33.90
CA CYS H 75 -9.11 -23.37 33.73
C CYS H 75 -9.13 -22.16 32.84
N GLY H 76 -7.95 -21.75 32.38
CA GLY H 76 -7.86 -20.58 31.54
C GLY H 76 -6.43 -20.23 31.33
N ILE H 77 -6.20 -19.28 30.42
CA ILE H 77 -4.85 -18.83 30.11
C ILE H 77 -4.83 -17.33 30.14
N VAL H 78 -3.88 -16.77 30.87
CA VAL H 78 -3.50 -15.38 30.80
C VAL H 78 -2.14 -15.42 30.15
N ILE H 79 -1.99 -14.77 29.01
CA ILE H 79 -0.71 -14.80 28.31
C ILE H 79 -0.22 -13.40 27.98
N ASN H 80 1.04 -13.13 28.31
CA ASN H 80 1.78 -11.98 27.72
C ASN H 80 2.78 -12.59 26.72
N PRO H 81 2.44 -12.67 25.44
CA PRO H 81 3.29 -13.39 24.49
C PRO H 81 4.54 -12.64 24.15
N ALA H 82 4.64 -11.41 24.64
CA ALA H 82 5.82 -10.58 24.38
C ALA H 82 6.04 -10.45 22.87
N ALA H 83 7.27 -10.47 22.38
CA ALA H 83 7.54 -10.28 20.97
C ALA H 83 6.74 -11.22 20.09
N TYR H 84 6.47 -12.42 20.58
CA TYR H 84 5.75 -13.37 19.77
C TYR H 84 4.30 -12.95 19.54
N SER H 85 3.82 -11.95 20.27
CA SER H 85 2.50 -11.42 20.03
C SER H 85 2.47 -10.98 18.58
N HIS H 86 3.58 -10.44 18.08
CA HIS H 86 3.64 -9.77 16.79
C HIS H 86 4.03 -10.75 15.64
N THR H 87 4.63 -11.89 15.97
CA THR H 87 5.16 -12.74 14.93
C THR H 87 4.63 -14.16 14.86
N SER H 88 3.97 -14.64 15.92
CA SER H 88 3.66 -16.05 16.06
C SER H 88 2.26 -16.48 15.69
N VAL H 89 2.11 -16.90 14.45
CA VAL H 89 0.93 -17.60 14.02
C VAL H 89 0.78 -18.89 14.78
N ALA H 90 1.92 -19.52 15.12
CA ALA H 90 1.96 -20.83 15.79
C ALA H 90 1.28 -20.77 17.16
N ILE H 91 1.48 -19.68 17.89
CA ILE H 91 0.84 -19.56 19.17
C ILE H 91 -0.61 -19.23 19.02
N LEU H 92 -0.98 -18.42 17.98
CA LEU H 92 -2.38 -18.20 17.69
C LEU H 92 -3.04 -19.52 17.45
N ASP H 93 -2.43 -20.34 16.60
CA ASP H 93 -3.07 -21.61 16.27
C ASP H 93 -3.17 -22.50 17.49
N ALA H 94 -2.18 -22.44 18.38
CA ALA H 94 -2.27 -23.24 19.60
C ALA H 94 -3.43 -22.83 20.45
N LEU H 95 -3.61 -21.51 20.63
CA LEU H 95 -4.72 -21.01 21.43
C LEU H 95 -6.07 -21.30 20.77
N ASN H 96 -6.13 -21.32 19.44
CA ASN H 96 -7.35 -21.73 18.71
C ASN H 96 -7.79 -23.15 19.00
N THR H 97 -6.84 -24.03 19.36
CA THR H 97 -7.20 -25.41 19.72
C THR H 97 -7.89 -25.52 21.10
N CYS H 98 -7.91 -24.42 21.81
CA CYS H 98 -8.39 -24.41 23.16
C CYS H 98 -9.87 -24.08 23.18
N ASP H 99 -10.70 -24.89 22.50
CA ASP H 99 -12.13 -24.59 22.37
C ASP H 99 -12.79 -24.40 23.71
N GLY H 100 -13.48 -23.28 23.86
CA GLY H 100 -14.14 -23.00 25.11
C GLY H 100 -13.32 -22.56 26.31
N LEU H 101 -12.01 -22.45 26.17
CA LEU H 101 -11.17 -22.08 27.29
C LEU H 101 -11.05 -20.56 27.28
N PRO H 102 -11.22 -19.87 28.42
CA PRO H 102 -11.06 -18.42 28.48
C PRO H 102 -9.58 -18.11 28.26
N VAL H 103 -9.30 -17.11 27.41
CA VAL H 103 -7.93 -16.71 27.13
C VAL H 103 -7.90 -15.19 27.22
N VAL H 104 -7.01 -14.62 28.03
CA VAL H 104 -6.82 -13.17 28.09
C VAL H 104 -5.33 -12.85 27.79
N GLU H 105 -5.12 -11.90 26.89
CA GLU H 105 -3.83 -11.44 26.47
C GLU H 105 -3.52 -10.20 27.20
N VAL H 106 -2.27 -10.11 27.66
CA VAL H 106 -1.84 -8.95 28.44
C VAL H 106 -0.54 -8.39 27.91
N HIS H 107 -0.46 -7.06 27.83
CA HIS H 107 0.73 -6.37 27.60
C HIS H 107 0.91 -5.33 28.62
N ILE H 108 2.07 -5.29 29.24
CA ILE H 108 2.36 -4.32 30.31
C ILE H 108 2.36 -2.90 29.75
N SER H 109 3.07 -2.70 28.64
CA SER H 109 3.15 -1.42 27.93
C SER H 109 1.96 -1.26 26.98
N ASN H 110 1.60 -0.01 26.66
CA ASN H 110 0.59 0.23 25.67
C ASN H 110 1.20 0.10 24.29
N ILE H 111 1.11 -1.10 23.71
CA ILE H 111 1.77 -1.33 22.43
C ILE H 111 1.30 -0.38 21.33
N HIS H 112 0.15 0.26 21.50
CA HIS H 112 -0.37 1.14 20.45
C HIS H 112 0.37 2.48 20.50
N GLN H 113 1.22 2.67 21.49
CA GLN H 113 1.97 3.93 21.55
C GLN H 113 3.40 3.72 21.15
N ARG H 114 3.74 2.52 20.72
CA ARG H 114 5.12 2.19 20.47
C ARG H 114 5.33 2.08 18.99
N GLU H 115 6.42 1.41 18.57
CA GLU H 115 6.74 1.28 17.15
C GLU H 115 5.61 0.65 16.35
N PRO H 116 5.38 1.07 15.12
CA PRO H 116 4.28 0.53 14.32
C PRO H 116 4.16 -0.98 14.23
N PHE H 117 5.26 -1.70 14.15
CA PHE H 117 5.19 -3.17 14.13
C PHE H 117 4.67 -3.77 15.43
N ARG H 118 4.78 -3.05 16.54
CA ARG H 118 4.23 -3.54 17.76
C ARG H 118 2.75 -3.40 17.89
N HIS H 119 2.11 -2.65 17.00
CA HIS H 119 0.70 -2.36 17.12
C HIS H 119 -0.20 -3.55 16.88
N HIS H 120 0.30 -4.51 16.11
CA HIS H 120 -0.48 -5.69 15.73
C HIS H 120 -0.07 -6.96 16.52
N SER H 121 -1.07 -7.69 16.93
CA SER H 121 -0.92 -8.99 17.60
C SER H 121 -1.74 -10.10 16.96
N TYR H 122 -1.09 -11.20 16.62
CA TYR H 122 -1.85 -12.39 16.17
C TYR H 122 -2.69 -12.98 17.28
N VAL H 123 -2.20 -12.85 18.51
CA VAL H 123 -2.88 -13.46 19.63
C VAL H 123 -4.22 -12.85 19.86
N SER H 124 -4.32 -11.55 19.63
CA SER H 124 -5.59 -10.89 19.82
C SER H 124 -6.71 -11.38 18.90
N GLN H 125 -6.35 -12.13 17.84
CA GLN H 125 -7.35 -12.71 16.94
C GLN H 125 -8.13 -13.89 17.62
N ARG H 126 -7.58 -14.44 18.71
CA ARG H 126 -8.23 -15.49 19.52
C ARG H 126 -8.51 -15.11 20.96
N ALA H 127 -7.65 -14.29 21.55
CA ALA H 127 -7.88 -14.01 22.93
C ALA H 127 -9.26 -13.40 23.10
N ASP H 128 -9.94 -13.81 24.14
CA ASP H 128 -11.26 -13.30 24.42
C ASP H 128 -11.07 -11.79 24.66
N GLY H 129 -10.14 -11.48 25.53
CA GLY H 129 -9.89 -10.12 25.99
C GLY H 129 -8.43 -9.79 25.85
N VAL H 130 -8.12 -8.50 25.74
CA VAL H 130 -6.76 -8.06 25.56
C VAL H 130 -6.66 -6.82 26.40
N VAL H 131 -5.71 -6.82 27.31
CA VAL H 131 -5.46 -5.71 28.18
C VAL H 131 -4.06 -5.15 27.85
N ALA H 132 -3.90 -3.87 27.62
CA ALA H 132 -2.60 -3.30 27.25
C ALA H 132 -2.36 -2.03 27.98
N GLY H 133 -1.16 -1.82 28.50
CA GLY H 133 -0.84 -0.55 29.12
C GLY H 133 -1.32 -0.34 30.53
N CYS H 134 -1.76 -1.40 31.20
CA CYS H 134 -2.25 -1.27 32.58
C CYS H 134 -1.14 -1.75 33.49
N GLY H 135 0.11 -1.69 33.03
CA GLY H 135 1.17 -2.10 33.93
C GLY H 135 1.07 -3.55 34.29
N VAL H 136 1.79 -3.98 35.32
CA VAL H 136 1.66 -5.37 35.77
C VAL H 136 0.26 -5.59 36.39
N GLN H 137 -0.49 -4.53 36.70
CA GLN H 137 -1.89 -4.72 37.13
C GLN H 137 -2.69 -5.43 36.04
N GLY H 138 -2.25 -5.30 34.81
CA GLY H 138 -2.97 -5.98 33.74
C GLY H 138 -3.09 -7.52 33.95
N TYR H 139 -2.08 -8.14 34.57
CA TYR H 139 -2.12 -9.57 34.87
C TYR H 139 -3.26 -9.87 35.85
N VAL H 140 -3.46 -8.92 36.78
CA VAL H 140 -4.52 -9.02 37.76
C VAL H 140 -5.85 -8.97 37.06
N PHE H 141 -6.06 -8.02 36.14
CA PHE H 141 -7.28 -8.01 35.36
C PHE H 141 -7.42 -9.29 34.61
N GLY H 142 -6.34 -9.79 34.03
CA GLY H 142 -6.47 -11.11 33.36
C GLY H 142 -7.05 -12.18 34.25
N VAL H 143 -6.49 -12.30 35.44
CA VAL H 143 -6.96 -13.25 36.39
C VAL H 143 -8.43 -13.00 36.76
N GLU H 144 -8.79 -11.75 37.03
CA GLU H 144 -10.15 -11.38 37.28
C GLU H 144 -11.09 -11.76 36.15
N ARG H 145 -10.62 -11.64 34.91
CA ARG H 145 -11.48 -11.95 33.79
C ARG H 145 -11.67 -13.46 33.73
N ILE H 146 -10.61 -14.24 33.95
CA ILE H 146 -10.74 -15.69 33.86
C ILE H 146 -11.72 -16.11 34.94
N ALA H 147 -11.55 -15.51 36.12
CA ALA H 147 -12.44 -15.86 37.23
C ALA H 147 -13.85 -15.66 36.87
N ALA H 148 -14.16 -14.53 36.23
CA ALA H 148 -15.52 -14.21 35.80
C ALA H 148 -16.03 -15.20 34.80
N LEU H 149 -15.18 -15.61 33.88
CA LEU H 149 -15.65 -16.46 32.79
C LEU H 149 -15.74 -17.91 33.18
N ALA H 150 -14.88 -18.33 34.10
CA ALA H 150 -14.79 -19.76 34.45
C ALA H 150 -15.72 -20.00 35.59
N GLY H 151 -16.33 -18.92 36.08
CA GLY H 151 -17.46 -18.99 37.02
C GLY H 151 -18.81 -19.08 36.31
N ARG I 3 32.31 -3.72 30.01
CA ARG I 3 33.44 -4.68 29.92
C ARG I 3 34.37 -4.34 28.76
N SER I 4 35.65 -4.62 28.94
CA SER I 4 36.67 -4.42 27.94
C SER I 4 36.91 -5.74 27.25
N LEU I 5 37.64 -5.67 26.14
CA LEU I 5 38.14 -6.85 25.47
C LEU I 5 39.05 -7.64 26.38
N ALA I 6 39.73 -6.94 27.29
CA ALA I 6 40.71 -7.56 28.16
C ALA I 6 40.08 -8.50 29.12
N ASN I 7 38.90 -8.11 29.59
CA ASN I 7 38.25 -8.82 30.66
C ASN I 7 37.22 -9.86 30.25
N ALA I 8 36.78 -9.88 28.99
CA ALA I 8 35.65 -10.71 28.64
C ALA I 8 35.57 -10.88 27.15
N PRO I 9 35.11 -12.03 26.71
CA PRO I 9 35.06 -12.33 25.32
C PRO I 9 33.99 -11.54 24.56
N ILE I 10 34.19 -11.41 23.23
CA ILE I 10 33.15 -10.98 22.31
C ILE I 10 32.29 -12.18 21.99
N MET I 11 30.99 -12.07 22.21
CA MET I 11 30.03 -13.12 21.82
C MET I 11 29.82 -13.00 20.30
N ILE I 12 30.02 -14.06 19.57
CA ILE I 12 29.72 -14.05 18.16
C ILE I 12 28.67 -15.09 17.92
N LEU I 13 27.51 -14.61 17.49
CA LEU I 13 26.34 -15.46 17.33
C LEU I 13 25.87 -15.63 15.90
N ASN I 14 25.55 -16.86 15.53
CA ASN I 14 25.16 -17.23 14.21
C ASN I 14 23.84 -17.94 14.23
N GLY I 15 22.95 -17.50 13.35
CA GLY I 15 21.61 -18.04 13.32
C GLY I 15 21.45 -19.26 12.45
N PRO I 16 20.20 -19.57 12.12
CA PRO I 16 19.92 -20.88 11.51
C PRO I 16 20.54 -21.11 10.16
N ASN I 17 20.94 -22.38 9.90
CA ASN I 17 21.47 -22.85 8.62
C ASN I 17 22.94 -22.52 8.43
N LEU I 18 23.48 -21.59 9.19
CA LEU I 18 24.87 -21.20 9.00
C LEU I 18 25.87 -22.35 9.37
N ASN I 19 25.39 -23.34 10.10
CA ASN I 19 26.18 -24.54 10.26
C ASN I 19 26.57 -25.15 8.94
N LEU I 20 25.85 -24.90 7.84
CA LEU I 20 26.17 -25.53 6.51
C LEU I 20 26.97 -24.63 5.59
N LEU I 21 27.42 -23.51 6.12
CA LEU I 21 28.19 -22.56 5.35
C LEU I 21 29.35 -23.25 4.70
N GLY I 22 29.56 -22.94 3.41
CA GLY I 22 30.65 -23.49 2.65
C GLY I 22 30.21 -24.61 1.76
N GLN I 23 29.05 -25.21 2.04
CA GLN I 23 28.66 -26.40 1.30
C GLN I 23 27.86 -26.13 0.00
N ARG I 24 27.46 -24.88 -0.25
CA ARG I 24 26.75 -24.51 -1.46
C ARG I 24 26.79 -23.00 -1.69
N GLN I 25 26.39 -22.56 -2.89
CA GLN I 25 26.33 -21.14 -3.22
C GLN I 25 27.60 -20.36 -2.92
N PRO I 26 28.75 -20.90 -3.27
CA PRO I 26 29.99 -20.20 -3.00
C PRO I 26 30.11 -18.84 -3.65
N GLU I 27 29.38 -18.60 -4.75
CA GLU I 27 29.39 -17.31 -5.44
C GLU I 27 28.81 -16.22 -4.55
N ILE I 28 27.92 -16.61 -3.66
CA ILE I 28 27.24 -15.70 -2.79
C ILE I 28 27.86 -15.70 -1.40
N TYR I 29 28.21 -16.87 -0.89
CA TYR I 29 28.60 -16.94 0.53
C TYR I 29 30.04 -17.36 0.79
N GLY I 30 30.77 -17.71 -0.27
CA GLY I 30 32.12 -18.12 -0.12
C GLY I 30 32.24 -19.62 0.09
N SER I 31 33.48 -20.11 0.11
CA SER I 31 33.71 -21.53 0.31
C SER I 31 34.24 -21.82 1.68
N ASP I 32 34.42 -20.83 2.54
CA ASP I 32 34.81 -21.09 3.93
C ASP I 32 33.66 -21.71 4.71
N THR I 33 34.00 -22.59 5.64
CA THR I 33 33.02 -23.20 6.54
C THR I 33 32.82 -22.34 7.79
N LEU I 34 31.84 -22.67 8.61
CA LEU I 34 31.65 -21.91 9.79
C LEU I 34 32.84 -22.06 10.72
N ALA I 35 33.48 -23.22 10.68
CA ALA I 35 34.66 -23.41 11.47
C ALA I 35 35.78 -22.46 10.99
N ASP I 36 35.90 -22.24 9.69
CA ASP I 36 36.90 -21.34 9.17
C ASP I 36 36.56 -19.94 9.64
N VAL I 37 35.28 -19.59 9.64
CA VAL I 37 34.87 -18.26 10.14
C VAL I 37 35.24 -18.13 11.62
N GLU I 38 35.00 -19.16 12.41
CA GLU I 38 35.33 -19.07 13.83
C GLU I 38 36.81 -18.80 13.99
N ALA I 39 37.63 -19.48 13.19
CA ALA I 39 39.09 -19.28 13.27
C ALA I 39 39.52 -17.86 12.84
N LEU I 40 38.88 -17.32 11.81
CA LEU I 40 39.09 -15.96 11.42
C LEU I 40 38.76 -14.96 12.54
N CYS I 41 37.65 -15.21 13.26
CA CYS I 41 37.22 -14.34 14.35
C CYS I 41 38.16 -14.41 15.53
N VAL I 42 38.67 -15.59 15.83
CA VAL I 42 39.65 -15.74 16.93
C VAL I 42 40.89 -14.87 16.66
N LYS I 43 41.33 -14.89 15.41
CA LYS I 43 42.56 -14.16 14.94
C LYS I 43 42.26 -12.68 14.94
N ALA I 44 41.12 -12.31 14.37
CA ALA I 44 40.74 -10.91 14.37
C ALA I 44 40.63 -10.35 15.80
N ALA I 45 39.99 -11.06 16.73
CA ALA I 45 39.91 -10.56 18.08
C ALA I 45 41.31 -10.52 18.76
N ALA I 46 42.14 -11.51 18.53
CA ALA I 46 43.49 -11.51 19.14
C ALA I 46 44.34 -10.33 18.59
N ALA I 47 44.05 -9.91 17.35
CA ALA I 47 44.80 -8.82 16.75
C ALA I 47 44.48 -7.54 17.49
N HIS I 48 43.44 -7.59 18.33
CA HIS I 48 43.06 -6.43 19.09
C HIS I 48 42.99 -6.67 20.59
N GLY I 49 43.62 -7.73 21.06
CA GLY I 49 43.75 -7.98 22.45
C GLY I 49 42.54 -8.64 23.07
N GLY I 50 41.75 -9.34 22.26
CA GLY I 50 40.49 -9.89 22.76
C GLY I 50 40.37 -11.33 22.46
N THR I 51 39.26 -11.92 22.90
CA THR I 51 38.91 -13.31 22.69
C THR I 51 37.44 -13.41 22.27
N VAL I 52 37.06 -14.57 21.76
CA VAL I 52 35.68 -14.74 21.27
C VAL I 52 35.02 -15.92 21.90
N ASP I 53 33.69 -15.89 21.89
CA ASP I 53 32.85 -17.00 22.26
C ASP I 53 31.94 -17.16 21.05
N PHE I 54 32.19 -18.15 20.22
CA PHE I 54 31.54 -18.29 18.94
C PHE I 54 30.54 -19.43 18.98
N ARG I 55 29.29 -19.14 18.60
CA ARG I 55 28.18 -20.07 18.76
C ARG I 55 27.27 -20.06 17.54
N GLN I 56 26.57 -21.16 17.30
CA GLN I 56 25.58 -21.23 16.21
C GLN I 56 24.38 -21.99 16.75
N SER I 57 23.17 -21.59 16.36
CA SER I 57 21.96 -22.34 16.66
C SER I 57 20.91 -22.09 15.60
N ASN I 58 20.10 -23.11 15.36
CA ASN I 58 18.88 -22.99 14.55
C ASN I 58 17.62 -22.54 15.33
N HIS I 59 17.75 -22.34 16.65
CA HIS I 59 16.61 -22.08 17.51
C HIS I 59 16.57 -20.65 17.98
N GLU I 60 15.52 -19.94 17.62
CA GLU I 60 15.33 -18.56 18.02
C GLU I 60 15.49 -18.43 19.51
N GLY I 61 14.78 -19.23 20.27
CA GLY I 61 14.80 -19.03 21.72
C GLY I 61 16.16 -19.28 22.32
N GLU I 62 16.96 -20.16 21.68
CA GLU I 62 18.32 -20.37 22.19
C GLU I 62 19.19 -19.13 21.95
N LEU I 63 19.03 -18.51 20.80
CA LEU I 63 19.74 -17.28 20.54
C LEU I 63 19.34 -16.20 21.51
N VAL I 64 18.09 -16.16 21.93
CA VAL I 64 17.67 -15.13 22.91
C VAL I 64 18.37 -15.42 24.26
N ASP I 65 18.40 -16.68 24.63
CA ASP I 65 19.07 -17.15 25.87
C ASP I 65 20.50 -16.71 25.84
N TRP I 66 21.17 -16.95 24.71
CA TRP I 66 22.61 -16.57 24.59
C TRP I 66 22.81 -15.08 24.62
N ILE I 67 21.87 -14.33 24.09
CA ILE I 67 21.97 -12.88 24.20
C ILE I 67 21.88 -12.41 25.62
N HIS I 68 21.00 -13.01 26.38
CA HIS I 68 20.95 -12.71 27.80
C HIS I 68 22.23 -13.06 28.51
N GLU I 69 22.86 -14.14 28.14
CA GLU I 69 24.18 -14.51 28.70
C GLU I 69 25.23 -13.45 28.35
N ALA I 70 25.26 -12.97 27.08
CA ALA I 70 26.24 -11.99 26.68
C ALA I 70 26.05 -10.71 27.45
N ARG I 71 24.79 -10.37 27.68
CA ARG I 71 24.42 -9.13 28.34
C ARG I 71 25.17 -9.05 29.67
N LEU I 72 25.38 -10.17 30.31
CA LEU I 72 26.05 -10.16 31.64
C LEU I 72 27.53 -10.56 31.63
N ASN I 73 27.99 -11.23 30.60
CA ASN I 73 29.28 -11.90 30.66
C ASN I 73 30.29 -11.56 29.54
N HIS I 74 29.84 -10.80 28.54
CA HIS I 74 30.66 -10.54 27.35
C HIS I 74 30.82 -9.07 27.09
N CYS I 75 31.79 -8.68 26.29
CA CYS I 75 32.04 -7.24 26.06
C CYS I 75 31.29 -6.66 24.85
N GLY I 76 30.67 -7.53 24.07
CA GLY I 76 29.89 -7.06 22.89
C GLY I 76 29.36 -8.27 22.16
N ILE I 77 28.56 -8.02 21.10
CA ILE I 77 27.96 -9.07 20.33
C ILE I 77 28.20 -8.74 18.86
N VAL I 78 28.72 -9.70 18.13
CA VAL I 78 28.68 -9.72 16.69
C VAL I 78 27.66 -10.79 16.34
N ILE I 79 26.59 -10.42 15.62
CA ILE I 79 25.53 -11.36 15.29
C ILE I 79 25.19 -11.46 13.78
N ASN I 80 25.28 -12.64 13.25
CA ASN I 80 24.65 -12.92 11.96
C ASN I 80 23.37 -13.71 12.20
N PRO I 81 22.21 -13.03 12.28
CA PRO I 81 20.96 -13.64 12.74
C PRO I 81 20.35 -14.58 11.67
N ALA I 82 20.94 -14.55 10.48
CA ALA I 82 20.49 -15.31 9.33
C ALA I 82 18.98 -15.05 9.12
N ALA I 83 18.20 -16.07 8.86
CA ALA I 83 16.82 -15.82 8.52
C ALA I 83 16.06 -15.07 9.61
N TYR I 84 16.45 -15.20 10.87
CA TYR I 84 15.78 -14.53 12.00
C TYR I 84 15.96 -13.07 11.89
N SER I 85 16.95 -12.61 11.09
CA SER I 85 17.08 -11.13 10.91
C SER I 85 15.77 -10.57 10.42
N HIS I 86 15.12 -11.31 9.55
CA HIS I 86 13.93 -10.81 8.88
C HIS I 86 12.67 -11.08 9.65
N THR I 87 12.72 -12.00 10.61
CA THR I 87 11.48 -12.40 11.33
C THR I 87 11.39 -12.20 12.80
N SER I 88 12.53 -12.02 13.45
CA SER I 88 12.55 -12.11 14.95
C SER I 88 12.54 -10.82 15.71
N VAL I 89 11.34 -10.40 16.10
CA VAL I 89 11.18 -9.33 17.05
C VAL I 89 11.76 -9.79 18.42
N ALA I 90 11.69 -11.07 18.72
CA ALA I 90 12.21 -11.56 20.01
C ALA I 90 13.71 -11.31 20.11
N ILE I 91 14.45 -11.57 19.03
CA ILE I 91 15.92 -11.33 19.07
C ILE I 91 16.19 -9.81 19.18
N LEU I 92 15.42 -9.02 18.45
CA LEU I 92 15.51 -7.57 18.59
C LEU I 92 15.30 -7.17 20.02
N ASP I 93 14.20 -7.62 20.63
CA ASP I 93 13.91 -7.27 22.03
C ASP I 93 14.99 -7.72 23.01
N ALA I 94 15.62 -8.83 22.73
CA ALA I 94 16.74 -9.34 23.52
C ALA I 94 17.94 -8.46 23.44
N LEU I 95 18.30 -8.04 22.23
CA LEU I 95 19.38 -7.07 22.07
C LEU I 95 19.05 -5.76 22.72
N ASN I 96 17.80 -5.35 22.69
CA ASN I 96 17.38 -4.09 23.36
C ASN I 96 17.66 -4.08 24.85
N THR I 97 17.74 -5.26 25.45
CA THR I 97 18.02 -5.42 26.90
C THR I 97 19.47 -5.20 27.21
N CYS I 98 20.32 -5.20 26.18
CA CYS I 98 21.74 -5.10 26.35
C CYS I 98 22.18 -3.66 26.40
N ASP I 99 21.69 -2.93 27.40
CA ASP I 99 21.97 -1.50 27.53
C ASP I 99 23.46 -1.23 27.54
N GLY I 100 23.92 -0.38 26.63
CA GLY I 100 25.29 0.02 26.61
C GLY I 100 26.24 -0.92 25.94
N LEU I 101 25.79 -2.11 25.54
CA LEU I 101 26.66 -3.13 24.93
C LEU I 101 26.79 -2.87 23.44
N PRO I 102 28.00 -2.90 22.91
CA PRO I 102 28.15 -2.75 21.47
C PRO I 102 27.65 -4.01 20.75
N VAL I 103 26.85 -3.78 19.71
CA VAL I 103 26.31 -4.85 18.88
C VAL I 103 26.51 -4.56 17.39
N VAL I 104 27.04 -5.49 16.66
CA VAL I 104 27.23 -5.33 15.22
C VAL I 104 26.57 -6.46 14.55
N GLU I 105 25.66 -6.16 13.60
CA GLU I 105 24.98 -7.21 12.81
C GLU I 105 25.75 -7.42 11.51
N VAL I 106 25.95 -8.70 11.13
CA VAL I 106 26.74 -9.07 9.93
C VAL I 106 25.91 -9.99 9.05
N HIS I 107 25.85 -9.66 7.76
CA HIS I 107 25.32 -10.52 6.70
C HIS I 107 26.41 -10.75 5.69
N ILE I 108 26.71 -12.02 5.43
CA ILE I 108 27.71 -12.32 4.46
C ILE I 108 27.36 -11.84 3.07
N SER I 109 26.13 -12.06 2.66
CA SER I 109 25.61 -11.63 1.38
C SER I 109 25.08 -10.24 1.54
N ASN I 110 24.96 -9.53 0.42
CA ASN I 110 24.38 -8.21 0.44
C ASN I 110 22.87 -8.42 0.28
N ILE I 111 22.17 -8.39 1.39
CA ILE I 111 20.79 -8.72 1.37
C ILE I 111 19.98 -7.76 0.54
N HIS I 112 20.51 -6.57 0.24
CA HIS I 112 19.79 -5.57 -0.55
C HIS I 112 19.69 -5.90 -2.00
N GLN I 113 20.44 -6.94 -2.40
CA GLN I 113 20.47 -7.39 -3.75
C GLN I 113 19.67 -8.62 -3.92
N ARG I 114 19.01 -9.07 -2.87
CA ARG I 114 18.33 -10.36 -2.93
C ARG I 114 16.83 -10.15 -2.95
N GLU I 115 16.07 -11.20 -2.62
CA GLU I 115 14.62 -11.12 -2.57
C GLU I 115 14.14 -10.02 -1.64
N PRO I 116 13.08 -9.34 -2.03
CA PRO I 116 12.52 -8.21 -1.28
C PRO I 116 12.33 -8.46 0.23
N PHE I 117 11.89 -9.62 0.65
CA PHE I 117 11.68 -9.81 2.10
C PHE I 117 13.01 -9.78 2.84
N ARG I 118 14.11 -10.14 2.14
CA ARG I 118 15.41 -10.14 2.77
C ARG I 118 15.95 -8.74 2.95
N HIS I 119 15.28 -7.74 2.42
CA HIS I 119 15.89 -6.44 2.52
C HIS I 119 15.80 -5.86 3.90
N HIS I 120 14.80 -6.28 4.67
CA HIS I 120 14.54 -5.65 5.99
C HIS I 120 14.99 -6.52 7.12
N SER I 121 15.48 -5.91 8.16
CA SER I 121 16.00 -6.61 9.31
C SER I 121 15.50 -5.96 10.60
N TYR I 122 14.79 -6.73 11.43
CA TYR I 122 14.52 -6.24 12.78
C TYR I 122 15.78 -5.97 13.58
N VAL I 123 16.81 -6.78 13.40
CA VAL I 123 18.00 -6.61 14.27
C VAL I 123 18.68 -5.23 14.02
N SER I 124 18.56 -4.73 12.79
CA SER I 124 19.19 -3.49 12.42
C SER I 124 18.65 -2.30 13.20
N GLN I 125 17.46 -2.49 13.79
CA GLN I 125 16.84 -1.40 14.56
C GLN I 125 17.55 -1.24 15.91
N ARG I 126 18.35 -2.21 16.31
CA ARG I 126 19.17 -2.06 17.57
C ARG I 126 20.67 -2.10 17.34
N ALA I 127 21.12 -2.90 16.35
CA ALA I 127 22.54 -3.06 16.13
C ALA I 127 23.13 -1.70 15.94
N ASP I 128 24.24 -1.45 16.58
CA ASP I 128 24.91 -0.18 16.42
C ASP I 128 25.36 -0.03 14.95
N GLY I 129 25.98 -1.07 14.49
CA GLY I 129 26.48 -1.17 13.10
C GLY I 129 25.99 -2.40 12.42
N VAL I 130 25.86 -2.27 11.10
CA VAL I 130 25.35 -3.34 10.27
C VAL I 130 26.28 -3.41 9.10
N VAL I 131 26.78 -4.63 8.82
CA VAL I 131 27.74 -4.85 7.74
C VAL I 131 27.14 -5.92 6.88
N ALA I 132 26.97 -5.67 5.60
CA ALA I 132 26.37 -6.59 4.68
C ALA I 132 27.15 -6.68 3.38
N GLY I 133 27.29 -7.87 2.85
CA GLY I 133 27.89 -8.07 1.52
C GLY I 133 29.43 -8.01 1.51
N CYS I 134 30.08 -8.09 2.66
CA CYS I 134 31.52 -8.07 2.73
C CYS I 134 32.06 -9.47 2.90
N GLY I 135 31.25 -10.48 2.53
CA GLY I 135 31.66 -11.85 2.76
C GLY I 135 31.96 -12.15 4.24
N VAL I 136 32.72 -13.23 4.47
CA VAL I 136 33.05 -13.61 5.85
C VAL I 136 33.95 -12.52 6.48
N GLN I 137 34.61 -11.70 5.69
CA GLN I 137 35.35 -10.53 6.25
C GLN I 137 34.43 -9.59 7.07
N GLY I 138 33.15 -9.59 6.75
CA GLY I 138 32.22 -8.80 7.59
C GLY I 138 32.38 -9.10 9.05
N TYR I 139 32.57 -10.36 9.37
CA TYR I 139 32.69 -10.75 10.79
C TYR I 139 33.95 -10.07 11.39
N VAL I 140 35.02 -9.95 10.58
CA VAL I 140 36.25 -9.30 10.98
C VAL I 140 35.98 -7.87 11.28
N PHE I 141 35.23 -7.21 10.42
CA PHE I 141 34.84 -5.80 10.62
C PHE I 141 33.99 -5.69 11.88
N GLY I 142 33.09 -6.65 12.09
CA GLY I 142 32.36 -6.63 13.34
C GLY I 142 33.19 -6.67 14.60
N VAL I 143 34.18 -7.56 14.64
CA VAL I 143 35.10 -7.61 15.73
C VAL I 143 35.96 -6.36 15.87
N GLU I 144 36.43 -5.82 14.77
CA GLU I 144 37.17 -4.56 14.78
C GLU I 144 36.32 -3.41 15.39
N ARG I 145 35.05 -3.38 15.05
CA ARG I 145 34.19 -2.34 15.54
C ARG I 145 34.00 -2.51 17.03
N ILE I 146 33.72 -3.72 17.45
CA ILE I 146 33.56 -3.97 18.88
C ILE I 146 34.83 -3.60 19.65
N ALA I 147 35.97 -3.92 19.08
CA ALA I 147 37.23 -3.57 19.74
C ALA I 147 37.37 -2.10 19.89
N ALA I 148 36.95 -1.34 18.87
CA ALA I 148 37.06 0.10 18.89
C ALA I 148 36.12 0.65 19.92
N LEU I 149 34.95 0.03 20.08
CA LEU I 149 33.94 0.57 20.98
C LEU I 149 34.17 0.14 22.42
N ALA I 150 34.68 -1.05 22.61
CA ALA I 150 34.84 -1.63 23.96
C ALA I 150 36.14 -1.18 24.57
N GLY I 151 36.71 -0.12 24.00
CA GLY I 151 37.92 0.50 24.52
C GLY I 151 38.08 1.92 23.99
N ARG J 3 8.05 26.99 -34.28
CA ARG J 3 9.18 26.85 -35.23
C ARG J 3 9.03 25.59 -36.06
N SER J 4 9.48 25.67 -37.30
CA SER J 4 9.45 24.54 -38.19
C SER J 4 10.80 23.92 -38.21
N LEU J 5 10.87 22.72 -38.77
CA LEU J 5 12.11 22.03 -38.96
C LEU J 5 13.01 22.87 -39.80
N ALA J 6 12.41 23.64 -40.69
CA ALA J 6 13.14 24.43 -41.68
C ALA J 6 13.89 25.55 -41.02
N ASN J 7 13.32 26.06 -39.97
CA ASN J 7 13.83 27.25 -39.32
C ASN J 7 14.67 27.07 -38.06
N ALA J 8 14.58 25.89 -37.44
CA ALA J 8 15.28 25.69 -36.22
C ALA J 8 15.59 24.23 -35.99
N PRO J 9 16.66 23.95 -35.28
CA PRO J 9 17.01 22.55 -35.01
C PRO J 9 16.06 21.87 -34.04
N ILE J 10 16.06 20.54 -34.09
CA ILE J 10 15.49 19.75 -33.06
C ILE J 10 16.50 19.56 -31.98
N MET J 11 16.12 19.80 -30.73
CA MET J 11 17.04 19.55 -29.64
C MET J 11 16.97 18.09 -29.24
N ILE J 12 18.10 17.43 -29.22
CA ILE J 12 18.14 16.04 -28.78
C ILE J 12 18.96 15.97 -27.49
N LEU J 13 18.29 15.67 -26.37
CA LEU J 13 18.97 15.69 -25.06
C LEU J 13 19.17 14.29 -24.55
N ASN J 14 20.32 14.04 -23.93
CA ASN J 14 20.60 12.78 -23.37
C ASN J 14 21.06 13.01 -21.96
N GLY J 15 20.50 12.26 -21.02
CA GLY J 15 20.87 12.32 -19.65
C GLY J 15 22.04 11.47 -19.22
N PRO J 16 22.09 11.17 -17.93
CA PRO J 16 23.33 10.74 -17.32
C PRO J 16 23.76 9.36 -17.73
N ASN J 17 25.05 9.20 -17.83
CA ASN J 17 25.68 7.94 -18.17
C ASN J 17 25.66 7.54 -19.64
N LEU J 18 24.86 8.22 -20.45
CA LEU J 18 24.71 7.77 -21.84
C LEU J 18 25.97 8.12 -22.62
N ASN J 19 26.83 8.94 -22.04
CA ASN J 19 28.12 9.14 -22.71
C ASN J 19 28.86 7.82 -22.89
N LEU J 20 28.54 6.82 -22.07
CA LEU J 20 29.22 5.54 -22.12
C LEU J 20 28.48 4.48 -22.94
N LEU J 21 27.44 4.91 -23.64
CA LEU J 21 26.71 3.98 -24.49
C LEU J 21 27.64 3.23 -25.48
N GLY J 22 27.41 1.94 -25.64
CA GLY J 22 28.24 1.13 -26.50
C GLY J 22 29.24 0.28 -25.73
N GLN J 23 29.64 0.77 -24.56
CA GLN J 23 30.78 0.16 -23.85
C GLN J 23 30.46 -1.07 -23.01
N ARG J 24 29.18 -1.34 -22.77
CA ARG J 24 28.77 -2.49 -22.00
C ARG J 24 27.31 -2.85 -22.26
N GLN J 25 26.90 -4.01 -21.80
CA GLN J 25 25.52 -4.47 -21.91
C GLN J 25 24.94 -4.28 -23.32
N PRO J 26 25.66 -4.67 -24.36
CA PRO J 26 25.14 -4.55 -25.70
C PRO J 26 23.84 -5.36 -25.97
N GLU J 27 23.56 -6.42 -25.20
CA GLU J 27 22.33 -7.17 -25.38
C GLU J 27 21.13 -6.34 -25.00
N ILE J 28 21.36 -5.28 -24.24
CA ILE J 28 20.25 -4.46 -23.80
C ILE J 28 20.29 -3.15 -24.57
N TYR J 29 21.48 -2.57 -24.71
CA TYR J 29 21.56 -1.21 -25.31
C TYR J 29 22.17 -1.11 -26.69
N GLY J 30 22.70 -2.20 -27.19
CA GLY J 30 23.31 -2.14 -28.48
C GLY J 30 24.75 -1.73 -28.43
N SER J 31 25.47 -1.86 -29.54
CA SER J 31 26.91 -1.57 -29.53
C SER J 31 27.24 -0.24 -30.20
N ASP J 32 26.23 0.54 -30.56
CA ASP J 32 26.48 1.86 -31.08
C ASP J 32 26.92 2.77 -29.95
N THR J 33 27.83 3.70 -30.25
CA THR J 33 28.21 4.72 -29.28
C THR J 33 27.26 5.93 -29.30
N LEU J 34 27.41 6.85 -28.35
CA LEU J 34 26.51 7.99 -28.40
C LEU J 34 26.79 8.83 -29.64
N ALA J 35 28.04 8.82 -30.08
CA ALA J 35 28.41 9.53 -31.32
C ALA J 35 27.72 8.92 -32.55
N ASP J 36 27.63 7.59 -32.61
CA ASP J 36 26.87 6.93 -33.66
C ASP J 36 25.42 7.38 -33.64
N VAL J 37 24.87 7.49 -32.45
CA VAL J 37 23.48 7.88 -32.30
C VAL J 37 23.28 9.31 -32.85
N GLU J 38 24.22 10.18 -32.53
CA GLU J 38 24.11 11.55 -33.01
C GLU J 38 24.10 11.52 -34.53
N ALA J 39 24.95 10.69 -35.11
CA ALA J 39 25.03 10.62 -36.54
C ALA J 39 23.72 10.13 -37.14
N LEU J 40 23.07 9.14 -36.48
CA LEU J 40 21.80 8.58 -36.95
C LEU J 40 20.80 9.69 -36.96
N CYS J 41 20.84 10.51 -35.91
CA CYS J 41 19.83 11.58 -35.74
C CYS J 41 20.01 12.67 -36.76
N VAL J 42 21.26 13.02 -37.05
CA VAL J 42 21.56 13.98 -38.06
C VAL J 42 20.97 13.57 -39.38
N LYS J 43 21.14 12.31 -39.74
CA LYS J 43 20.62 11.80 -41.01
C LYS J 43 19.10 11.72 -41.00
N ALA J 44 18.52 11.30 -39.89
CA ALA J 44 17.09 11.20 -39.80
C ALA J 44 16.48 12.57 -39.96
N ALA J 45 17.07 13.58 -39.27
CA ALA J 45 16.53 14.92 -39.41
C ALA J 45 16.64 15.44 -40.84
N ALA J 46 17.78 15.20 -41.46
CA ALA J 46 18.02 15.61 -42.83
C ALA J 46 17.01 15.01 -43.78
N ALA J 47 16.65 13.75 -43.56
CA ALA J 47 15.73 13.03 -44.41
C ALA J 47 14.39 13.70 -44.37
N HIS J 48 14.21 14.61 -43.40
CA HIS J 48 12.95 15.35 -43.30
C HIS J 48 13.11 16.85 -43.36
N GLY J 49 14.26 17.30 -43.85
CA GLY J 49 14.46 18.70 -44.07
C GLY J 49 14.87 19.46 -42.83
N GLY J 50 15.36 18.75 -41.84
CA GLY J 50 15.70 19.37 -40.53
C GLY J 50 17.14 19.20 -40.13
N THR J 51 17.46 19.74 -38.94
CA THR J 51 18.80 19.62 -38.35
C THR J 51 18.57 19.36 -36.86
N VAL J 52 19.62 18.91 -36.19
CA VAL J 52 19.58 18.60 -34.76
C VAL J 52 20.66 19.36 -34.01
N ASP J 53 20.44 19.46 -32.71
CA ASP J 53 21.34 20.03 -31.73
C ASP J 53 21.41 18.96 -30.63
N PHE J 54 22.44 18.13 -30.67
CA PHE J 54 22.53 16.89 -29.90
C PHE J 54 23.50 17.14 -28.74
N ARG J 55 23.02 16.89 -27.54
CA ARG J 55 23.75 17.18 -26.29
C ARG J 55 23.56 16.07 -25.28
N GLN J 56 24.52 15.93 -24.36
CA GLN J 56 24.47 14.97 -23.26
C GLN J 56 25.04 15.61 -21.99
N SER J 57 24.40 15.34 -20.86
CA SER J 57 24.92 15.83 -19.61
C SER J 57 24.56 14.92 -18.50
N ASN J 58 25.44 14.82 -17.49
CA ASN J 58 25.12 14.07 -16.24
C ASN J 58 24.45 14.90 -15.16
N HIS J 59 24.25 16.18 -15.47
CA HIS J 59 23.74 17.13 -14.49
C HIS J 59 22.31 17.47 -14.72
N GLU J 60 21.46 17.25 -13.70
CA GLU J 60 20.06 17.54 -13.81
C GLU J 60 19.82 19.03 -14.12
N GLY J 61 20.54 19.92 -13.46
CA GLY J 61 20.36 21.35 -13.73
C GLY J 61 20.72 21.85 -15.09
N GLU J 62 21.72 21.23 -15.66
CA GLU J 62 22.13 21.60 -16.96
C GLU J 62 21.06 21.19 -17.98
N LEU J 63 20.50 19.97 -17.83
CA LEU J 63 19.38 19.54 -18.66
C LEU J 63 18.21 20.51 -18.56
N VAL J 64 17.88 20.95 -17.37
CA VAL J 64 16.86 21.97 -17.22
C VAL J 64 17.24 23.24 -18.00
N ASP J 65 18.48 23.73 -17.84
CA ASP J 65 18.95 24.89 -18.54
C ASP J 65 18.78 24.71 -20.03
N TRP J 66 19.17 23.53 -20.54
CA TRP J 66 19.03 23.26 -21.99
C TRP J 66 17.59 23.20 -22.49
N ILE J 67 16.67 22.72 -21.64
CA ILE J 67 15.28 22.67 -22.01
C ILE J 67 14.76 24.12 -22.16
N HIS J 68 15.20 24.99 -21.28
CA HIS J 68 14.81 26.40 -21.39
C HIS J 68 15.37 27.09 -22.64
N GLU J 69 16.53 26.69 -23.06
CA GLU J 69 17.08 27.14 -24.34
C GLU J 69 16.22 26.63 -25.51
N ALA J 70 15.93 25.32 -25.57
CA ALA J 70 15.09 24.77 -26.61
C ALA J 70 13.73 25.42 -26.66
N ARG J 71 13.16 25.70 -25.49
CA ARG J 71 11.86 26.34 -25.42
C ARG J 71 11.86 27.60 -26.28
N LEU J 72 12.97 28.31 -26.31
CA LEU J 72 13.00 29.54 -27.10
C LEU J 72 13.60 29.41 -28.51
N ASN J 73 14.36 28.37 -28.80
CA ASN J 73 15.23 28.39 -29.98
C ASN J 73 15.14 27.17 -30.90
N HIS J 74 14.37 26.14 -30.47
CA HIS J 74 14.33 24.89 -31.20
C HIS J 74 12.90 24.51 -31.59
N CYS J 75 12.74 23.58 -32.49
CA CYS J 75 11.40 23.29 -32.95
C CYS J 75 10.78 22.09 -32.26
N GLY J 76 11.53 21.45 -31.37
CA GLY J 76 10.99 20.27 -30.68
C GLY J 76 12.11 19.71 -29.86
N ILE J 77 11.79 18.75 -28.99
CA ILE J 77 12.78 18.05 -28.14
C ILE J 77 12.60 16.57 -28.28
N VAL J 78 13.68 15.87 -28.50
CA VAL J 78 13.73 14.42 -28.33
C VAL J 78 14.64 14.23 -27.10
N ILE J 79 14.10 13.66 -26.05
CA ILE J 79 14.87 13.49 -24.76
C ILE J 79 14.93 12.01 -24.31
N ASN J 80 16.14 11.50 -24.09
CA ASN J 80 16.38 10.28 -23.29
C ASN J 80 16.91 10.72 -21.92
N PRO J 81 16.04 10.86 -20.95
CA PRO J 81 16.43 11.47 -19.70
C PRO J 81 17.24 10.53 -18.84
N ALA J 82 17.38 9.29 -19.27
CA ALA J 82 18.10 8.29 -18.54
C ALA J 82 17.63 8.23 -17.12
N ALA J 83 18.49 8.09 -16.13
CA ALA J 83 18.00 7.86 -14.76
C ALA J 83 17.02 8.93 -14.31
N TYR J 84 17.22 10.13 -14.85
CA TYR J 84 16.45 11.28 -14.43
C TYR J 84 14.98 11.12 -14.86
N SER J 85 14.73 10.18 -15.79
CA SER J 85 13.35 9.83 -16.11
C SER J 85 12.58 9.54 -14.85
N HIS J 86 13.22 8.82 -13.93
CA HIS J 86 12.53 8.17 -12.81
C HIS J 86 12.56 9.02 -11.56
N THR J 87 13.42 10.04 -11.54
CA THR J 87 13.59 10.85 -10.36
C THR J 87 13.31 12.35 -10.52
N SER J 88 13.37 12.85 -11.71
CA SER J 88 13.42 14.34 -11.91
C SER J 88 12.07 15.01 -12.17
N VAL J 89 11.44 15.50 -11.10
CA VAL J 89 10.38 16.43 -11.28
C VAL J 89 10.80 17.77 -11.88
N ALA J 90 12.04 18.15 -11.63
CA ALA J 90 12.61 19.33 -12.20
C ALA J 90 12.61 19.30 -13.72
N ILE J 91 12.96 18.15 -14.32
CA ILE J 91 12.91 18.09 -15.78
C ILE J 91 11.49 18.06 -16.33
N LEU J 92 10.58 17.39 -15.62
CA LEU J 92 9.17 17.39 -15.98
C LEU J 92 8.67 18.85 -15.96
N ASP J 93 8.95 19.58 -14.90
CA ASP J 93 8.53 20.98 -14.83
C ASP J 93 9.10 21.84 -15.93
N ALA J 94 10.34 21.61 -16.33
CA ALA J 94 10.98 22.36 -17.40
C ALA J 94 10.29 22.05 -18.68
N LEU J 95 10.02 20.75 -18.95
CA LEU J 95 9.29 20.42 -20.17
C LEU J 95 7.89 21.07 -20.16
N ASN J 96 7.27 21.16 -19.00
CA ASN J 96 5.93 21.74 -18.92
C ASN J 96 5.92 23.23 -19.30
N THR J 97 7.06 23.94 -19.21
CA THR J 97 7.09 25.35 -19.65
C THR J 97 7.17 25.49 -21.14
N CYS J 98 7.36 24.38 -21.83
CA CYS J 98 7.50 24.41 -23.26
C CYS J 98 6.12 24.34 -23.94
N ASP J 99 5.26 25.33 -23.67
CA ASP J 99 3.89 25.29 -24.21
C ASP J 99 3.87 25.19 -25.72
N GLY J 100 3.16 24.20 -26.24
CA GLY J 100 3.06 24.02 -27.68
C GLY J 100 4.18 23.26 -28.36
N LEU J 101 5.27 22.97 -27.66
CA LEU J 101 6.45 22.45 -28.31
C LEU J 101 6.33 20.92 -28.29
N PRO J 102 6.59 20.25 -29.42
CA PRO J 102 6.55 18.83 -29.42
C PRO J 102 7.73 18.22 -28.67
N VAL J 103 7.42 17.22 -27.85
CA VAL J 103 8.38 16.50 -27.01
C VAL J 103 8.19 15.00 -27.12
N VAL J 104 9.25 14.29 -27.45
CA VAL J 104 9.16 12.84 -27.47
C VAL J 104 10.23 12.29 -26.58
N GLU J 105 9.85 11.43 -25.65
CA GLU J 105 10.77 10.79 -24.75
C GLU J 105 11.16 9.43 -25.30
N VAL J 106 12.45 9.09 -25.21
CA VAL J 106 13.04 7.91 -25.80
C VAL J 106 13.84 7.15 -24.75
N HIS J 107 13.60 5.84 -24.65
CA HIS J 107 14.38 4.91 -23.87
C HIS J 107 14.84 3.81 -24.80
N ILE J 108 16.14 3.60 -24.84
CA ILE J 108 16.72 2.54 -25.68
C ILE J 108 16.20 1.17 -25.26
N SER J 109 16.21 0.94 -23.95
CA SER J 109 15.73 -0.34 -23.35
C SER J 109 14.23 -0.23 -23.07
N ASN J 110 13.56 -1.37 -22.95
CA ASN J 110 12.15 -1.38 -22.55
C ASN J 110 12.09 -1.41 -21.02
N ILE J 111 11.92 -0.21 -20.45
CA ILE J 111 12.07 -0.07 -19.03
C ILE J 111 11.00 -0.88 -18.31
N HIS J 112 9.94 -1.25 -19.02
CA HIS J 112 8.84 -2.03 -18.42
C HIS J 112 9.27 -3.47 -18.12
N GLN J 113 10.37 -3.91 -18.67
CA GLN J 113 10.91 -5.25 -18.42
C GLN J 113 12.02 -5.22 -17.40
N ARG J 114 12.31 -4.08 -16.84
CA ARG J 114 13.45 -3.95 -15.93
C ARG J 114 12.98 -3.87 -14.50
N GLU J 115 13.84 -3.38 -13.61
CA GLU J 115 13.50 -3.24 -12.21
C GLU J 115 12.24 -2.36 -11.99
N PRO J 116 11.42 -2.68 -11.01
CA PRO J 116 10.24 -1.91 -10.75
C PRO J 116 10.43 -0.39 -10.68
N PHE J 117 11.55 0.08 -10.15
CA PHE J 117 11.68 1.53 -10.04
C PHE J 117 11.86 2.16 -11.42
N ARG J 118 12.28 1.38 -12.38
CA ARG J 118 12.47 1.89 -13.73
C ARG J 118 11.15 1.98 -14.49
N HIS J 119 10.08 1.43 -13.96
CA HIS J 119 8.86 1.39 -14.73
C HIS J 119 8.18 2.75 -14.87
N HIS J 120 8.46 3.62 -13.97
CA HIS J 120 7.80 4.93 -13.98
C HIS J 120 8.70 6.06 -14.40
N SER J 121 8.13 7.00 -15.15
CA SER J 121 8.85 8.12 -15.66
C SER J 121 8.04 9.39 -15.43
N TYR J 122 8.60 10.34 -14.68
CA TYR J 122 7.99 11.67 -14.61
C TYR J 122 7.88 12.35 -15.99
N VAL J 123 8.88 12.16 -16.81
CA VAL J 123 8.85 12.82 -18.09
C VAL J 123 7.67 12.40 -18.93
N SER J 124 7.23 11.13 -18.84
CA SER J 124 6.07 10.69 -19.61
C SER J 124 4.79 11.47 -19.30
N GLN J 125 4.72 12.18 -18.16
CA GLN J 125 3.56 13.02 -17.86
C GLN J 125 3.42 14.24 -18.74
N ARG J 126 4.49 14.62 -19.44
CA ARG J 126 4.45 15.76 -20.33
C ARG J 126 4.80 15.38 -21.75
N ALA J 127 5.68 14.43 -21.93
CA ALA J 127 6.08 14.10 -23.26
C ALA J 127 4.86 13.76 -24.06
N ASP J 128 4.81 14.21 -25.30
CA ASP J 128 3.68 13.94 -26.13
C ASP J 128 3.67 12.46 -26.52
N GLY J 129 4.81 12.02 -27.01
CA GLY J 129 5.04 10.57 -27.29
C GLY J 129 6.11 10.01 -26.40
N VAL J 130 6.05 8.69 -26.14
CA VAL J 130 7.08 7.97 -25.37
C VAL J 130 7.40 6.74 -26.17
N VAL J 131 8.67 6.58 -26.54
CA VAL J 131 9.11 5.39 -27.23
C VAL J 131 10.09 4.60 -26.37
N ALA J 132 9.89 3.29 -26.17
CA ALA J 132 10.78 2.54 -25.30
C ALA J 132 11.07 1.20 -25.90
N GLY J 133 12.30 0.73 -25.74
CA GLY J 133 12.68 -0.58 -26.24
C GLY J 133 12.79 -0.73 -27.72
N CYS J 134 12.89 0.38 -28.46
CA CYS J 134 13.14 0.30 -29.91
C CYS J 134 14.60 0.51 -30.26
N GLY J 135 15.48 0.31 -29.26
CA GLY J 135 16.90 0.53 -29.48
C GLY J 135 17.24 1.95 -29.82
N VAL J 136 18.39 2.15 -30.44
CA VAL J 136 18.67 3.53 -30.82
C VAL J 136 17.77 4.00 -31.98
N GLN J 137 17.10 3.07 -32.66
CA GLN J 137 16.15 3.47 -33.67
C GLN J 137 15.06 4.32 -33.10
N GLY J 138 14.88 4.27 -31.78
CA GLY J 138 13.87 5.06 -31.13
C GLY J 138 14.12 6.52 -31.29
N TYR J 139 15.38 6.89 -31.33
CA TYR J 139 15.70 8.29 -31.56
C TYR J 139 15.24 8.71 -32.96
N VAL J 140 15.35 7.82 -33.91
CA VAL J 140 14.85 8.11 -35.26
C VAL J 140 13.36 8.29 -35.26
N PHE J 141 12.65 7.47 -34.49
CA PHE J 141 11.23 7.67 -34.35
C PHE J 141 10.93 9.02 -33.67
N GLY J 142 11.72 9.36 -32.68
CA GLY J 142 11.51 10.69 -32.10
C GLY J 142 11.59 11.77 -33.13
N VAL J 143 12.65 11.71 -33.92
CA VAL J 143 12.84 12.72 -34.94
C VAL J 143 11.70 12.69 -35.96
N GLU J 144 11.31 11.49 -36.38
CA GLU J 144 10.21 11.42 -37.34
C GLU J 144 8.90 11.98 -36.77
N ARG J 145 8.69 11.79 -35.45
CA ARG J 145 7.48 12.37 -34.83
C ARG J 145 7.52 13.90 -34.78
N ILE J 146 8.64 14.43 -34.35
CA ILE J 146 8.77 15.88 -34.33
C ILE J 146 8.54 16.41 -35.74
N ALA J 147 9.13 15.78 -36.73
CA ALA J 147 8.98 16.22 -38.10
C ALA J 147 7.52 16.25 -38.54
N ALA J 148 6.77 15.26 -38.13
CA ALA J 148 5.33 15.21 -38.40
C ALA J 148 4.58 16.29 -37.64
N LEU J 149 4.95 16.58 -36.42
CA LEU J 149 4.24 17.53 -35.61
C LEU J 149 4.66 18.94 -35.89
N ALA J 150 5.92 19.14 -36.24
CA ALA J 150 6.43 20.51 -36.44
C ALA J 150 6.21 20.93 -37.87
N GLY J 151 5.15 20.40 -38.46
CA GLY J 151 4.69 20.76 -39.81
C GLY J 151 3.21 20.42 -39.99
N ARG K 3 42.62 -3.58 -11.70
CA ARG K 3 43.72 -2.78 -11.10
C ARG K 3 43.96 -3.18 -9.65
N SER K 4 45.22 -3.11 -9.24
CA SER K 4 45.64 -3.44 -7.90
C SER K 4 45.79 -2.16 -7.11
N LEU K 5 45.83 -2.30 -5.79
CA LEU K 5 46.11 -1.19 -4.91
C LEU K 5 47.47 -0.63 -5.19
N ALA K 6 48.39 -1.48 -5.65
CA ALA K 6 49.77 -1.06 -5.91
C ALA K 6 49.81 -0.09 -7.07
N ASN K 7 48.91 -0.29 -8.02
CA ASN K 7 48.98 0.44 -9.28
C ASN K 7 48.02 1.59 -9.43
N ALA K 8 47.02 1.71 -8.57
CA ALA K 8 46.06 2.81 -8.75
C ALA K 8 45.38 3.06 -7.43
N PRO K 9 44.96 4.28 -7.22
CA PRO K 9 44.30 4.71 -6.00
C PRO K 9 42.91 4.14 -5.87
N ILE K 10 42.46 4.07 -4.62
CA ILE K 10 41.08 3.89 -4.28
C ILE K 10 40.37 5.24 -4.30
N MET K 11 39.27 5.32 -5.03
CA MET K 11 38.54 6.54 -5.05
C MET K 11 37.62 6.53 -3.86
N ILE K 12 37.63 7.57 -3.02
CA ILE K 12 36.67 7.65 -1.89
C ILE K 12 35.82 8.86 -2.17
N LEU K 13 34.54 8.61 -2.44
CA LEU K 13 33.60 9.72 -2.78
C LEU K 13 32.59 9.97 -1.70
N ASN K 14 32.36 11.27 -1.39
CA ASN K 14 31.49 11.71 -0.36
C ASN K 14 30.47 12.66 -0.96
N GLY K 15 29.21 12.45 -0.64
CA GLY K 15 28.12 13.19 -1.23
C GLY K 15 27.80 14.44 -0.48
N PRO K 16 26.61 14.96 -0.71
CA PRO K 16 26.24 16.31 -0.20
C PRO K 16 26.25 16.47 1.31
N ASN K 17 26.70 17.65 1.74
CA ASN K 17 26.67 18.07 3.13
C ASN K 17 27.78 17.49 4.00
N LEU K 18 28.46 16.45 3.55
CA LEU K 18 29.56 15.89 4.35
C LEU K 18 30.77 16.78 4.53
N ASN K 19 30.85 17.82 3.75
CA ASN K 19 31.84 18.91 4.02
C ASN K 19 31.74 19.44 5.43
N LEU K 20 30.55 19.38 6.03
CA LEU K 20 30.32 19.96 7.36
C LEU K 20 30.44 18.96 8.46
N LEU K 21 30.84 17.73 8.15
CA LEU K 21 30.98 16.68 9.16
C LEU K 21 31.81 17.21 10.31
N GLY K 22 31.37 16.89 11.51
CA GLY K 22 32.04 17.31 12.74
C GLY K 22 31.45 18.55 13.38
N GLN K 23 30.67 19.33 12.63
CA GLN K 23 30.22 20.63 13.12
C GLN K 23 28.91 20.57 13.88
N ARG K 24 28.26 19.42 13.88
CA ARG K 24 26.98 19.28 14.59
C ARG K 24 26.60 17.81 14.74
N GLN K 25 25.64 17.52 15.60
CA GLN K 25 25.15 16.17 15.82
C GLN K 25 26.25 15.14 16.08
N PRO K 26 27.17 15.42 17.00
CA PRO K 26 28.25 14.48 17.23
C PRO K 26 27.77 13.15 17.82
N GLU K 27 26.61 13.15 18.48
CA GLU K 27 26.09 11.93 19.05
C GLU K 27 25.76 10.94 17.97
N ILE K 28 25.46 11.44 16.77
CA ILE K 28 25.10 10.59 15.66
C ILE K 28 26.30 10.36 14.72
N TYR K 29 27.04 11.43 14.41
CA TYR K 29 28.06 11.35 13.38
C TYR K 29 29.50 11.49 13.88
N GLY K 30 29.70 11.77 15.16
CA GLY K 30 31.07 11.97 15.66
C GLY K 30 31.54 13.42 15.56
N SER K 31 32.73 13.70 16.11
CA SER K 31 33.30 15.04 16.09
C SER K 31 34.49 15.15 15.15
N ASP K 32 34.79 14.08 14.44
CA ASP K 32 35.78 14.12 13.38
C ASP K 32 35.27 14.89 12.22
N THR K 33 36.16 15.62 11.55
CA THR K 33 35.80 16.38 10.37
C THR K 33 35.99 15.55 9.12
N LEU K 34 35.57 16.06 7.99
CA LEU K 34 35.84 15.31 6.79
C LEU K 34 37.32 15.18 6.51
N ALA K 35 38.11 16.16 6.91
CA ALA K 35 39.56 16.06 6.72
C ALA K 35 40.12 14.94 7.59
N ASP K 36 39.59 14.78 8.80
CA ASP K 36 40.02 13.73 9.69
C ASP K 36 39.68 12.40 9.04
N VAL K 37 38.52 12.31 8.40
CA VAL K 37 38.16 11.07 7.67
C VAL K 37 39.15 10.84 6.55
N GLU K 38 39.45 11.85 5.77
CA GLU K 38 40.44 11.65 4.72
C GLU K 38 41.72 11.06 5.28
N ALA K 39 42.18 11.61 6.40
CA ALA K 39 43.44 11.15 7.03
C ALA K 39 43.35 9.71 7.45
N LEU K 40 42.22 9.30 8.00
CA LEU K 40 42.02 7.91 8.31
C LEU K 40 42.12 7.04 7.12
N CYS K 41 41.53 7.48 6.01
CA CYS K 41 41.56 6.68 4.78
C CYS K 41 42.97 6.57 4.19
N VAL K 42 43.71 7.65 4.22
CA VAL K 42 45.08 7.62 3.75
C VAL K 42 45.86 6.58 4.53
N LYS K 43 45.72 6.56 5.84
CA LYS K 43 46.42 5.61 6.71
C LYS K 43 46.04 4.17 6.43
N ALA K 44 44.73 3.93 6.35
CA ALA K 44 44.22 2.59 6.10
C ALA K 44 44.72 2.04 4.78
N ALA K 45 44.71 2.90 3.77
CA ALA K 45 45.16 2.45 2.48
C ALA K 45 46.68 2.16 2.47
N ALA K 46 47.45 3.01 3.12
CA ALA K 46 48.90 2.83 3.23
C ALA K 46 49.22 1.51 3.91
N ALA K 47 48.44 1.16 4.93
CA ALA K 47 48.63 -0.04 5.71
C ALA K 47 48.57 -1.22 4.83
N HIS K 48 47.85 -1.08 3.71
CA HIS K 48 47.67 -2.16 2.75
C HIS K 48 48.43 -1.94 1.49
N GLY K 49 49.30 -0.92 1.48
CA GLY K 49 50.13 -0.70 0.36
C GLY K 49 49.46 0.07 -0.78
N GLY K 50 48.42 0.80 -0.46
CA GLY K 50 47.67 1.55 -1.46
C GLY K 50 47.64 3.02 -1.15
N THR K 51 46.89 3.75 -1.97
CA THR K 51 46.73 5.19 -1.84
C THR K 51 45.25 5.51 -2.12
N VAL K 52 44.84 6.71 -1.75
CA VAL K 52 43.46 7.13 -1.97
C VAL K 52 43.38 8.42 -2.71
N ASP K 53 42.21 8.61 -3.32
CA ASP K 53 41.85 9.85 -4.03
C ASP K 53 40.52 10.19 -3.44
N PHE K 54 40.53 11.12 -2.49
CA PHE K 54 39.42 11.44 -1.64
C PHE K 54 38.77 12.74 -2.13
N ARG K 55 37.46 12.67 -2.37
CA ARG K 55 36.72 13.81 -2.93
C ARG K 55 35.34 13.97 -2.31
N GLN K 56 34.82 15.20 -2.33
CA GLN K 56 33.50 15.44 -1.82
C GLN K 56 32.78 16.43 -2.76
N SER K 57 31.49 16.24 -2.92
CA SER K 57 30.68 17.16 -3.77
C SER K 57 29.24 17.21 -3.35
N ASN K 58 28.60 18.39 -3.48
CA ASN K 58 27.17 18.49 -3.24
C ASN K 58 26.37 18.23 -4.53
N HIS K 59 27.06 17.99 -5.65
CA HIS K 59 26.45 17.92 -6.97
C HIS K 59 26.32 16.50 -7.46
N GLU K 60 25.08 16.06 -7.72
CA GLU K 60 24.85 14.67 -8.19
C GLU K 60 25.64 14.42 -9.47
N GLY K 61 25.56 15.34 -10.40
CA GLY K 61 26.21 15.11 -11.66
C GLY K 61 27.73 15.05 -11.58
N GLU K 62 28.31 15.73 -10.59
CA GLU K 62 29.80 15.76 -10.43
C GLU K 62 30.21 14.39 -9.87
N LEU K 63 29.39 13.89 -8.94
CA LEU K 63 29.65 12.53 -8.44
C LEU K 63 29.56 11.51 -9.56
N VAL K 64 28.64 11.69 -10.47
CA VAL K 64 28.58 10.78 -11.64
C VAL K 64 29.86 10.87 -12.47
N ASP K 65 30.29 12.08 -12.72
CA ASP K 65 31.51 12.30 -13.53
C ASP K 65 32.69 11.60 -12.86
N TRP K 66 32.79 11.75 -11.55
CA TRP K 66 33.86 11.19 -10.80
C TRP K 66 33.81 9.66 -10.82
N ILE K 67 32.64 9.04 -10.81
CA ILE K 67 32.54 7.61 -10.92
C ILE K 67 33.02 7.13 -12.29
N HIS K 68 32.71 7.88 -13.34
CA HIS K 68 33.24 7.56 -14.66
C HIS K 68 34.76 7.64 -14.72
N GLU K 69 35.35 8.57 -13.98
CA GLU K 69 36.79 8.69 -13.86
C GLU K 69 37.39 7.50 -13.13
N ALA K 70 36.75 7.06 -12.03
CA ALA K 70 37.23 5.90 -11.26
C ALA K 70 37.17 4.64 -12.09
N ARG K 71 36.15 4.56 -12.91
CA ARG K 71 35.93 3.36 -13.73
C ARG K 71 37.16 3.07 -14.59
N LEU K 72 37.81 4.14 -14.99
CA LEU K 72 38.98 4.03 -15.84
C LEU K 72 40.30 4.01 -15.11
N ASN K 73 40.39 4.64 -13.93
CA ASN K 73 41.66 5.05 -13.38
C ASN K 73 41.96 4.56 -11.96
N HIS K 74 40.96 3.92 -11.29
CA HIS K 74 41.06 3.59 -9.86
C HIS K 74 40.82 2.12 -9.58
N CYS K 75 41.28 1.62 -8.45
CA CYS K 75 41.13 0.21 -8.19
C CYS K 75 39.81 -0.14 -7.51
N GLY K 76 39.04 0.85 -7.10
CA GLY K 76 37.82 0.60 -6.41
C GLY K 76 37.25 1.89 -5.99
N ILE K 77 36.03 1.82 -5.42
CA ILE K 77 35.34 2.95 -4.93
C ILE K 77 34.81 2.64 -3.59
N VAL K 78 35.06 3.55 -2.65
CA VAL K 78 34.31 3.59 -1.37
C VAL K 78 33.52 4.83 -1.48
N ILE K 79 32.19 4.70 -1.30
CA ILE K 79 31.30 5.86 -1.53
C ILE K 79 30.32 6.02 -0.38
N ASN K 80 30.27 7.23 0.22
CA ASN K 80 29.22 7.63 1.12
C ASN K 80 28.37 8.58 0.31
N PRO K 81 27.27 8.11 -0.27
CA PRO K 81 26.47 8.93 -1.21
C PRO K 81 25.62 10.02 -0.51
N ALA K 82 25.62 10.00 0.82
CA ALA K 82 24.85 10.91 1.62
C ALA K 82 23.36 10.88 1.18
N ALA K 83 22.72 12.03 1.11
CA ALA K 83 21.32 12.08 0.72
C ALA K 83 21.05 11.39 -0.60
N TYR K 84 21.99 11.44 -1.52
CA TYR K 84 21.84 10.86 -2.82
C TYR K 84 21.68 9.35 -2.77
N SER K 85 22.08 8.72 -1.65
CA SER K 85 21.82 7.31 -1.47
C SER K 85 20.33 7.01 -1.70
N HIS K 86 19.48 7.89 -1.17
CA HIS K 86 18.06 7.65 -1.10
C HIS K 86 17.36 8.06 -2.39
N THR K 87 18.00 8.91 -3.21
CA THR K 87 17.30 9.56 -4.30
C THR K 87 17.91 9.28 -5.68
N SER K 88 19.20 8.95 -5.73
CA SER K 88 19.94 8.98 -7.03
C SER K 88 20.04 7.67 -7.75
N VAL K 89 19.12 7.50 -8.68
CA VAL K 89 19.25 6.40 -9.67
C VAL K 89 20.41 6.73 -10.63
N ALA K 90 20.69 7.98 -10.87
CA ALA K 90 21.85 8.29 -11.72
C ALA K 90 23.17 7.79 -11.18
N ILE K 91 23.38 7.84 -9.84
CA ILE K 91 24.62 7.33 -9.26
C ILE K 91 24.63 5.81 -9.27
N LEU K 92 23.49 5.16 -8.99
CA LEU K 92 23.38 3.72 -9.16
C LEU K 92 23.80 3.36 -10.60
N ASP K 93 23.24 4.05 -11.59
CA ASP K 93 23.59 3.73 -12.98
C ASP K 93 25.08 3.92 -13.28
N ALA K 94 25.70 4.95 -12.70
CA ALA K 94 27.11 5.20 -12.88
C ALA K 94 27.91 4.06 -12.32
N LEU K 95 27.56 3.61 -11.14
CA LEU K 95 28.27 2.51 -10.51
C LEU K 95 28.04 1.26 -11.30
N ASN K 96 26.84 1.12 -11.87
CA ASN K 96 26.59 -0.08 -12.70
C ASN K 96 27.51 -0.15 -13.92
N THR K 97 28.03 0.97 -14.38
CA THR K 97 28.99 0.92 -15.53
C THR K 97 30.36 0.49 -15.11
N CYS K 98 30.61 0.38 -13.82
CA CYS K 98 31.92 -0.01 -13.38
C CYS K 98 32.09 -1.53 -13.32
N ASP K 99 32.03 -2.21 -14.47
CA ASP K 99 32.03 -3.69 -14.45
C ASP K 99 33.29 -4.20 -13.80
N GLY K 100 33.13 -5.13 -12.84
CA GLY K 100 34.27 -5.73 -12.15
C GLY K 100 34.95 -4.92 -11.08
N LEU K 101 34.54 -3.68 -10.86
CA LEU K 101 35.25 -2.83 -9.91
C LEU K 101 34.62 -3.01 -8.55
N PRO K 102 35.39 -3.19 -7.50
CA PRO K 102 34.84 -3.32 -6.16
C PRO K 102 34.29 -1.99 -5.73
N VAL K 103 33.11 -2.02 -5.12
CA VAL K 103 32.45 -0.83 -4.61
C VAL K 103 31.94 -1.12 -3.23
N VAL K 104 32.22 -0.26 -2.27
CA VAL K 104 31.66 -0.48 -0.96
C VAL K 104 31.00 0.78 -0.63
N GLU K 105 29.76 0.70 -0.15
CA GLU K 105 28.98 1.85 0.30
C GLU K 105 29.06 2.00 1.81
N VAL K 106 29.20 3.23 2.31
CA VAL K 106 29.39 3.50 3.69
C VAL K 106 28.44 4.61 4.18
N HIS K 107 27.77 4.38 5.32
CA HIS K 107 27.03 5.40 5.98
C HIS K 107 27.56 5.46 7.41
N ILE K 108 27.86 6.66 7.90
CA ILE K 108 28.41 6.82 9.20
C ILE K 108 27.36 6.42 10.26
N SER K 109 26.17 6.92 10.07
CA SER K 109 25.00 6.60 10.91
C SER K 109 24.32 5.31 10.49
N ASN K 110 23.60 4.67 11.41
CA ASN K 110 22.83 3.50 11.05
C ASN K 110 21.49 4.00 10.49
N ILE K 111 21.42 4.06 9.16
CA ILE K 111 20.24 4.62 8.50
C ILE K 111 18.96 3.85 8.85
N HIS K 112 19.11 2.60 9.24
CA HIS K 112 17.92 1.81 9.60
C HIS K 112 17.30 2.22 10.87
N GLN K 113 17.93 3.09 11.66
CA GLN K 113 17.34 3.58 12.92
C GLN K 113 16.77 5.00 12.76
N ARG K 114 16.83 5.51 11.54
CA ARG K 114 16.42 6.88 11.24
C ARG K 114 15.08 6.94 10.54
N GLU K 115 14.75 8.12 10.01
CA GLU K 115 13.47 8.33 9.36
C GLU K 115 13.27 7.28 8.30
N PRO K 116 12.06 6.80 8.09
CA PRO K 116 11.79 5.73 7.13
C PRO K 116 12.31 6.00 5.69
N PHE K 117 12.32 7.26 5.23
CA PHE K 117 12.85 7.52 3.90
C PHE K 117 14.37 7.29 3.82
N ARG K 118 15.04 7.27 4.96
CA ARG K 118 16.49 7.04 4.93
C ARG K 118 16.84 5.57 4.96
N HIS K 119 15.86 4.69 5.14
CA HIS K 119 16.16 3.25 5.19
C HIS K 119 16.59 2.61 3.90
N HIS K 120 16.17 3.19 2.77
CA HIS K 120 16.41 2.59 1.46
C HIS K 120 17.52 3.32 0.69
N SER K 121 18.32 2.54 0.02
CA SER K 121 19.40 3.10 -0.80
C SER K 121 19.48 2.49 -2.18
N TYR K 122 19.48 3.30 -3.21
CA TYR K 122 19.70 2.81 -4.58
C TYR K 122 21.08 2.27 -4.75
N VAL K 123 22.04 2.88 -4.09
CA VAL K 123 23.40 2.48 -4.27
C VAL K 123 23.65 1.06 -3.79
N SER K 124 22.92 0.60 -2.78
CA SER K 124 23.10 -0.73 -2.24
C SER K 124 22.76 -1.84 -3.22
N GLN K 125 22.04 -1.48 -4.29
CA GLN K 125 21.66 -2.41 -5.30
C GLN K 125 22.89 -2.81 -6.15
N ARG K 126 23.90 -1.99 -6.19
CA ARG K 126 25.15 -2.30 -6.91
C ARG K 126 26.38 -2.50 -5.97
N ALA K 127 26.43 -1.80 -4.85
CA ALA K 127 27.58 -1.88 -4.00
C ALA K 127 27.79 -3.29 -3.71
N ASP K 128 29.01 -3.74 -3.76
CA ASP K 128 29.32 -5.10 -3.34
C ASP K 128 29.10 -5.30 -1.84
N GLY K 129 29.52 -4.35 -1.05
CA GLY K 129 29.30 -4.40 0.38
C GLY K 129 28.77 -3.06 0.83
N VAL K 130 27.98 -3.09 1.90
CA VAL K 130 27.35 -1.92 2.50
C VAL K 130 27.63 -1.91 4.03
N VAL K 131 28.21 -0.82 4.53
CA VAL K 131 28.53 -0.70 5.94
C VAL K 131 27.79 0.49 6.47
N ALA K 132 26.97 0.36 7.52
CA ALA K 132 26.24 1.51 8.06
C ALA K 132 26.35 1.49 9.59
N GLY K 133 26.46 2.63 10.20
CA GLY K 133 26.45 2.70 11.64
C GLY K 133 27.75 2.35 12.35
N CYS K 134 28.83 2.19 11.57
CA CYS K 134 30.15 1.97 12.17
C CYS K 134 30.93 3.23 12.28
N GLY K 135 30.25 4.38 12.27
CA GLY K 135 30.98 5.66 12.43
C GLY K 135 31.93 5.89 11.29
N VAL K 136 32.89 6.75 11.48
CA VAL K 136 33.87 6.97 10.47
C VAL K 136 34.79 5.74 10.26
N GLN K 137 34.82 4.83 11.21
CA GLN K 137 35.56 3.61 11.06
C GLN K 137 35.04 2.86 9.88
N GLY K 138 33.77 3.08 9.52
CA GLY K 138 33.22 2.43 8.33
C GLY K 138 34.01 2.63 7.06
N TYR K 139 34.57 3.84 6.91
CA TYR K 139 35.45 4.15 5.77
C TYR K 139 36.66 3.26 5.78
N VAL K 140 37.22 2.97 6.97
CA VAL K 140 38.39 2.08 7.05
C VAL K 140 37.97 0.69 6.67
N PHE K 141 36.80 0.25 7.12
CA PHE K 141 36.34 -1.03 6.62
C PHE K 141 36.16 -1.04 5.10
N GLY K 142 35.65 0.03 4.52
CA GLY K 142 35.57 0.12 3.06
C GLY K 142 36.91 -0.11 2.40
N VAL K 143 37.93 0.62 2.84
CA VAL K 143 39.30 0.45 2.31
C VAL K 143 39.80 -1.00 2.49
N GLU K 144 39.58 -1.54 3.66
CA GLU K 144 40.04 -2.91 3.96
C GLU K 144 39.38 -3.93 3.03
N ARG K 145 38.10 -3.72 2.74
CA ARG K 145 37.41 -4.61 1.79
C ARG K 145 37.93 -4.52 0.39
N ILE K 146 38.09 -3.27 -0.08
CA ILE K 146 38.61 -3.05 -1.41
C ILE K 146 40.01 -3.68 -1.48
N ALA K 147 40.83 -3.50 -0.43
CA ALA K 147 42.17 -4.14 -0.43
C ALA K 147 42.06 -5.65 -0.55
N ALA K 148 41.07 -6.24 0.13
CA ALA K 148 40.92 -7.69 0.02
C ALA K 148 40.45 -8.06 -1.37
N LEU K 149 39.64 -7.23 -1.99
CA LEU K 149 39.07 -7.62 -3.27
C LEU K 149 39.99 -7.28 -4.46
N ALA K 150 40.74 -6.21 -4.32
CA ALA K 150 41.59 -5.75 -5.39
C ALA K 150 42.88 -6.51 -5.36
N GLY K 151 42.94 -7.53 -4.49
CA GLY K 151 44.07 -8.46 -4.43
C GLY K 151 43.66 -9.88 -4.08
N ARG L 3 22.03 35.67 13.90
CA ARG L 3 22.14 37.04 13.34
C ARG L 3 20.77 37.76 13.34
N SER L 4 20.79 39.08 13.39
CA SER L 4 19.59 39.89 13.30
C SER L 4 19.42 40.42 11.89
N LEU L 5 18.22 40.91 11.57
CA LEU L 5 17.99 41.56 10.29
C LEU L 5 18.89 42.72 10.08
N ALA L 6 19.26 43.38 11.17
CA ALA L 6 20.06 44.60 11.09
C ALA L 6 21.46 44.30 10.62
N ASN L 7 21.96 43.11 10.89
CA ASN L 7 23.36 42.83 10.63
C ASN L 7 23.66 41.88 9.47
N ALA L 8 22.64 41.23 8.94
CA ALA L 8 22.86 40.31 7.85
C ALA L 8 21.59 40.17 7.02
N PRO L 9 21.74 39.96 5.71
CA PRO L 9 20.56 39.77 4.84
C PRO L 9 19.84 38.44 5.10
N ILE L 10 18.57 38.42 4.70
CA ILE L 10 17.80 37.18 4.59
C ILE L 10 18.10 36.58 3.24
N MET L 11 18.44 35.28 3.20
CA MET L 11 18.63 34.61 1.94
C MET L 11 17.28 34.17 1.39
N ILE L 12 17.01 34.53 0.14
CA ILE L 12 15.81 34.08 -0.52
C ILE L 12 16.20 33.21 -1.64
N LEU L 13 15.91 31.91 -1.51
CA LEU L 13 16.37 30.95 -2.50
C LEU L 13 15.23 30.42 -3.31
N ASN L 14 15.45 30.37 -4.60
CA ASN L 14 14.45 29.88 -5.55
C ASN L 14 14.99 28.76 -6.40
N GLY L 15 14.25 27.68 -6.51
CA GLY L 15 14.62 26.48 -7.26
C GLY L 15 14.26 26.49 -8.71
N PRO L 16 14.28 25.30 -9.32
CA PRO L 16 14.30 25.17 -10.79
C PRO L 16 13.05 25.71 -11.42
N ASN L 17 13.23 26.30 -12.60
CA ASN L 17 12.21 26.77 -13.47
C ASN L 17 11.60 28.13 -13.06
N LEU L 18 11.84 28.54 -11.84
CA LEU L 18 11.22 29.78 -11.36
C LEU L 18 11.75 31.00 -12.05
N ASN L 19 12.90 30.90 -12.75
CA ASN L 19 13.35 31.97 -13.62
C ASN L 19 12.30 32.37 -14.70
N LEU L 20 11.41 31.44 -15.02
CA LEU L 20 10.34 31.67 -16.04
C LEU L 20 9.00 32.13 -15.47
N LEU L 21 8.98 32.45 -14.18
CA LEU L 21 7.72 32.83 -13.53
C LEU L 21 7.18 33.98 -14.27
N GLY L 22 5.87 33.98 -14.48
CA GLY L 22 5.20 35.06 -15.15
C GLY L 22 4.92 34.78 -16.61
N GLN L 23 5.64 33.83 -17.19
CA GLN L 23 5.56 33.65 -18.64
C GLN L 23 4.45 32.70 -19.07
N ARG L 24 3.81 32.02 -18.12
CA ARG L 24 2.76 31.08 -18.42
C ARG L 24 1.98 30.70 -17.14
N GLN L 25 0.85 30.03 -17.33
CA GLN L 25 -0.03 29.64 -16.23
C GLN L 25 -0.28 30.72 -15.18
N PRO L 26 -0.67 31.91 -15.59
CA PRO L 26 -0.94 32.99 -14.64
C PRO L 26 -2.11 32.68 -13.69
N GLU L 27 -3.02 31.82 -14.12
CA GLU L 27 -4.15 31.45 -13.30
C GLU L 27 -3.66 30.75 -12.05
N ILE L 28 -2.51 30.10 -12.18
CA ILE L 28 -1.95 29.33 -11.08
C ILE L 28 -0.90 30.14 -10.34
N TYR L 29 -0.04 30.85 -11.07
CA TYR L 29 1.16 31.44 -10.46
C TYR L 29 1.24 32.95 -10.51
N GLY L 30 0.30 33.58 -11.19
CA GLY L 30 0.24 35.02 -11.31
C GLY L 30 1.03 35.45 -12.51
N SER L 31 1.06 36.76 -12.75
CA SER L 31 1.69 37.37 -13.92
C SER L 31 2.96 38.13 -13.56
N ASP L 32 3.30 38.13 -12.28
CA ASP L 32 4.57 38.70 -11.80
C ASP L 32 5.76 37.85 -12.22
N THR L 33 6.88 38.49 -12.55
CA THR L 33 8.12 37.75 -12.89
C THR L 33 8.90 37.43 -11.66
N LEU L 34 10.00 36.71 -11.81
CA LEU L 34 10.85 36.48 -10.68
C LEU L 34 11.44 37.80 -10.19
N ALA L 35 11.76 38.69 -11.12
CA ALA L 35 12.28 40.01 -10.76
C ALA L 35 11.27 40.80 -9.98
N ASP L 36 9.99 40.67 -10.31
CA ASP L 36 8.95 41.31 -9.49
C ASP L 36 8.88 40.75 -8.07
N VAL L 37 9.03 39.42 -7.95
CA VAL L 37 9.11 38.79 -6.64
C VAL L 37 10.31 39.32 -5.86
N GLU L 38 11.46 39.46 -6.49
CA GLU L 38 12.60 39.98 -5.81
C GLU L 38 12.26 41.37 -5.25
N ALA L 39 11.62 42.17 -6.05
CA ALA L 39 11.30 43.54 -5.62
C ALA L 39 10.40 43.52 -4.39
N LEU L 40 9.45 42.60 -4.39
CA LEU L 40 8.52 42.45 -3.28
C LEU L 40 9.25 42.11 -2.01
N CYS L 41 10.24 41.22 -2.13
CA CYS L 41 11.05 40.81 -0.96
C CYS L 41 11.93 41.96 -0.46
N VAL L 42 12.52 42.72 -1.36
CA VAL L 42 13.35 43.86 -0.95
C VAL L 42 12.48 44.79 -0.10
N LYS L 43 11.31 45.06 -0.61
CA LYS L 43 10.37 45.99 0.05
C LYS L 43 9.94 45.50 1.41
N ALA L 44 9.52 44.24 1.43
CA ALA L 44 9.09 43.63 2.69
C ALA L 44 10.22 43.59 3.70
N ALA L 45 11.45 43.32 3.29
CA ALA L 45 12.55 43.29 4.25
C ALA L 45 12.82 44.71 4.77
N ALA L 46 12.71 45.68 3.89
CA ALA L 46 13.05 47.03 4.28
C ALA L 46 12.05 47.52 5.29
N ALA L 47 10.82 47.04 5.10
CA ALA L 47 9.72 47.44 5.96
C ALA L 47 10.01 47.03 7.37
N HIS L 48 10.89 46.03 7.53
CA HIS L 48 11.23 45.51 8.86
C HIS L 48 12.68 45.77 9.25
N GLY L 49 13.35 46.61 8.50
CA GLY L 49 14.69 47.03 8.82
C GLY L 49 15.76 46.05 8.37
N GLY L 50 15.49 45.27 7.32
CA GLY L 50 16.46 44.29 6.84
C GLY L 50 16.68 44.35 5.35
N THR L 51 17.44 43.38 4.83
CA THR L 51 17.76 43.32 3.44
C THR L 51 17.66 41.86 3.03
N VAL L 52 17.66 41.66 1.71
CA VAL L 52 17.64 40.29 1.18
C VAL L 52 18.78 40.02 0.20
N ASP L 53 19.06 38.74 -0.01
CA ASP L 53 20.02 38.25 -0.98
C ASP L 53 19.24 37.22 -1.72
N PHE L 54 18.79 37.57 -2.92
CA PHE L 54 17.76 36.85 -3.67
C PHE L 54 18.44 36.10 -4.80
N ARG L 55 18.22 34.80 -4.86
CA ARG L 55 18.95 33.96 -5.81
C ARG L 55 18.05 32.90 -6.44
N GLN L 56 18.35 32.41 -7.65
CA GLN L 56 17.59 31.32 -8.25
C GLN L 56 18.59 30.40 -8.94
N SER L 57 18.33 29.12 -8.90
CA SER L 57 19.11 28.14 -9.61
C SER L 57 18.30 26.89 -9.98
N ASN L 58 18.68 26.32 -11.11
CA ASN L 58 18.12 25.08 -11.55
C ASN L 58 18.89 23.86 -11.06
N HIS L 59 19.98 24.09 -10.34
CA HIS L 59 20.93 23.05 -9.89
C HIS L 59 20.82 22.72 -8.41
N GLU L 60 20.54 21.46 -8.10
CA GLU L 60 20.31 21.04 -6.73
C GLU L 60 21.57 21.32 -5.91
N GLY L 61 22.73 21.00 -6.46
CA GLY L 61 23.94 21.21 -5.70
C GLY L 61 24.29 22.62 -5.42
N GLU L 62 23.93 23.48 -6.35
CA GLU L 62 24.12 24.92 -6.13
C GLU L 62 23.26 25.40 -4.98
N LEU L 63 22.03 24.95 -4.93
CA LEU L 63 21.16 25.30 -3.82
C LEU L 63 21.76 24.87 -2.52
N VAL L 64 22.24 23.63 -2.46
CA VAL L 64 22.97 23.15 -1.28
C VAL L 64 24.13 24.08 -0.90
N ASP L 65 24.99 24.43 -1.84
CA ASP L 65 26.08 25.31 -1.56
C ASP L 65 25.59 26.64 -0.99
N TRP L 66 24.53 27.15 -1.54
CA TRP L 66 24.02 28.49 -1.12
C TRP L 66 23.42 28.41 0.28
N ILE L 67 22.84 27.27 0.67
CA ILE L 67 22.34 27.08 2.01
C ILE L 67 23.53 27.04 3.02
N HIS L 68 24.63 26.35 2.66
CA HIS L 68 25.84 26.37 3.51
C HIS L 68 26.36 27.80 3.72
N GLU L 69 26.23 28.61 2.69
CA GLU L 69 26.60 30.03 2.77
C GLU L 69 25.66 30.83 3.68
N ALA L 70 24.37 30.57 3.56
CA ALA L 70 23.38 31.21 4.43
C ALA L 70 23.64 30.84 5.87
N ARG L 71 24.01 29.59 6.09
CA ARG L 71 24.29 29.08 7.38
C ARG L 71 25.29 29.91 8.14
N LEU L 72 26.26 30.43 7.44
CA LEU L 72 27.31 31.22 8.12
C LEU L 72 27.08 32.70 8.05
N ASN L 73 26.34 33.15 7.04
CA ASN L 73 26.33 34.59 6.68
C ASN L 73 24.99 35.33 6.69
N HIS L 74 23.88 34.64 6.86
CA HIS L 74 22.58 35.28 6.70
C HIS L 74 21.76 35.08 7.96
N CYS L 75 20.71 35.86 8.12
CA CYS L 75 19.89 35.76 9.33
C CYS L 75 18.69 34.79 9.22
N GLY L 76 18.47 34.24 8.03
CA GLY L 76 17.38 33.35 7.86
C GLY L 76 17.27 33.03 6.40
N ILE L 77 16.45 32.01 6.09
CA ILE L 77 16.25 31.57 4.72
C ILE L 77 14.77 31.49 4.37
N VAL L 78 14.35 32.10 3.28
CA VAL L 78 13.07 31.86 2.71
C VAL L 78 13.35 31.10 1.47
N ILE L 79 12.76 29.91 1.32
CA ILE L 79 13.06 29.04 0.18
C ILE L 79 11.81 28.50 -0.52
N ASN L 80 11.75 28.70 -1.82
CA ASN L 80 10.80 28.02 -2.68
C ASN L 80 11.61 27.05 -3.46
N PRO L 81 11.62 25.79 -3.02
CA PRO L 81 12.50 24.81 -3.58
C PRO L 81 11.99 24.28 -4.91
N ALA L 82 10.79 24.70 -5.27
CA ALA L 82 10.14 24.27 -6.52
C ALA L 82 10.18 22.73 -6.58
N ALA L 83 10.49 22.18 -7.76
CA ALA L 83 10.39 20.72 -7.92
C ALA L 83 11.24 19.99 -6.91
N TYR L 84 12.32 20.60 -6.43
CA TYR L 84 13.23 19.91 -5.53
C TYR L 84 12.52 19.74 -4.16
N SER L 85 11.44 20.47 -3.96
CA SER L 85 10.63 20.26 -2.76
C SER L 85 10.29 18.78 -2.63
N HIS L 86 9.92 18.21 -3.73
CA HIS L 86 9.39 16.85 -3.75
C HIS L 86 10.44 15.79 -3.83
N THR L 87 11.62 16.13 -4.32
CA THR L 87 12.64 15.14 -4.58
C THR L 87 13.93 15.20 -3.79
N SER L 88 14.27 16.34 -3.23
CA SER L 88 15.62 16.51 -2.65
C SER L 88 15.74 16.30 -1.17
N VAL L 89 16.27 15.14 -0.80
CA VAL L 89 16.75 14.93 0.51
C VAL L 89 18.03 15.73 0.79
N ALA L 90 18.81 16.04 -0.24
CA ALA L 90 20.03 16.79 -0.07
C ALA L 90 19.74 18.15 0.43
N ILE L 91 18.73 18.80 -0.12
CA ILE L 91 18.35 20.15 0.32
C ILE L 91 17.78 20.12 1.74
N LEU L 92 16.97 19.11 2.06
CA LEU L 92 16.56 18.91 3.46
C LEU L 92 17.76 18.79 4.36
N ASP L 93 18.72 17.94 4.00
CA ASP L 93 19.87 17.76 4.89
C ASP L 93 20.68 19.05 5.03
N ALA L 94 20.81 19.83 3.95
CA ALA L 94 21.46 21.14 3.99
C ALA L 94 20.80 22.08 4.96
N LEU L 95 19.49 22.19 4.93
CA LEU L 95 18.77 23.01 5.91
C LEU L 95 18.93 22.48 7.35
N ASN L 96 18.99 21.16 7.49
CA ASN L 96 19.14 20.56 8.81
C ASN L 96 20.44 21.04 9.43
N THR L 97 21.47 21.36 8.62
CA THR L 97 22.75 21.83 9.19
C THR L 97 22.70 23.28 9.73
N CYS L 98 21.62 23.97 9.43
CA CYS L 98 21.43 25.36 9.82
C CYS L 98 20.81 25.47 11.23
N ASP L 99 21.50 24.91 12.23
CA ASP L 99 20.97 24.89 13.58
C ASP L 99 20.65 26.29 14.04
N GLY L 100 19.45 26.44 14.55
CA GLY L 100 19.05 27.75 15.07
C GLY L 100 18.61 28.76 14.05
N LEU L 101 18.72 28.46 12.76
CA LEU L 101 18.39 29.52 11.76
C LEU L 101 16.96 29.40 11.38
N PRO L 102 16.21 30.51 11.33
CA PRO L 102 14.83 30.45 10.86
C PRO L 102 14.75 30.15 9.35
N VAL L 103 13.89 29.18 8.99
CA VAL L 103 13.67 28.78 7.62
C VAL L 103 12.16 28.76 7.34
N VAL L 104 11.72 29.40 6.28
CA VAL L 104 10.31 29.34 5.85
C VAL L 104 10.27 28.87 4.44
N GLU L 105 9.52 27.80 4.20
CA GLU L 105 9.29 27.32 2.86
C GLU L 105 8.07 28.03 2.20
N VAL L 106 8.18 28.35 0.93
CA VAL L 106 7.11 28.99 0.21
C VAL L 106 6.79 28.27 -1.05
N HIS L 107 5.51 28.03 -1.26
CA HIS L 107 5.03 27.63 -2.59
C HIS L 107 3.95 28.64 -3.06
N ILE L 108 4.13 29.11 -4.27
CA ILE L 108 3.20 30.09 -4.88
C ILE L 108 1.81 29.37 -5.05
N SER L 109 1.83 28.17 -5.64
CA SER L 109 0.63 27.40 -5.83
C SER L 109 0.29 26.62 -4.54
N ASN L 110 -0.97 26.25 -4.40
CA ASN L 110 -1.37 25.37 -3.34
C ASN L 110 -1.11 23.94 -3.79
N ILE L 111 0.07 23.44 -3.46
CA ILE L 111 0.45 22.09 -3.91
C ILE L 111 -0.53 21.00 -3.55
N HIS L 112 -1.31 21.26 -2.53
CA HIS L 112 -2.26 20.28 -2.04
C HIS L 112 -3.41 20.06 -3.00
N GLN L 113 -3.58 20.97 -3.91
CA GLN L 113 -4.63 20.88 -4.90
C GLN L 113 -4.16 20.36 -6.24
N ARG L 114 -2.89 19.97 -6.34
CA ARG L 114 -2.29 19.59 -7.63
C ARG L 114 -2.07 18.07 -7.69
N GLU L 115 -1.18 17.60 -8.57
CA GLU L 115 -0.97 16.15 -8.73
C GLU L 115 -0.47 15.56 -7.41
N PRO L 116 -0.84 14.35 -7.08
CA PRO L 116 -0.42 13.72 -5.85
C PRO L 116 1.05 13.77 -5.51
N PHE L 117 1.94 13.62 -6.48
CA PHE L 117 3.37 13.67 -6.14
C PHE L 117 3.75 15.02 -5.61
N ARG L 118 3.02 16.07 -5.98
CA ARG L 118 3.36 17.42 -5.52
C ARG L 118 2.95 17.64 -4.07
N HIS L 119 2.16 16.76 -3.48
CA HIS L 119 1.63 17.03 -2.18
C HIS L 119 2.65 16.96 -1.09
N HIS L 120 3.73 16.24 -1.28
CA HIS L 120 4.72 16.03 -0.24
C HIS L 120 5.96 16.87 -0.50
N SER L 121 6.54 17.37 0.57
CA SER L 121 7.80 18.12 0.53
C SER L 121 8.77 17.63 1.61
N TYR L 122 9.96 17.24 1.22
CA TYR L 122 11.01 16.95 2.16
C TYR L 122 11.42 18.18 2.97
N VAL L 123 11.28 19.35 2.37
CA VAL L 123 11.78 20.57 2.98
C VAL L 123 10.90 20.89 4.16
N SER L 124 9.62 20.53 4.09
CA SER L 124 8.69 20.81 5.16
C SER L 124 9.07 20.12 6.47
N GLN L 125 9.91 19.09 6.40
CA GLN L 125 10.33 18.38 7.59
C GLN L 125 11.33 19.23 8.43
N ARG L 126 11.94 20.24 7.86
CA ARG L 126 12.84 21.13 8.58
C ARG L 126 12.33 22.54 8.64
N ALA L 127 11.67 23.01 7.61
CA ALA L 127 11.23 24.39 7.62
C ALA L 127 10.39 24.68 8.84
N ASP L 128 10.64 25.80 9.47
CA ASP L 128 9.93 26.18 10.64
C ASP L 128 8.45 26.40 10.23
N GLY L 129 8.25 27.16 9.19
CA GLY L 129 6.93 27.45 8.69
C GLY L 129 6.87 27.12 7.24
N VAL L 130 5.66 26.84 6.76
CA VAL L 130 5.41 26.49 5.38
C VAL L 130 4.19 27.25 4.90
N VAL L 131 4.39 27.95 3.80
CA VAL L 131 3.34 28.80 3.25
C VAL L 131 3.07 28.28 1.83
N ALA L 132 1.82 27.91 1.51
CA ALA L 132 1.49 27.35 0.20
C ALA L 132 0.21 28.05 -0.32
N GLY L 133 0.19 28.48 -1.57
CA GLY L 133 -1.03 28.91 -2.21
C GLY L 133 -1.44 30.32 -1.88
N CYS L 134 -0.52 31.10 -1.37
CA CYS L 134 -0.75 32.51 -1.10
C CYS L 134 -0.17 33.38 -2.23
N GLY L 135 0.07 32.80 -3.40
CA GLY L 135 0.67 33.56 -4.50
C GLY L 135 2.03 34.10 -4.10
N VAL L 136 2.53 35.04 -4.88
CA VAL L 136 3.83 35.62 -4.57
C VAL L 136 3.77 36.38 -3.23
N GLN L 137 2.59 36.70 -2.73
CA GLN L 137 2.54 37.28 -1.37
C GLN L 137 3.11 36.33 -0.34
N GLY L 138 3.18 35.06 -0.65
CA GLY L 138 3.76 34.13 0.33
C GLY L 138 5.20 34.44 0.67
N TYR L 139 5.94 34.95 -0.31
CA TYR L 139 7.29 35.36 -0.05
C TYR L 139 7.34 36.51 0.97
N VAL L 140 6.35 37.38 0.94
CA VAL L 140 6.28 38.46 1.91
C VAL L 140 6.06 37.90 3.30
N PHE L 141 5.16 36.90 3.39
CA PHE L 141 4.90 36.26 4.67
C PHE L 141 6.19 35.60 5.16
N GLY L 142 6.95 34.97 4.27
CA GLY L 142 8.24 34.40 4.63
C GLY L 142 9.14 35.44 5.27
N VAL L 143 9.24 36.59 4.65
CA VAL L 143 10.09 37.64 5.20
C VAL L 143 9.57 38.10 6.53
N GLU L 144 8.26 38.28 6.61
CA GLU L 144 7.63 38.77 7.83
C GLU L 144 7.90 37.80 8.97
N ARG L 145 7.87 36.51 8.66
CA ARG L 145 8.14 35.50 9.70
C ARG L 145 9.60 35.49 10.15
N ILE L 146 10.53 35.58 9.22
CA ILE L 146 11.92 35.68 9.58
C ILE L 146 12.13 36.94 10.41
N ALA L 147 11.55 38.05 10.03
CA ALA L 147 11.74 39.28 10.81
C ALA L 147 11.29 39.07 12.24
N ALA L 148 10.20 38.30 12.41
CA ALA L 148 9.64 38.07 13.72
C ALA L 148 10.53 37.14 14.52
N LEU L 149 11.10 36.15 13.85
CA LEU L 149 11.93 35.19 14.56
C LEU L 149 13.35 35.72 14.80
N ALA L 150 13.90 36.48 13.87
CA ALA L 150 15.26 36.99 14.01
C ALA L 150 15.05 38.27 14.71
N GLY L 151 14.20 38.14 15.72
CA GLY L 151 13.83 39.22 16.65
C GLY L 151 13.70 38.67 18.08
O2 CA2 M . -25.98 -8.25 -9.76
C7 CA2 M . -25.05 -8.56 -8.96
O1 CA2 M . -25.19 -8.56 -7.70
C1 CA2 M . -23.72 -8.88 -9.54
O3 CA2 M . -23.55 -7.91 -10.66
C2 CA2 M . -23.81 -10.38 -9.92
C3 CA2 M . -22.46 -11.06 -10.21
C4 CA2 M . -21.23 -10.58 -9.39
O4 CA2 M . -19.95 -10.92 -10.05
C5 CA2 M . -21.16 -9.10 -9.13
O5 CA2 M . -20.09 -8.97 -8.15
C6 CA2 M . -22.55 -8.67 -8.57
C8 CA2 M . -22.59 -12.60 -10.10
C9 CA2 M . -23.37 -13.19 -11.27
C10 CA2 M . -24.08 -14.51 -10.98
O11 CA2 M . -25.27 -14.22 -10.23
C12 CA2 M . -25.98 -15.32 -9.84
C17 CA2 M . -25.74 -16.48 -10.52
C16 CA2 M . -26.44 -17.62 -10.18
C15 CA2 M . -27.37 -17.54 -9.14
C14 CA2 M . -27.61 -16.37 -8.43
C13 CA2 M . -26.91 -15.24 -8.80
P PO4 N . -14.95 -14.22 -26.09
O1 PO4 N . -15.35 -12.88 -25.51
O2 PO4 N . -15.62 -15.33 -25.44
O3 PO4 N . -13.42 -14.13 -26.04
O4 PO4 N . -15.25 -14.27 -27.55
C TRS O . -10.44 -10.02 -18.43
C1 TRS O . -10.72 -10.83 -17.20
C2 TRS O . -11.01 -8.63 -18.19
C3 TRS O . -8.90 -9.93 -18.76
N TRS O . -11.27 -10.63 -19.53
O1 TRS O . -10.40 -12.21 -17.18
O2 TRS O . -12.44 -8.62 -18.19
O3 TRS O . -8.51 -9.29 -19.99
C1 GOL P . -15.70 2.29 -8.62
O1 GOL P . -16.44 1.27 -8.04
C2 GOL P . -14.77 2.85 -7.60
O2 GOL P . -15.34 4.04 -7.13
C3 GOL P . -14.45 1.92 -6.46
O3 GOL P . -13.09 2.19 -6.15
O2 CA2 Q . -0.35 -24.34 -15.56
C7 CA2 Q . 0.37 -23.36 -15.30
O1 CA2 Q . 1.53 -23.33 -14.80
C1 CA2 Q . -0.23 -22.03 -15.64
O3 CA2 Q . -1.63 -22.04 -15.43
C2 CA2 Q . 0.13 -21.95 -17.09
C3 CA2 Q . -0.30 -20.56 -17.57
C4 CA2 Q . 0.15 -19.43 -16.67
O4 CA2 Q . -0.60 -18.25 -17.04
C5 CA2 Q . -0.18 -19.61 -15.21
O5 CA2 Q . 0.29 -18.35 -14.61
C6 CA2 Q . 0.40 -20.94 -14.73
C8 CA2 Q . 0.26 -20.32 -18.97
C9 CA2 Q . -0.32 -21.37 -19.91
C10 CA2 Q . 0.50 -21.53 -21.17
O11 CA2 Q . 1.25 -22.73 -20.95
C12 CA2 Q . 2.15 -23.10 -21.87
C17 CA2 Q . 1.99 -22.59 -23.16
C16 CA2 Q . 2.91 -22.92 -24.13
C15 CA2 Q . 3.94 -23.78 -23.80
C14 CA2 Q . 4.09 -24.29 -22.54
C13 CA2 Q . 3.19 -23.96 -21.55
C1 GOL R . -5.23 -16.30 -3.60
O1 GOL R . -4.24 -16.52 -4.55
C2 GOL R . -4.51 -15.74 -2.39
O2 GOL R . -3.52 -16.66 -2.02
C3 GOL R . -3.88 -14.39 -2.71
O3 GOL R . -2.49 -14.52 -2.72
O2 CA2 S . -4.40 3.32 -28.42
C7 CA2 S . -4.73 3.74 -27.26
O1 CA2 S . -4.60 4.91 -26.85
C1 CA2 S . -5.40 2.77 -26.37
O3 CA2 S . -4.78 1.50 -26.64
C2 CA2 S . -6.85 2.75 -26.84
C3 CA2 S . -7.84 2.04 -25.92
C4 CA2 S . -7.59 2.37 -24.45
O4 CA2 S . -8.32 1.47 -23.60
C5 CA2 S . -6.17 2.23 -24.04
O5 CA2 S . -6.18 2.59 -22.64
C6 CA2 S . -5.27 3.10 -24.89
C8 CA2 S . -9.24 2.49 -26.34
C9 CA2 S . -9.77 1.78 -27.59
C10 CA2 S . -11.00 2.55 -28.07
O11 CA2 S . -10.47 3.52 -28.93
C12 CA2 S . -11.26 4.46 -29.55
C17 CA2 S . -12.59 4.20 -29.89
C16 CA2 S . -13.34 5.21 -30.52
C15 CA2 S . -12.79 6.41 -30.83
C14 CA2 S . -11.49 6.68 -30.48
C13 CA2 S . -10.73 5.69 -29.85
C1 GOL T . 3.90 -1.98 -17.23
O1 GOL T . 3.34 -0.98 -18.02
C2 GOL T . 4.43 -1.36 -16.00
O2 GOL T . 5.61 -0.76 -16.45
C3 GOL T . 3.51 -0.26 -15.53
O3 GOL T . 4.32 0.72 -14.91
O2 CA2 U . -25.64 13.51 -2.90
C7 CA2 U . -24.45 13.54 -3.28
O1 CA2 U . -24.11 13.41 -4.50
C1 CA2 U . -23.41 13.72 -2.21
O3 CA2 U . -23.81 12.91 -1.12
C2 CA2 U . -23.47 15.21 -1.80
C3 CA2 U . -22.33 15.58 -0.84
C4 CA2 U . -20.96 14.96 -1.17
O4 CA2 U . -20.11 15.11 0.01
C5 CA2 U . -20.99 13.46 -1.39
O5 CA2 U . -19.65 13.00 -1.71
C6 CA2 U . -22.02 13.22 -2.54
C8 CA2 U . -22.23 17.12 -0.93
C9 CA2 U . -23.30 17.76 -0.06
C10 CA2 U . -23.55 19.22 -0.42
O11 CA2 U . -24.12 19.24 -1.71
C12 CA2 U . -24.53 20.35 -2.35
C17 CA2 U . -24.56 21.56 -1.72
C16 CA2 U . -24.97 22.67 -2.42
C15 CA2 U . -25.33 22.58 -3.76
C14 CA2 U . -25.28 21.34 -4.39
C13 CA2 U . -24.86 20.21 -3.68
P PO4 V . -22.17 17.71 16.86
O1 PO4 V . -23.24 18.19 17.75
O2 PO4 V . -22.56 16.42 16.16
O3 PO4 V . -20.89 17.45 17.60
O4 PO4 V . -22.00 18.76 15.83
C1 GOL W . -17.71 2.01 -0.05
O1 GOL W . -18.42 2.37 -1.23
C2 GOL W . -16.94 0.73 -0.32
O2 GOL W . -17.59 0.09 -1.37
C3 GOL W . -15.52 0.97 -0.78
O3 GOL W . -14.75 -0.18 -0.43
O2 CA2 X . -3.05 24.86 14.85
C7 CA2 X . -2.54 23.69 14.86
O1 CA2 X . -1.29 23.47 14.98
C1 CA2 X . -3.51 22.54 14.76
O3 CA2 X . -4.62 23.06 13.91
C2 CA2 X . -3.91 22.36 16.23
C3 CA2 X . -4.70 21.09 16.58
C4 CA2 X . -4.11 19.82 16.00
O4 CA2 X . -5.22 18.90 16.06
C5 CA2 X . -3.77 19.97 14.53
O5 CA2 X . -3.09 18.75 14.12
C6 CA2 X . -2.89 21.23 14.32
C8 CA2 X . -4.93 20.98 18.09
C9 CA2 X . -5.76 22.17 18.64
C10 CA2 X . -5.63 22.29 20.17
O11 CA2 X . -4.37 22.89 20.37
C12 CA2 X . -3.93 23.30 21.60
C17 CA2 X . -4.71 23.16 22.72
C16 CA2 X . -4.22 23.53 23.95
C15 CA2 X . -2.98 24.09 24.09
C14 CA2 X . -2.19 24.25 22.97
C13 CA2 X . -2.65 23.83 21.73
C1 GOL Y . -3.84 17.44 1.93
O1 GOL Y . -2.94 17.91 2.89
C2 GOL Y . -3.00 16.53 1.07
O2 GOL Y . -1.98 17.33 0.57
C3 GOL Y . -2.32 15.41 1.82
O3 GOL Y . -1.04 15.24 1.27
C1 GOL Z . 5.29 16.01 3.31
O1 GOL Z . 5.04 17.38 3.11
C2 GOL Z . 4.43 15.51 4.42
O2 GOL Z . 3.81 16.61 4.96
C3 GOL Z . 3.43 14.48 3.93
O3 GOL Z . 3.49 13.35 4.81
O2 CA2 AA . -17.40 -1.18 22.99
C7 CA2 AA . -17.23 -1.65 21.81
O1 CA2 AA . -17.14 -2.92 21.52
C1 CA2 AA . -17.17 -0.66 20.73
O3 CA2 AA . -16.55 0.59 21.12
C2 CA2 AA . -18.65 -0.51 20.43
C3 CA2 AA . -18.88 0.44 19.28
C4 CA2 AA . -18.10 0.07 18.01
O4 CA2 AA . -18.20 1.15 17.06
C5 CA2 AA . -16.65 -0.15 18.29
O5 CA2 AA . -16.07 -0.54 16.99
C6 CA2 AA . -16.49 -1.17 19.46
C8 CA2 AA . -20.37 0.45 18.91
C9 CA2 AA . -21.21 0.95 20.06
C10 CA2 AA . -22.66 0.60 19.85
O11 CA2 AA . -22.76 -0.62 20.59
C12 CA2 AA . -23.96 -1.30 20.73
C17 CA2 AA . -25.15 -0.65 20.56
C16 CA2 AA . -26.36 -1.37 20.73
C15 CA2 AA . -26.32 -2.72 21.01
C14 CA2 AA . -25.10 -3.39 21.16
C13 CA2 AA . -23.90 -2.67 21.04
C TRS BA . -15.74 12.67 12.06
C1 TRS BA . -16.43 11.37 11.71
C2 TRS BA . -14.57 12.45 12.99
C3 TRS BA . -15.25 13.38 10.81
N TRS BA . -16.79 13.46 12.75
O1 TRS BA . -17.51 11.63 10.78
O2 TRS BA . -14.92 11.72 14.17
O3 TRS BA . -14.86 14.73 11.10
C1 GOL CA . -5.31 1.18 17.51
O1 GOL CA . -5.87 -0.14 17.86
C2 GOL CA . -4.03 1.37 16.65
O2 GOL CA . -2.89 0.74 17.11
C3 GOL CA . -4.02 0.92 15.21
O3 GOL CA . -2.70 1.17 14.73
O2 CA2 DA . -2.64 -27.95 6.97
C7 CA2 DA . -3.24 -26.88 7.08
O1 CA2 DA . -4.33 -26.56 6.56
C1 CA2 DA . -2.43 -25.89 7.79
O3 CA2 DA . -1.09 -26.02 7.44
C2 CA2 DA . -2.57 -26.25 9.23
C3 CA2 DA . -2.01 -25.23 10.15
C4 CA2 DA . -2.27 -23.78 9.72
O4 CA2 DA . -1.56 -22.77 10.51
C5 CA2 DA . -1.98 -23.49 8.26
O5 CA2 DA . -2.50 -22.16 7.99
C6 CA2 DA . -2.80 -24.46 7.47
C8 CA2 DA . -2.76 -25.53 11.47
C9 CA2 DA . -2.11 -26.71 12.20
C10 CA2 DA . -3.05 -27.05 13.35
O11 CA2 DA . -3.98 -27.91 12.72
C12 CA2 DA . -4.99 -28.49 13.44
C17 CA2 DA . -4.84 -28.65 14.77
C16 CA2 DA . -5.87 -29.26 15.50
C15 CA2 DA . -7.02 -29.70 14.86
C14 CA2 DA . -7.17 -29.50 13.50
C13 CA2 DA . -6.15 -28.93 12.80
C1 GOL EA . 2.29 -18.20 -1.06
O1 GOL EA . 1.00 -18.86 -1.13
C2 GOL EA . 2.59 -16.84 -1.78
O2 GOL EA . 2.97 -16.98 -3.12
C3 GOL EA . 1.43 -15.87 -1.79
O3 GOL EA . 1.95 -14.57 -2.02
O2 CA2 FA . 4.20 -6.53 28.03
C7 CA2 FA . 4.55 -5.84 27.02
O1 CA2 FA . 4.51 -4.58 27.00
C1 CA2 FA . 5.08 -6.54 25.84
O3 CA2 FA . 4.34 -7.75 25.69
C2 CA2 FA . 6.53 -6.73 26.24
C3 CA2 FA . 7.45 -7.18 25.08
C4 CA2 FA . 7.26 -6.48 23.74
O4 CA2 FA . 7.83 -7.32 22.68
C5 CA2 FA . 5.82 -6.33 23.35
O5 CA2 FA . 5.84 -5.47 22.19
C6 CA2 FA . 4.97 -5.79 24.53
C8 CA2 FA . 8.92 -6.98 25.53
C9 CA2 FA . 9.37 -8.08 26.51
C10 CA2 FA . 10.56 -7.73 27.38
O11 CA2 FA . 10.14 -6.95 28.46
C12 CA2 FA . 11.05 -6.37 29.31
C17 CA2 FA . 12.26 -6.99 29.52
C16 CA2 FA . 13.20 -6.42 30.34
C15 CA2 FA . 12.93 -5.22 31.01
C14 CA2 FA . 11.70 -4.61 30.83
C13 CA2 FA . 10.76 -5.17 29.94
C TRS GA . 9.04 -16.73 14.05
C1 TRS GA . 7.50 -16.65 14.25
C2 TRS GA . 9.31 -17.07 12.58
C3 TRS GA . 9.68 -15.39 14.48
N TRS GA . 9.56 -17.79 14.95
O1 TRS GA . 7.16 -16.22 15.58
O2 TRS GA . 8.90 -18.42 12.13
O3 TRS GA . 11.10 -15.27 14.13
C1 GOL HA . -3.93 -6.92 15.30
O1 GOL HA . -3.94 -6.74 16.71
C2 GOL HA . -4.64 -5.79 14.54
O2 GOL HA . -5.98 -5.82 15.00
C3 GOL HA . -3.99 -4.47 14.91
O3 GOL HA . -4.54 -3.38 14.21
O2 CA2 IA . 24.69 -13.88 6.14
C7 CA2 IA . 23.80 -13.76 5.26
O1 CA2 IA . 24.05 -13.41 4.10
C1 CA2 IA . 22.41 -14.09 5.67
O3 CA2 IA . 22.33 -13.71 7.06
C2 CA2 IA . 22.34 -15.60 5.46
C3 CA2 IA . 20.98 -16.27 5.74
C4 CA2 IA . 19.85 -15.50 5.05
O4 CA2 IA . 18.58 -15.88 5.65
C5 CA2 IA . 19.90 -14.01 5.23
O5 CA2 IA . 18.87 -13.51 4.33
C6 CA2 IA . 21.30 -13.38 4.96
C8 CA2 IA . 20.94 -17.74 5.29
C9 CA2 IA . 21.82 -18.60 6.20
C10 CA2 IA . 22.28 -19.92 5.56
O11 CA2 IA . 23.52 -19.68 4.91
C12 CA2 IA . 24.22 -20.62 4.21
C17 CA2 IA . 23.94 -21.97 4.32
C16 CA2 IA . 24.67 -22.88 3.58
C15 CA2 IA . 25.68 -22.43 2.75
C14 CA2 IA . 25.92 -21.10 2.63
C13 CA2 IA . 25.20 -20.16 3.37
P PO4 JA . 12.73 -23.45 19.53
O1 PO4 JA . 13.56 -22.39 20.20
O2 PO4 JA . 11.27 -23.14 19.86
O3 PO4 JA . 13.24 -24.71 20.08
O4 PO4 JA . 12.86 -23.64 18.04
C1 GOL KA . 14.82 -3.14 7.34
O1 GOL KA . 16.16 -3.25 7.79
C2 GOL KA . 14.25 -1.73 7.47
O2 GOL KA . 15.20 -0.71 7.34
C3 GOL KA . 13.24 -1.47 6.37
O3 GOL KA . 12.29 -0.53 6.83
O2 CA2 LA . 17.63 4.56 -22.62
C7 CA2 LA . 17.34 3.77 -21.66
O1 CA2 LA . 17.03 2.57 -21.81
C1 CA2 LA . 17.46 4.34 -20.29
O3 CA2 LA . 16.96 5.69 -20.53
C2 CA2 LA . 18.94 4.26 -20.06
C3 CA2 LA . 19.31 4.69 -18.61
C4 CA2 LA . 18.45 4.06 -17.56
O4 CA2 LA . 18.72 4.67 -16.26
C5 CA2 LA . 16.97 4.17 -17.81
O5 CA2 LA . 16.32 3.36 -16.73
C6 CA2 LA . 16.63 3.64 -19.21
C8 CA2 LA . 20.74 4.36 -18.24
C9 CA2 LA . 21.74 5.22 -19.02
C10 CA2 LA . 23.11 4.55 -19.13
O11 CA2 LA . 23.09 3.79 -20.31
C12 CA2 LA . 24.15 3.07 -20.69
C17 CA2 LA . 25.41 3.36 -20.17
C16 CA2 LA . 26.51 2.61 -20.63
C15 CA2 LA . 26.35 1.60 -21.60
C14 CA2 LA . 25.05 1.30 -22.08
C13 CA2 LA . 23.96 2.06 -21.63
C1 GOL MA . 4.97 5.87 -16.18
O1 GOL MA . 5.75 6.92 -15.74
C2 GOL MA . 3.69 6.07 -15.41
O2 GOL MA . 2.60 6.01 -16.29
C3 GOL MA . 3.56 5.02 -14.34
O3 GOL MA . 3.03 5.71 -13.23
O2 CA2 NA . 26.81 8.75 6.29
C7 CA2 NA . 25.61 8.92 6.69
O1 CA2 NA . 25.17 8.55 7.81
C1 CA2 NA . 24.65 9.51 5.69
O3 CA2 NA . 25.11 9.05 4.41
C2 CA2 NA . 24.86 11.01 5.83
C3 CA2 NA . 23.78 11.82 5.10
C4 CA2 NA . 22.38 11.21 5.23
O4 CA2 NA . 21.49 11.83 4.27
C5 CA2 NA . 22.23 9.73 4.96
O5 CA2 NA . 20.84 9.34 5.20
C6 CA2 NA . 23.19 9.04 5.91
C8 CA2 NA . 23.84 13.25 5.66
C9 CA2 NA . 25.14 13.93 5.23
C10 CA2 NA . 25.41 15.18 6.09
O11 CA2 NA . 26.16 14.67 7.19
C12 CA2 NA . 26.58 15.51 8.20
C17 CA2 NA . 26.72 16.87 7.94
C16 CA2 NA . 27.16 17.72 8.98
C15 CA2 NA . 27.40 17.21 10.25
C14 CA2 NA . 27.23 15.87 10.51
C13 CA2 NA . 26.82 15.02 9.47
C1 GOL OA . 17.52 -0.09 0.09
O1 GOL OA . 18.69 -0.33 0.81
C2 GOL OA . 16.74 -1.37 -0.15
O2 GOL OA . 17.34 -2.49 0.41
C3 GOL OA . 15.41 -1.34 0.54
O3 GOL OA . 14.65 -2.40 -0.04
O2 CA2 PA . 5.99 27.62 -5.80
C7 CA2 PA . 5.33 26.68 -6.34
O1 CA2 PA . 4.11 26.69 -6.61
C1 CA2 PA . 6.10 25.47 -6.69
O3 CA2 PA . 7.24 25.40 -5.78
C2 CA2 PA . 6.51 25.78 -8.10
C3 CA2 PA . 7.15 24.60 -8.83
C4 CA2 PA . 6.50 23.23 -8.59
O4 CA2 PA . 7.43 22.18 -8.90
C5 CA2 PA . 6.12 23.01 -7.16
O5 CA2 PA . 5.38 21.79 -7.15
C6 CA2 PA . 5.27 24.17 -6.63
C8 CA2 PA . 7.19 24.93 -10.33
C9 CA2 PA . 8.38 25.80 -10.63
C10 CA2 PA . 8.21 26.63 -11.90
O11 CA2 PA . 7.23 27.60 -11.67
C12 CA2 PA . 6.80 28.31 -12.78
C17 CA2 PA . 7.63 28.51 -13.88
C16 CA2 PA . 7.19 29.23 -14.98
C15 CA2 PA . 5.91 29.73 -15.00
C14 CA2 PA . 5.06 29.54 -13.89
C13 CA2 PA . 5.53 28.84 -12.80
P PO4 QA . 24.14 19.87 -10.61
O1 PO4 QA . 24.92 21.08 -10.27
O2 PO4 QA . 23.44 19.78 -9.27
O3 PO4 QA . 24.95 18.61 -10.77
O4 PO4 QA . 23.03 19.99 -11.62
C TRS RA . 17.26 14.03 -7.60
C1 TRS RA . 16.95 14.49 -6.21
C2 TRS RA . 17.68 12.55 -7.60
C3 TRS RA . 16.00 14.14 -8.46
N TRS RA . 18.33 14.93 -8.13
O1 TRS RA . 16.44 15.79 -6.09
O2 TRS RA . 18.93 12.31 -6.98
O3 TRS RA . 16.34 13.95 -9.84
#